data_6P4K
#
_entry.id   6P4K
#
loop_
_entity.id
_entity.type
_entity.pdbx_description
1 polymer 'Capsid protein'
2 non-polymer 'TAUROCHOLIC ACID'
#
_entity_poly.entity_id   1
_entity_poly.type   'polypeptide(L)'
_entity_poly.pdbx_seq_one_letter_code
;SGQDLVPAAVEQAVPIQPVAGAALAAPAAGQINQIDPWIFQNFVQCPLGEFSISPRNTPGEILFDLALGPGLNPYLAHLS
AMYTGWVGNMEVQLVLAGNAFTAGKVVVALVPPYFPKGSLTTAQITCFPHVMCDVRTLEPIQLPLLDVRRVLWHATQDQE
ESMRLVCMLYTPLRTNSPGDESFVVSGRLLSKPAADFNFVYLTPPIERTIYRMVDLPVIQPRLCTHARWPAPVYGLLVDP
SLPSNPQWQNGRVHVDGTLLGTTPISGSWVSCFAAEAAYEFQSGTGEVATFTLIEQDGSAYVPGDRAAPLGYPDFSGQLE
IEVQTETTKTGDKLKVTTFEMILGPTTNADQAPYQGRVFASVTAAASLDLVDGRVRAVPRSIYGFQDTIPEYNDGLLVPL
APPIGPFLPGEVLLRFRTYMRQIDTADAAAEAIDCALPQEFVSWFASNAFTVQSEALLLRYRNTLTGQLLFECKLYNEGY
IALSYSGSGPLTFPTDGIFEVVSWVPRLYQLASVGS
;
_entity_poly.pdbx_strand_id   A,B,C
#
loop_
_chem_comp.id
_chem_comp.type
_chem_comp.name
_chem_comp.formula
TCH non-polymer 'TAUROCHOLIC ACID' 'C26 H45 N O7 S'
#
# COMPACT_ATOMS: atom_id res chain seq x y z
N GLN A 3 -59.16 26.40 1.70
CA GLN A 3 -58.86 26.20 3.11
C GLN A 3 -58.64 24.71 3.41
N ASP A 4 -57.57 24.40 4.12
CA ASP A 4 -57.17 23.03 4.42
C ASP A 4 -57.10 22.85 5.93
N LEU A 5 -56.80 21.62 6.34
CA LEU A 5 -56.36 21.31 7.69
C LEU A 5 -55.02 20.61 7.59
N VAL A 6 -54.04 21.08 8.33
CA VAL A 6 -52.76 20.39 8.41
C VAL A 6 -52.73 19.60 9.71
N PRO A 7 -53.05 18.31 9.69
CA PRO A 7 -53.08 17.53 10.94
C PRO A 7 -51.76 17.61 11.67
N ALA A 8 -51.84 17.66 12.99
CA ALA A 8 -50.67 17.86 13.82
C ALA A 8 -50.02 16.56 14.26
N ALA A 9 -50.30 15.45 13.58
CA ALA A 9 -49.64 14.20 13.93
C ALA A 9 -49.71 13.23 12.75
N VAL A 10 -48.61 13.16 11.98
CA VAL A 10 -48.34 12.00 11.14
C VAL A 10 -46.90 11.53 11.39
N GLU A 11 -45.94 12.44 11.18
CA GLU A 11 -44.54 12.37 11.64
C GLU A 11 -43.67 11.25 11.05
N GLN A 12 -44.19 10.33 10.23
CA GLN A 12 -43.38 9.18 9.80
C GLN A 12 -43.62 8.87 8.32
N ALA A 13 -43.28 7.64 7.92
CA ALA A 13 -43.36 7.13 6.55
C ALA A 13 -42.38 7.70 5.53
N VAL A 14 -41.11 7.33 5.63
CA VAL A 14 -40.07 7.60 4.63
C VAL A 14 -40.49 7.30 3.20
N PRO A 15 -40.37 8.25 2.27
CA PRO A 15 -40.76 8.01 0.88
C PRO A 15 -39.61 7.57 -0.01
N ILE A 16 -39.97 6.81 -1.03
CA ILE A 16 -39.00 6.22 -1.94
C ILE A 16 -39.41 6.48 -3.37
N GLN A 17 -38.46 6.30 -4.27
CA GLN A 17 -38.70 6.14 -5.68
C GLN A 17 -38.21 4.75 -6.07
N PRO A 18 -39.02 3.93 -6.72
CA PRO A 18 -38.64 2.54 -6.93
C PRO A 18 -37.37 2.41 -7.76
N VAL A 19 -36.40 1.67 -7.24
CA VAL A 19 -35.19 1.37 -7.99
C VAL A 19 -35.41 0.05 -8.72
N ALA A 20 -34.85 -0.04 -9.92
CA ALA A 20 -35.04 -1.22 -10.74
C ALA A 20 -34.15 -2.34 -10.24
N GLY A 21 -34.71 -3.53 -10.19
CA GLY A 21 -33.95 -4.68 -9.76
C GLY A 21 -33.43 -5.42 -10.96
N ALA A 22 -34.02 -6.55 -11.26
CA ALA A 22 -33.57 -7.40 -12.36
C ALA A 22 -33.77 -6.76 -13.72
N ALA A 23 -34.44 -5.62 -13.79
CA ALA A 23 -34.67 -5.01 -15.09
C ALA A 23 -33.40 -4.43 -15.68
N LEU A 24 -32.49 -3.94 -14.84
CA LEU A 24 -31.18 -3.52 -15.32
C LEU A 24 -30.22 -4.69 -15.44
N ALA A 25 -30.26 -5.61 -14.48
CA ALA A 25 -29.33 -6.73 -14.48
C ALA A 25 -29.60 -7.73 -15.58
N ALA A 26 -30.80 -7.75 -16.15
CA ALA A 26 -31.20 -8.89 -16.97
C ALA A 26 -30.36 -9.02 -18.23
N PRO A 27 -30.21 -7.99 -19.07
CA PRO A 27 -29.45 -8.16 -20.31
C PRO A 27 -27.95 -8.28 -20.13
N ALA A 28 -27.45 -8.44 -18.92
CA ALA A 28 -26.02 -8.62 -18.69
C ALA A 28 -25.69 -9.77 -17.79
N ALA A 29 -26.65 -10.35 -17.08
CA ALA A 29 -26.44 -11.55 -16.31
C ALA A 29 -26.77 -12.76 -17.15
N GLY A 30 -26.12 -13.88 -16.86
CA GLY A 30 -26.43 -15.08 -17.59
C GLY A 30 -27.77 -15.64 -17.21
N GLN A 31 -28.14 -15.49 -15.95
CA GLN A 31 -29.37 -16.02 -15.41
C GLN A 31 -29.91 -14.99 -14.43
N ILE A 32 -31.21 -15.05 -14.16
CA ILE A 32 -31.82 -14.24 -13.11
C ILE A 32 -32.69 -15.18 -12.30
N ASN A 33 -32.28 -15.46 -11.08
CA ASN A 33 -32.77 -16.60 -10.33
C ASN A 33 -33.73 -16.14 -9.26
N GLN A 34 -35.00 -16.48 -9.41
CA GLN A 34 -35.98 -16.17 -8.39
C GLN A 34 -35.62 -16.87 -7.08
N ILE A 35 -36.27 -16.44 -6.02
CA ILE A 35 -36.17 -17.10 -4.73
C ILE A 35 -37.59 -17.45 -4.28
N ASP A 36 -37.67 -18.32 -3.30
CA ASP A 36 -38.91 -18.75 -2.69
C ASP A 36 -39.86 -17.58 -2.50
N PRO A 37 -41.12 -17.66 -2.92
CA PRO A 37 -42.03 -16.52 -2.73
C PRO A 37 -42.45 -16.29 -1.29
N TRP A 38 -42.03 -17.14 -0.36
CA TRP A 38 -42.36 -16.98 1.04
C TRP A 38 -41.20 -16.48 1.87
N ILE A 39 -40.06 -16.19 1.26
CA ILE A 39 -38.97 -15.56 1.98
C ILE A 39 -39.25 -14.07 2.12
N PHE A 40 -40.09 -13.53 1.26
CA PHE A 40 -40.54 -12.15 1.29
C PHE A 40 -41.62 -11.91 2.31
N GLN A 41 -42.12 -12.93 3.00
CA GLN A 41 -43.28 -12.74 3.87
C GLN A 41 -42.93 -12.59 5.34
N ASN A 42 -41.73 -12.95 5.76
CA ASN A 42 -41.40 -13.01 7.17
C ASN A 42 -40.17 -12.17 7.44
N PHE A 43 -40.12 -11.59 8.63
CA PHE A 43 -39.00 -10.77 9.11
C PHE A 43 -38.15 -11.64 10.02
N VAL A 44 -37.00 -12.10 9.54
CA VAL A 44 -36.13 -12.96 10.33
C VAL A 44 -34.92 -12.18 10.78
N GLN A 45 -34.35 -12.61 11.89
CA GLN A 45 -33.37 -11.78 12.58
C GLN A 45 -32.03 -11.77 11.87
N CYS A 46 -31.56 -10.57 11.54
CA CYS A 46 -30.27 -10.33 10.94
C CYS A 46 -29.18 -11.04 11.72
N PRO A 47 -28.14 -11.55 11.08
CA PRO A 47 -26.99 -12.06 11.85
C PRO A 47 -26.37 -11.02 12.76
N LEU A 48 -26.20 -9.79 12.30
CA LEU A 48 -25.73 -8.70 13.13
C LEU A 48 -26.85 -8.01 13.87
N GLY A 49 -28.02 -8.64 13.95
CA GLY A 49 -29.15 -8.02 14.60
C GLY A 49 -29.04 -8.01 16.09
N GLU A 50 -28.10 -7.22 16.63
CA GLU A 50 -27.89 -7.13 18.07
C GLU A 50 -27.26 -5.79 18.36
N PHE A 51 -27.81 -5.07 19.32
CA PHE A 51 -27.12 -3.89 19.85
C PHE A 51 -27.76 -3.53 21.17
N SER A 52 -27.12 -2.58 21.86
CA SER A 52 -27.62 -2.15 23.16
C SER A 52 -27.31 -0.68 23.33
N ILE A 53 -28.22 0.03 23.97
CA ILE A 53 -28.09 1.46 24.22
C ILE A 53 -27.99 1.63 25.73
N SER A 54 -26.83 1.97 26.21
CA SER A 54 -26.59 2.17 27.63
C SER A 54 -26.72 3.64 27.99
N PRO A 55 -26.91 3.98 29.27
CA PRO A 55 -26.95 5.39 29.65
C PRO A 55 -25.60 6.06 29.64
N ARG A 56 -24.53 5.37 29.33
CA ARG A 56 -23.21 5.98 29.23
C ARG A 56 -22.78 6.21 27.79
N ASN A 57 -23.72 6.19 26.87
CA ASN A 57 -23.45 6.51 25.47
C ASN A 57 -23.72 7.98 25.23
N THR A 58 -22.86 8.59 24.58
CA THR A 58 -23.08 10.00 24.34
C THR A 58 -23.79 10.21 23.02
N PRO A 59 -24.57 11.27 22.87
CA PRO A 59 -25.25 11.51 21.60
C PRO A 59 -24.25 11.69 20.48
N GLY A 60 -24.50 11.02 19.36
CA GLY A 60 -23.56 10.93 18.28
C GLY A 60 -23.05 9.51 18.05
N GLU A 61 -22.98 8.71 19.11
CA GLU A 61 -22.51 7.34 18.98
C GLU A 61 -23.33 6.60 17.93
N ILE A 62 -22.65 5.80 17.13
CA ILE A 62 -23.28 5.01 16.08
C ILE A 62 -23.50 3.62 16.66
N LEU A 63 -24.76 3.33 17.00
CA LEU A 63 -25.10 2.08 17.66
C LEU A 63 -24.96 0.88 16.75
N PHE A 64 -25.26 1.04 15.46
CA PHE A 64 -24.99 -0.02 14.50
C PHE A 64 -24.89 0.59 13.11
N ASP A 65 -24.32 -0.20 12.20
CA ASP A 65 -24.06 0.25 10.83
C ASP A 65 -24.07 -0.98 9.95
N LEU A 66 -25.20 -1.26 9.33
CA LEU A 66 -25.39 -2.44 8.51
C LEU A 66 -24.96 -2.13 7.09
N ALA A 67 -25.32 -2.99 6.14
CA ALA A 67 -25.06 -2.73 4.73
C ALA A 67 -25.93 -3.66 3.92
N LEU A 68 -26.65 -3.11 2.95
CA LEU A 68 -27.53 -3.91 2.11
C LEU A 68 -26.77 -5.02 1.45
N GLY A 69 -27.07 -6.26 1.81
CA GLY A 69 -26.49 -7.41 1.20
C GLY A 69 -27.44 -8.56 1.35
N PRO A 70 -27.01 -9.78 1.01
CA PRO A 70 -27.74 -10.97 1.46
C PRO A 70 -27.22 -11.55 2.75
N GLY A 71 -26.36 -10.84 3.46
CA GLY A 71 -25.90 -11.28 4.76
C GLY A 71 -26.72 -10.61 5.82
N LEU A 72 -27.91 -10.13 5.45
CA LEU A 72 -28.85 -9.53 6.38
C LEU A 72 -30.05 -10.43 6.63
N ASN A 73 -30.03 -11.64 6.16
CA ASN A 73 -31.18 -12.50 6.30
C ASN A 73 -30.64 -13.93 6.29
N PRO A 74 -30.86 -14.71 7.35
CA PRO A 74 -30.30 -16.06 7.40
C PRO A 74 -30.77 -16.97 6.28
N TYR A 75 -31.80 -16.62 5.53
CA TYR A 75 -32.15 -17.40 4.35
C TYR A 75 -31.36 -16.98 3.13
N LEU A 76 -31.12 -15.68 2.95
CA LEU A 76 -30.33 -15.24 1.82
C LEU A 76 -28.85 -15.46 2.04
N ALA A 77 -28.41 -15.47 3.28
CA ALA A 77 -27.03 -15.86 3.56
C ALA A 77 -26.80 -17.34 3.28
N HIS A 78 -27.85 -18.15 3.36
CA HIS A 78 -27.73 -19.57 2.98
C HIS A 78 -27.81 -19.74 1.48
N LEU A 79 -28.90 -19.28 0.88
CA LEU A 79 -29.04 -19.32 -0.57
C LEU A 79 -27.91 -18.67 -1.31
N SER A 80 -27.18 -17.75 -0.69
CA SER A 80 -26.14 -17.08 -1.44
C SER A 80 -24.89 -17.86 -1.53
N ALA A 81 -24.93 -19.16 -1.27
CA ALA A 81 -23.81 -20.03 -1.55
C ALA A 81 -23.95 -20.75 -2.87
N MET A 82 -25.15 -20.83 -3.41
CA MET A 82 -25.34 -21.41 -4.72
C MET A 82 -25.16 -20.40 -5.83
N TYR A 83 -25.36 -19.12 -5.56
CA TYR A 83 -25.39 -18.09 -6.59
C TYR A 83 -24.18 -17.19 -6.50
N THR A 84 -23.87 -16.50 -7.60
CA THR A 84 -22.63 -15.74 -7.66
C THR A 84 -22.82 -14.25 -7.44
N GLY A 85 -24.04 -13.74 -7.53
CA GLY A 85 -24.26 -12.35 -7.25
C GLY A 85 -25.74 -12.09 -7.12
N TRP A 86 -26.06 -10.97 -6.48
CA TRP A 86 -27.42 -10.60 -6.16
C TRP A 86 -27.73 -9.23 -6.73
N VAL A 87 -29.01 -8.87 -6.71
CA VAL A 87 -29.45 -7.50 -6.99
C VAL A 87 -30.86 -7.35 -6.47
N GLY A 88 -31.14 -6.30 -5.71
CA GLY A 88 -32.50 -6.05 -5.28
C GLY A 88 -32.55 -5.33 -3.95
N ASN A 89 -33.76 -4.93 -3.59
CA ASN A 89 -34.00 -4.14 -2.39
C ASN A 89 -34.18 -5.05 -1.19
N MET A 90 -34.30 -4.45 -0.02
CA MET A 90 -34.61 -5.18 1.20
C MET A 90 -35.46 -4.31 2.09
N GLU A 91 -35.83 -4.85 3.23
CA GLU A 91 -36.68 -4.13 4.15
C GLU A 91 -36.30 -4.55 5.56
N VAL A 92 -36.02 -3.58 6.42
CA VAL A 92 -35.53 -3.84 7.76
C VAL A 92 -36.59 -3.39 8.74
N GLN A 93 -36.59 -3.98 9.93
CA GLN A 93 -37.32 -3.41 11.04
C GLN A 93 -36.51 -3.62 12.29
N LEU A 94 -36.55 -2.67 13.19
CA LEU A 94 -35.89 -2.86 14.47
C LEU A 94 -36.89 -2.82 15.59
N VAL A 95 -36.57 -3.58 16.65
CA VAL A 95 -37.35 -3.61 17.86
C VAL A 95 -36.45 -3.10 18.97
N LEU A 96 -37.02 -2.28 19.85
CA LEU A 96 -36.31 -1.71 20.99
C LEU A 96 -37.09 -2.06 22.24
N ALA A 97 -36.39 -2.53 23.27
CA ALA A 97 -37.01 -3.01 24.49
C ALA A 97 -36.71 -2.06 25.64
N GLY A 98 -37.53 -1.02 25.79
CA GLY A 98 -37.33 -0.05 26.84
C GLY A 98 -38.58 0.14 27.68
N ASN A 99 -38.39 0.75 28.84
CA ASN A 99 -39.46 0.98 29.80
C ASN A 99 -40.30 2.16 29.37
N ALA A 100 -41.13 2.63 30.29
CA ALA A 100 -41.63 3.98 30.25
C ALA A 100 -40.84 4.89 31.17
N PHE A 101 -39.61 4.51 31.51
CA PHE A 101 -38.69 5.35 32.24
C PHE A 101 -37.59 5.92 31.37
N THR A 102 -36.99 5.09 30.52
CA THR A 102 -35.95 5.54 29.62
C THR A 102 -36.50 6.57 28.64
N ALA A 103 -35.70 7.58 28.34
CA ALA A 103 -36.12 8.67 27.47
C ALA A 103 -34.96 9.05 26.56
N GLY A 104 -34.91 8.44 25.39
CA GLY A 104 -33.99 8.86 24.36
C GLY A 104 -34.68 8.77 23.02
N LYS A 105 -33.99 9.24 21.99
CA LYS A 105 -34.44 9.06 20.62
C LYS A 105 -33.25 8.62 19.79
N VAL A 106 -33.42 7.57 18.99
CA VAL A 106 -32.45 7.16 18.01
C VAL A 106 -33.01 7.52 16.64
N VAL A 107 -32.14 7.58 15.65
CA VAL A 107 -32.54 8.02 14.32
C VAL A 107 -31.84 7.12 13.30
N VAL A 108 -32.61 6.28 12.61
CA VAL A 108 -32.08 5.29 11.69
C VAL A 108 -32.06 5.89 10.29
N ALA A 109 -30.87 6.03 9.71
CA ALA A 109 -30.70 6.73 8.45
C ALA A 109 -30.23 5.79 7.36
N LEU A 110 -30.52 6.15 6.13
CA LEU A 110 -30.19 5.36 4.95
C LEU A 110 -29.05 6.07 4.21
N VAL A 111 -27.82 5.74 4.57
CA VAL A 111 -26.64 6.42 4.03
C VAL A 111 -26.31 5.82 2.67
N PRO A 112 -26.19 6.60 1.61
CA PRO A 112 -25.97 6.04 0.29
C PRO A 112 -24.59 5.44 0.17
N PRO A 113 -24.28 4.78 -0.94
CA PRO A 113 -22.92 4.31 -1.15
C PRO A 113 -22.02 5.44 -1.65
N TYR A 114 -20.74 5.30 -1.38
CA TYR A 114 -19.72 6.27 -1.74
C TYR A 114 -19.87 7.58 -0.99
N PHE A 115 -20.75 7.66 -0.01
CA PHE A 115 -20.71 8.76 0.91
C PHE A 115 -19.43 8.64 1.74
N PRO A 116 -18.64 9.71 1.85
CA PRO A 116 -17.31 9.58 2.44
C PRO A 116 -17.37 9.02 3.84
N LYS A 117 -16.80 7.83 4.02
CA LYS A 117 -16.86 7.12 5.29
C LYS A 117 -15.88 7.78 6.24
N GLY A 118 -16.35 8.83 6.91
CA GLY A 118 -15.62 9.44 8.00
C GLY A 118 -16.34 9.22 9.30
N SER A 119 -17.05 10.24 9.78
CA SER A 119 -17.82 10.14 11.00
C SER A 119 -18.90 11.21 10.96
N LEU A 120 -20.16 10.79 10.88
CA LEU A 120 -21.26 11.72 10.83
C LEU A 120 -21.50 12.35 12.19
N THR A 121 -21.96 13.59 12.19
CA THR A 121 -22.34 14.26 13.41
C THR A 121 -23.82 14.01 13.69
N THR A 122 -24.37 14.71 14.68
CA THR A 122 -25.76 14.48 15.03
C THR A 122 -26.71 15.30 14.17
N ALA A 123 -26.22 16.38 13.57
CA ALA A 123 -27.03 17.22 12.72
C ALA A 123 -27.05 16.75 11.28
N GLN A 124 -26.08 15.94 10.88
CA GLN A 124 -25.96 15.42 9.54
C GLN A 124 -26.69 14.10 9.33
N ILE A 125 -27.11 13.44 10.41
CA ILE A 125 -27.77 12.17 10.22
C ILE A 125 -29.20 12.35 9.77
N THR A 126 -29.83 13.46 10.12
CA THR A 126 -31.21 13.72 9.73
C THR A 126 -31.31 14.30 8.35
N CYS A 127 -30.22 14.35 7.60
CA CYS A 127 -30.23 14.86 6.25
C CYS A 127 -30.42 13.76 5.21
N PHE A 128 -30.45 12.50 5.61
CA PHE A 128 -30.71 11.32 4.82
C PHE A 128 -32.13 10.87 5.00
N PRO A 129 -32.66 10.04 4.13
CA PRO A 129 -33.97 9.47 4.40
C PRO A 129 -33.92 8.66 5.68
N HIS A 130 -34.57 9.15 6.72
CA HIS A 130 -34.37 8.66 8.06
C HIS A 130 -35.72 8.31 8.65
N VAL A 131 -35.68 7.62 9.79
CA VAL A 131 -36.85 7.37 10.61
C VAL A 131 -36.44 7.60 12.05
N MET A 132 -37.14 8.47 12.74
CA MET A 132 -36.80 8.80 14.11
C MET A 132 -37.70 8.02 15.05
N CYS A 133 -37.12 7.47 16.11
CA CYS A 133 -37.92 6.62 16.98
C CYS A 133 -37.34 6.64 18.38
N ASP A 134 -38.18 6.72 19.38
CA ASP A 134 -37.67 6.68 20.74
C ASP A 134 -37.66 5.26 21.26
N VAL A 135 -37.05 5.09 22.44
CA VAL A 135 -36.84 3.76 22.99
C VAL A 135 -38.03 3.23 23.77
N ARG A 136 -39.13 3.97 23.81
CA ARG A 136 -40.33 3.54 24.51
C ARG A 136 -41.39 2.97 23.60
N THR A 137 -41.13 2.82 22.31
CA THR A 137 -42.13 2.28 21.40
C THR A 137 -42.34 0.80 21.64
N LEU A 138 -43.59 0.38 21.57
CA LEU A 138 -43.94 -1.03 21.76
C LEU A 138 -43.89 -1.82 20.48
N GLU A 139 -44.14 -1.20 19.37
CA GLU A 139 -44.22 -1.85 18.07
C GLU A 139 -42.95 -1.63 17.26
N PRO A 140 -42.53 -2.60 16.46
CA PRO A 140 -41.28 -2.48 15.72
C PRO A 140 -41.43 -1.54 14.54
N ILE A 141 -40.37 -0.80 14.26
CA ILE A 141 -40.44 0.22 13.21
C ILE A 141 -39.58 -0.21 12.04
N GLN A 142 -40.02 0.10 10.83
CA GLN A 142 -39.41 -0.50 9.65
C GLN A 142 -39.04 0.53 8.60
N LEU A 143 -38.10 0.14 7.76
CA LEU A 143 -37.51 1.00 6.75
C LEU A 143 -37.29 0.22 5.47
N PRO A 144 -37.36 0.88 4.34
CA PRO A 144 -36.96 0.25 3.09
C PRO A 144 -35.49 0.49 2.83
N LEU A 145 -34.70 -0.56 2.66
CA LEU A 145 -33.29 -0.42 2.37
C LEU A 145 -33.14 -0.67 0.87
N LEU A 146 -33.10 0.40 0.11
CA LEU A 146 -33.17 0.32 -1.34
C LEU A 146 -31.80 -0.04 -1.90
N ASP A 147 -31.73 -0.14 -3.23
CA ASP A 147 -30.53 -0.64 -3.87
C ASP A 147 -29.94 0.37 -4.84
N VAL A 148 -29.69 1.58 -4.35
CA VAL A 148 -28.88 2.53 -5.08
C VAL A 148 -27.52 1.92 -5.37
N ARG A 149 -27.12 1.93 -6.65
CA ARG A 149 -25.89 1.30 -7.09
C ARG A 149 -25.45 1.91 -8.40
N ARG A 150 -24.14 1.84 -8.68
CA ARG A 150 -23.59 2.24 -9.96
C ARG A 150 -23.53 1.10 -10.96
N VAL A 151 -23.17 -0.09 -10.50
CA VAL A 151 -23.02 -1.28 -11.33
C VAL A 151 -24.38 -1.91 -11.56
N LEU A 152 -24.47 -2.90 -12.45
CA LEU A 152 -25.76 -3.48 -12.75
C LEU A 152 -26.21 -4.50 -11.71
N TRP A 153 -25.28 -5.22 -11.07
CA TRP A 153 -25.64 -6.15 -10.01
C TRP A 153 -24.41 -6.31 -9.14
N HIS A 154 -24.62 -6.83 -7.94
CA HIS A 154 -23.54 -6.99 -6.99
C HIS A 154 -23.08 -8.44 -6.97
N ALA A 155 -21.84 -8.65 -6.53
CA ALA A 155 -21.30 -9.99 -6.40
C ALA A 155 -21.27 -10.37 -4.93
N THR A 156 -21.52 -11.65 -4.63
CA THR A 156 -21.61 -12.01 -3.23
C THR A 156 -20.21 -12.19 -2.67
N GLN A 157 -19.35 -11.22 -2.94
CA GLN A 157 -18.02 -11.10 -2.34
C GLN A 157 -17.86 -9.59 -2.09
N ASP A 158 -18.16 -9.17 -0.86
CA ASP A 158 -18.76 -7.88 -0.56
C ASP A 158 -17.80 -6.73 -0.58
N GLN A 159 -16.69 -6.83 -1.27
CA GLN A 159 -15.82 -5.66 -1.26
C GLN A 159 -16.36 -4.52 -2.13
N GLU A 160 -17.62 -4.61 -2.53
CA GLU A 160 -18.32 -3.55 -3.24
C GLU A 160 -19.18 -2.76 -2.25
N GLU A 161 -19.34 -1.47 -2.53
CA GLU A 161 -20.09 -0.59 -1.66
C GLU A 161 -21.57 -0.70 -1.93
N SER A 162 -22.37 -0.68 -0.86
CA SER A 162 -23.80 -0.79 -0.98
C SER A 162 -24.48 0.11 0.04
N MET A 163 -25.76 0.33 -0.18
CA MET A 163 -26.54 1.20 0.67
C MET A 163 -26.46 0.76 2.12
N ARG A 164 -25.91 1.62 2.97
CA ARG A 164 -25.77 1.32 4.38
C ARG A 164 -27.03 1.70 5.14
N LEU A 165 -27.08 1.26 6.39
CA LEU A 165 -28.12 1.64 7.33
C LEU A 165 -27.42 1.98 8.62
N VAL A 166 -27.33 3.27 8.93
CA VAL A 166 -26.60 3.76 10.08
C VAL A 166 -27.60 4.16 11.15
N CYS A 167 -27.29 3.89 12.41
CA CYS A 167 -28.16 4.28 13.50
C CYS A 167 -27.35 5.06 14.52
N MET A 168 -27.80 6.26 14.84
CA MET A 168 -27.12 7.11 15.80
C MET A 168 -28.00 7.33 17.01
N LEU A 169 -27.37 7.44 18.17
CA LEU A 169 -28.07 7.90 19.35
C LEU A 169 -28.24 9.40 19.23
N TYR A 170 -29.47 9.85 19.05
CA TYR A 170 -29.80 11.22 18.71
C TYR A 170 -29.96 12.09 19.95
N THR A 171 -30.80 11.69 20.89
CA THR A 171 -30.77 12.41 22.16
C THR A 171 -30.34 11.46 23.27
N PRO A 172 -29.61 11.93 24.28
CA PRO A 172 -29.00 10.99 25.22
C PRO A 172 -30.04 10.19 25.99
N LEU A 173 -29.69 8.95 26.30
CA LEU A 173 -30.59 8.06 27.02
C LEU A 173 -30.52 8.40 28.49
N ARG A 174 -31.64 8.78 29.07
CA ARG A 174 -31.66 9.12 30.48
C ARG A 174 -33.03 8.74 31.04
N THR A 175 -33.05 8.38 32.30
CA THR A 175 -34.22 7.75 32.90
C THR A 175 -35.14 8.80 33.53
N ASN A 176 -36.42 8.80 33.11
CA ASN A 176 -37.45 9.65 33.71
C ASN A 176 -37.42 9.55 35.24
N SER A 177 -37.05 8.40 35.76
CA SER A 177 -36.91 8.11 37.18
C SER A 177 -35.44 8.16 37.58
N PRO A 178 -35.14 8.10 38.87
CA PRO A 178 -33.74 7.85 39.26
C PRO A 178 -33.22 6.56 38.66
N GLY A 179 -34.00 5.49 38.75
CA GLY A 179 -33.77 4.20 38.15
C GLY A 179 -32.39 3.66 38.44
N ASP A 180 -31.86 2.92 37.47
CA ASP A 180 -30.52 2.35 37.54
C ASP A 180 -29.67 2.91 36.42
N GLU A 181 -28.37 3.03 36.69
CA GLU A 181 -27.41 3.50 35.71
C GLU A 181 -26.81 2.36 34.89
N SER A 182 -27.21 1.11 35.15
CA SER A 182 -26.77 -0.03 34.38
C SER A 182 -27.92 -0.68 33.61
N PHE A 183 -28.99 0.06 33.34
CA PHE A 183 -30.13 -0.46 32.61
C PHE A 183 -29.88 -0.22 31.13
N VAL A 184 -29.51 -1.26 30.41
CA VAL A 184 -29.27 -1.16 28.97
C VAL A 184 -30.55 -1.45 28.22
N VAL A 185 -30.75 -0.74 27.13
CA VAL A 185 -31.91 -0.91 26.27
C VAL A 185 -31.47 -1.82 25.14
N SER A 186 -31.86 -3.09 25.19
CA SER A 186 -31.50 -4.00 24.12
C SER A 186 -32.29 -3.71 22.87
N GLY A 187 -31.65 -3.85 21.72
CA GLY A 187 -32.32 -3.71 20.45
C GLY A 187 -32.07 -4.95 19.61
N ARG A 188 -32.86 -5.08 18.55
CA ARG A 188 -32.71 -6.21 17.63
C ARG A 188 -33.12 -5.76 16.24
N LEU A 189 -32.49 -6.33 15.24
CA LEU A 189 -32.80 -6.03 13.84
C LEU A 189 -33.41 -7.25 13.17
N LEU A 190 -34.23 -7.02 12.16
CA LEU A 190 -34.90 -8.11 11.50
C LEU A 190 -35.11 -7.70 10.05
N SER A 191 -34.92 -8.62 9.11
CA SER A 191 -34.88 -8.19 7.72
C SER A 191 -35.59 -9.16 6.81
N LYS A 192 -35.95 -8.68 5.62
CA LYS A 192 -36.60 -9.55 4.65
C LYS A 192 -36.48 -8.90 3.27
N PRO A 193 -36.41 -9.66 2.21
CA PRO A 193 -36.41 -9.06 0.88
C PRO A 193 -37.66 -8.25 0.60
N ALA A 194 -37.52 -7.20 -0.17
CA ALA A 194 -38.69 -6.52 -0.69
C ALA A 194 -39.02 -7.15 -2.02
N ALA A 195 -40.00 -6.59 -2.72
CA ALA A 195 -40.57 -7.30 -3.86
C ALA A 195 -39.58 -7.52 -4.98
N ASP A 196 -38.42 -6.88 -4.96
CA ASP A 196 -37.56 -6.83 -6.14
C ASP A 196 -36.20 -7.47 -5.92
N PHE A 197 -36.11 -8.49 -5.07
CA PHE A 197 -34.84 -9.16 -4.83
C PHE A 197 -34.75 -10.43 -5.66
N ASN A 198 -33.61 -10.64 -6.30
CA ASN A 198 -33.29 -11.96 -6.84
C ASN A 198 -31.81 -12.05 -7.19
N PHE A 199 -31.31 -13.28 -7.15
CA PHE A 199 -29.89 -13.58 -7.27
C PHE A 199 -29.51 -13.60 -8.74
N VAL A 200 -28.32 -14.07 -9.09
CA VAL A 200 -27.94 -13.99 -10.49
C VAL A 200 -27.57 -15.32 -11.14
N TYR A 201 -26.55 -16.04 -10.67
CA TYR A 201 -25.98 -17.07 -11.53
C TYR A 201 -25.68 -18.33 -10.72
N LEU A 202 -26.41 -19.42 -10.97
CA LEU A 202 -26.26 -20.64 -10.20
C LEU A 202 -24.89 -21.26 -10.36
N THR A 203 -24.17 -21.36 -9.27
CA THR A 203 -22.90 -22.07 -9.17
C THR A 203 -23.11 -23.24 -8.22
N PRO A 204 -22.13 -24.09 -7.96
CA PRO A 204 -22.28 -25.03 -6.87
C PRO A 204 -22.22 -24.30 -5.55
N PRO A 205 -22.79 -24.86 -4.48
CA PRO A 205 -22.46 -24.35 -3.15
C PRO A 205 -20.96 -24.29 -2.98
N ILE A 206 -20.42 -23.07 -2.95
CA ILE A 206 -19.12 -22.84 -3.55
C ILE A 206 -18.01 -23.51 -2.75
N GLU A 207 -17.98 -23.24 -1.45
CA GLU A 207 -16.87 -23.63 -0.58
C GLU A 207 -17.43 -23.56 0.85
N ARG A 208 -16.56 -23.26 1.82
CA ARG A 208 -17.14 -23.01 3.12
C ARG A 208 -18.21 -21.92 2.99
N THR A 209 -17.84 -20.63 2.91
CA THR A 209 -18.51 -19.53 2.20
C THR A 209 -17.92 -18.24 2.78
N ILE A 210 -18.37 -17.07 2.33
CA ILE A 210 -18.47 -15.91 3.20
C ILE A 210 -19.95 -15.75 3.55
N TYR A 211 -20.26 -14.86 4.49
CA TYR A 211 -21.57 -14.83 5.13
C TYR A 211 -21.87 -16.12 5.87
N ARG A 212 -20.90 -17.00 6.02
CA ARG A 212 -21.07 -18.20 6.82
C ARG A 212 -20.83 -17.84 8.28
N MET A 213 -21.77 -18.20 9.14
CA MET A 213 -21.71 -17.80 10.54
C MET A 213 -20.64 -18.60 11.27
N VAL A 214 -19.89 -17.92 12.13
CA VAL A 214 -18.83 -18.58 12.87
C VAL A 214 -19.43 -19.65 13.75
N ASP A 215 -18.79 -20.81 13.79
CA ASP A 215 -19.24 -21.91 14.60
C ASP A 215 -18.06 -22.41 15.43
N LEU A 216 -18.30 -22.64 16.62
CA LEU A 216 -17.23 -23.05 17.49
C LEU A 216 -17.26 -24.55 17.70
N PRO A 217 -16.11 -25.19 17.89
CA PRO A 217 -16.09 -26.63 18.09
C PRO A 217 -16.80 -27.01 19.37
N VAL A 218 -17.46 -28.17 19.35
CA VAL A 218 -18.13 -28.68 20.55
C VAL A 218 -17.06 -29.42 21.34
N ILE A 219 -16.27 -28.65 22.07
CA ILE A 219 -15.15 -29.16 22.87
C ILE A 219 -15.21 -28.43 24.20
N GLN A 220 -15.55 -29.16 25.27
CA GLN A 220 -15.51 -28.54 26.58
C GLN A 220 -14.08 -28.15 26.92
N PRO A 221 -13.86 -26.98 27.53
CA PRO A 221 -12.49 -26.47 27.67
C PRO A 221 -11.55 -27.39 28.43
N ARG A 222 -12.07 -28.30 29.26
CA ARG A 222 -11.19 -29.25 29.93
C ARG A 222 -10.63 -30.29 28.97
N LEU A 223 -11.27 -30.47 27.82
CA LEU A 223 -10.79 -31.35 26.75
C LEU A 223 -10.04 -30.56 25.68
N CYS A 224 -9.35 -29.50 26.08
CA CYS A 224 -8.60 -28.66 25.16
C CYS A 224 -7.12 -28.70 25.52
N THR A 225 -6.35 -27.86 24.84
CA THR A 225 -4.90 -27.78 25.01
C THR A 225 -4.52 -26.32 25.14
N HIS A 226 -3.68 -26.01 26.11
CA HIS A 226 -3.21 -24.64 26.24
C HIS A 226 -2.36 -24.28 25.03
N ALA A 227 -2.40 -23.00 24.66
CA ALA A 227 -1.74 -22.52 23.45
C ALA A 227 -0.45 -21.78 23.76
N ARG A 228 0.09 -21.95 24.96
CA ARG A 228 1.42 -21.45 25.27
C ARG A 228 2.25 -22.48 26.03
N TRP A 229 1.76 -23.71 26.17
CA TRP A 229 2.46 -24.77 26.89
C TRP A 229 1.80 -26.09 26.52
N PRO A 230 2.56 -27.17 26.35
CA PRO A 230 1.95 -28.47 25.98
C PRO A 230 1.31 -29.19 27.16
N ALA A 231 0.17 -28.67 27.61
CA ALA A 231 -0.59 -29.23 28.71
C ALA A 231 -2.05 -28.90 28.50
N PRO A 232 -2.96 -29.68 29.05
CA PRO A 232 -4.39 -29.40 28.88
C PRO A 232 -4.82 -28.15 29.63
N VAL A 233 -5.96 -27.60 29.22
CA VAL A 233 -6.52 -26.44 29.89
C VAL A 233 -7.05 -26.86 31.25
N TYR A 234 -6.62 -26.17 32.30
CA TYR A 234 -6.95 -26.52 33.67
C TYR A 234 -7.77 -25.46 34.38
N GLY A 235 -8.36 -24.52 33.65
CA GLY A 235 -9.29 -23.61 34.28
C GLY A 235 -9.67 -22.40 33.45
N LEU A 236 -10.76 -21.75 33.84
CA LEU A 236 -11.22 -20.49 33.26
C LEU A 236 -11.31 -19.45 34.36
N LEU A 237 -10.88 -18.22 34.08
CA LEU A 237 -11.07 -17.18 35.08
C LEU A 237 -11.13 -15.81 34.43
N VAL A 238 -11.40 -14.81 35.25
CA VAL A 238 -11.29 -13.41 34.91
C VAL A 238 -10.66 -12.72 36.11
N ASP A 239 -9.72 -11.81 35.86
CA ASP A 239 -9.06 -11.17 36.98
C ASP A 239 -8.67 -9.74 36.60
N PRO A 240 -9.17 -8.74 37.33
CA PRO A 240 -8.77 -7.36 37.07
C PRO A 240 -7.43 -6.98 37.70
N SER A 241 -6.87 -7.84 38.56
CA SER A 241 -5.63 -7.51 39.24
C SER A 241 -4.40 -7.82 38.39
N LEU A 242 -4.49 -8.82 37.51
CA LEU A 242 -3.39 -9.19 36.65
C LEU A 242 -3.20 -8.11 35.58
N PRO A 243 -2.11 -8.15 34.82
CA PRO A 243 -1.92 -7.17 33.75
C PRO A 243 -3.08 -7.17 32.77
N SER A 244 -3.68 -6.00 32.58
CA SER A 244 -4.88 -5.90 31.76
C SER A 244 -4.59 -6.24 30.30
N ASN A 245 -3.58 -5.61 29.72
CA ASN A 245 -3.25 -5.84 28.32
C ASN A 245 -1.89 -6.49 28.20
N PRO A 246 -1.78 -7.80 28.39
CA PRO A 246 -0.50 -8.48 28.14
C PRO A 246 -0.19 -8.48 26.65
N GLN A 247 1.06 -8.81 26.35
CA GLN A 247 1.53 -8.81 24.98
C GLN A 247 1.99 -10.20 24.59
N TRP A 248 1.15 -11.21 24.86
CA TRP A 248 1.46 -12.56 24.48
C TRP A 248 1.76 -12.64 22.98
N GLN A 249 2.50 -13.66 22.59
CA GLN A 249 2.82 -13.87 21.19
C GLN A 249 2.33 -15.20 20.65
N ASN A 250 2.32 -16.25 21.45
CA ASN A 250 1.75 -17.52 21.03
C ASN A 250 0.26 -17.55 21.32
N GLY A 251 -0.42 -18.50 20.68
CA GLY A 251 -1.84 -18.65 20.91
C GLY A 251 -2.67 -17.47 20.51
N ARG A 252 -2.18 -16.63 19.61
CA ARG A 252 -2.94 -15.50 19.08
C ARG A 252 -3.34 -15.79 17.65
N VAL A 253 -4.56 -15.40 17.30
CA VAL A 253 -5.09 -15.64 15.97
C VAL A 253 -6.32 -14.76 15.76
N HIS A 254 -6.50 -14.24 14.56
CA HIS A 254 -7.75 -13.59 14.22
C HIS A 254 -8.85 -14.62 14.13
N VAL A 255 -10.08 -14.15 13.85
CA VAL A 255 -11.16 -15.08 13.56
C VAL A 255 -11.26 -15.39 12.08
N ASP A 256 -10.50 -14.69 11.23
CA ASP A 256 -10.45 -15.03 9.82
C ASP A 256 -9.25 -15.91 9.49
N GLY A 257 -8.53 -16.39 10.50
CA GLY A 257 -7.55 -17.42 10.32
C GLY A 257 -6.12 -16.94 10.26
N THR A 258 -5.89 -15.67 9.97
CA THR A 258 -4.53 -15.18 9.87
C THR A 258 -3.86 -15.27 11.23
N LEU A 259 -2.93 -16.21 11.37
CA LEU A 259 -2.17 -16.32 12.60
C LEU A 259 -1.43 -15.02 12.89
N LEU A 260 -1.24 -14.74 14.18
CA LEU A 260 -0.50 -13.57 14.61
C LEU A 260 0.68 -14.01 15.45
N GLY A 261 1.73 -13.21 15.43
CA GLY A 261 2.92 -13.58 16.18
C GLY A 261 3.47 -14.90 15.72
N THR A 262 3.91 -15.71 16.68
CA THR A 262 4.58 -16.98 16.41
C THR A 262 3.66 -18.16 16.64
N THR A 263 2.39 -18.03 16.33
CA THR A 263 1.41 -19.05 16.69
C THR A 263 1.46 -20.19 15.68
N PRO A 264 1.55 -21.43 16.12
CA PRO A 264 1.48 -22.57 15.21
C PRO A 264 0.06 -23.13 15.09
N ILE A 265 -0.09 -24.07 14.16
CA ILE A 265 -1.36 -24.77 13.97
C ILE A 265 -1.45 -26.00 14.85
N SER A 266 -0.42 -26.84 14.82
CA SER A 266 -0.46 -28.08 15.59
C SER A 266 -0.45 -27.79 17.09
N GLY A 267 -1.12 -28.65 17.84
CA GLY A 267 -1.01 -28.61 19.28
C GLY A 267 0.24 -29.25 19.82
N SER A 268 1.18 -29.61 18.94
CA SER A 268 2.43 -30.26 19.30
C SER A 268 3.64 -29.43 18.94
N TRP A 269 3.45 -28.30 18.28
CA TRP A 269 4.51 -27.35 17.97
C TRP A 269 4.75 -26.36 19.09
N VAL A 270 4.02 -26.44 20.19
CA VAL A 270 3.90 -25.34 21.13
C VAL A 270 5.08 -25.36 22.09
N SER A 271 5.78 -24.22 22.18
CA SER A 271 6.87 -24.02 23.13
C SER A 271 7.98 -25.05 22.95
N CYS A 272 8.41 -25.23 21.70
CA CYS A 272 9.57 -26.05 21.39
C CYS A 272 10.13 -25.61 20.06
N PHE A 273 11.31 -26.10 19.73
CA PHE A 273 11.97 -25.68 18.49
C PHE A 273 12.60 -26.89 17.81
N ALA A 274 13.12 -26.65 16.62
CA ALA A 274 13.79 -27.67 15.81
C ALA A 274 14.98 -27.01 15.15
N ALA A 275 16.13 -27.65 15.21
CA ALA A 275 17.35 -26.98 14.82
C ALA A 275 18.37 -27.97 14.30
N GLU A 276 19.42 -27.43 13.69
CA GLU A 276 20.59 -28.21 13.27
C GLU A 276 21.69 -27.93 14.29
N ALA A 277 21.80 -28.82 15.28
CA ALA A 277 22.68 -28.58 16.42
C ALA A 277 24.14 -28.53 15.98
N ALA A 278 24.94 -27.90 16.83
CA ALA A 278 26.39 -27.84 16.62
C ALA A 278 27.05 -27.83 17.99
N TYR A 279 27.96 -28.76 18.20
CA TYR A 279 28.67 -28.91 19.46
C TYR A 279 30.15 -28.62 19.23
N GLU A 280 30.70 -27.76 20.08
CA GLU A 280 32.07 -27.26 19.93
C GLU A 280 33.13 -28.36 19.97
N PHE A 281 34.70 -25.13 24.46
CA PHE A 281 34.51 -25.42 25.87
C PHE A 281 33.78 -26.74 26.09
N GLN A 282 34.44 -27.84 25.74
CA GLN A 282 33.91 -29.17 25.98
C GLN A 282 34.17 -29.66 27.38
N SER A 283 35.09 -29.03 28.12
CA SER A 283 35.43 -29.44 29.46
C SER A 283 35.35 -28.33 30.49
N GLY A 284 34.97 -27.12 30.09
CA GLY A 284 34.81 -26.04 31.04
C GLY A 284 33.61 -26.24 31.95
N THR A 285 32.42 -26.23 31.37
CA THR A 285 31.18 -26.44 32.11
C THR A 285 30.39 -27.65 31.64
N GLY A 286 30.59 -28.10 30.40
CA GLY A 286 29.89 -29.24 29.86
C GLY A 286 29.83 -29.12 28.35
N GLU A 287 28.69 -29.51 27.78
CA GLU A 287 28.44 -29.35 26.36
C GLU A 287 27.65 -28.06 26.15
N VAL A 288 28.27 -27.10 25.46
CA VAL A 288 27.61 -25.85 25.09
C VAL A 288 27.15 -26.01 23.65
N ALA A 289 25.89 -26.35 23.46
CA ALA A 289 25.34 -26.56 22.14
C ALA A 289 24.80 -25.26 21.57
N THR A 290 25.10 -25.01 20.30
CA THR A 290 24.51 -23.91 19.57
C THR A 290 23.57 -24.45 18.51
N PHE A 291 22.35 -23.96 18.50
CA PHE A 291 21.27 -24.46 17.66
C PHE A 291 20.98 -23.43 16.59
N THR A 292 21.16 -23.83 15.34
CA THR A 292 20.72 -23.03 14.20
C THR A 292 19.29 -23.44 13.90
N LEU A 293 18.35 -22.56 14.24
CA LEU A 293 16.93 -22.90 14.22
C LEU A 293 16.40 -22.95 12.79
N ILE A 294 15.52 -23.91 12.54
CA ILE A 294 14.76 -23.99 11.31
C ILE A 294 13.30 -24.23 11.68
N GLU A 295 12.44 -24.30 10.67
CA GLU A 295 11.04 -24.57 10.93
C GLU A 295 10.87 -26.02 11.36
N GLN A 296 9.86 -26.26 12.19
CA GLN A 296 9.67 -27.59 12.75
C GLN A 296 9.23 -28.61 11.70
N ASP A 297 8.61 -28.15 10.62
CA ASP A 297 8.24 -29.04 9.52
C ASP A 297 9.41 -29.41 8.64
N GLY A 298 10.60 -28.88 8.93
CA GLY A 298 11.80 -29.17 8.15
C GLY A 298 12.27 -28.03 7.29
N SER A 299 11.40 -27.08 6.97
CA SER A 299 11.78 -25.98 6.09
C SER A 299 12.77 -25.05 6.77
N ALA A 300 13.49 -24.29 5.95
CA ALA A 300 14.51 -23.38 6.45
C ALA A 300 13.88 -22.07 6.91
N TYR A 301 14.33 -21.58 8.05
CA TYR A 301 13.76 -20.39 8.66
C TYR A 301 14.37 -19.15 8.04
N VAL A 302 13.52 -18.22 7.60
CA VAL A 302 13.94 -16.96 7.00
C VAL A 302 13.33 -15.83 7.82
N PRO A 303 14.11 -14.85 8.24
CA PRO A 303 13.63 -13.82 9.18
C PRO A 303 12.77 -12.77 8.50
N GLY A 304 11.48 -12.78 8.80
CA GLY A 304 10.55 -11.83 8.24
C GLY A 304 9.86 -10.93 9.25
N ASP A 305 8.57 -11.15 9.46
CA ASP A 305 7.78 -10.35 10.40
C ASP A 305 7.45 -11.09 11.69
N ARG A 306 7.66 -12.40 11.75
CA ARG A 306 7.57 -13.11 13.01
C ARG A 306 8.83 -12.87 13.81
N ALA A 307 8.68 -12.86 15.13
CA ALA A 307 9.78 -12.56 16.02
C ALA A 307 10.62 -13.78 16.37
N ALA A 308 10.28 -14.94 15.85
CA ALA A 308 10.96 -16.20 16.16
C ALA A 308 10.38 -17.29 15.26
N PRO A 309 10.95 -18.49 15.23
CA PRO A 309 10.29 -19.59 14.53
C PRO A 309 8.88 -19.82 15.07
N LEU A 310 8.12 -20.62 14.33
CA LEU A 310 6.73 -20.88 14.71
C LEU A 310 6.70 -21.80 15.93
N GLY A 311 6.12 -21.30 17.02
CA GLY A 311 5.98 -22.08 18.23
C GLY A 311 7.03 -21.83 19.28
N TYR A 312 7.96 -20.91 19.06
CA TYR A 312 9.05 -20.68 19.99
C TYR A 312 8.51 -20.14 21.31
N PRO A 313 9.04 -20.57 22.45
CA PRO A 313 8.53 -20.11 23.74
C PRO A 313 8.66 -18.60 23.89
N ASP A 314 7.54 -17.94 24.20
CA ASP A 314 7.50 -16.49 24.34
C ASP A 314 7.41 -16.04 25.77
N PHE A 315 7.62 -16.93 26.74
CA PHE A 315 7.69 -16.55 28.14
C PHE A 315 9.13 -16.55 28.61
N SER A 316 9.38 -15.84 29.71
CA SER A 316 10.73 -15.59 30.16
C SER A 316 11.09 -16.47 31.35
N GLY A 317 12.35 -16.87 31.41
CA GLY A 317 12.84 -17.76 32.44
C GLY A 317 13.78 -18.82 31.91
N GLN A 318 14.47 -19.52 32.79
CA GLN A 318 15.30 -20.63 32.35
C GLN A 318 14.42 -21.82 31.97
N LEU A 319 14.88 -22.60 31.00
CA LEU A 319 14.07 -23.69 30.47
C LEU A 319 14.91 -24.94 30.29
N GLU A 320 14.33 -26.09 30.60
CA GLU A 320 14.92 -27.39 30.35
C GLU A 320 14.36 -27.95 29.05
N ILE A 321 15.20 -28.60 28.27
CA ILE A 321 14.80 -29.16 26.99
C ILE A 321 15.32 -30.59 26.87
N GLU A 322 14.52 -31.44 26.25
CA GLU A 322 14.91 -32.81 25.94
C GLU A 322 15.31 -32.90 24.47
N VAL A 323 16.55 -33.31 24.22
CA VAL A 323 17.06 -33.46 22.86
C VAL A 323 17.44 -34.92 22.66
N GLN A 324 17.58 -35.30 21.40
CA GLN A 324 18.13 -36.59 21.02
C GLN A 324 19.59 -36.40 20.64
N THR A 325 20.46 -37.23 21.20
CA THR A 325 21.90 -37.04 21.09
C THR A 325 22.57 -38.28 20.52
N GLU A 326 22.83 -38.24 19.22
CA GLU A 326 23.64 -39.27 18.58
C GLU A 326 25.09 -39.12 19.05
N THR A 327 25.54 -40.09 19.84
CA THR A 327 26.87 -40.05 20.44
C THR A 327 27.79 -41.05 19.73
N THR A 328 29.00 -41.19 20.25
CA THR A 328 29.98 -42.10 19.68
C THR A 328 30.54 -43.11 20.68
N LYS A 329 30.23 -42.97 21.96
CA LYS A 329 30.78 -43.87 22.97
C LYS A 329 30.23 -45.28 22.78
N THR A 330 31.00 -46.26 23.22
CA THR A 330 30.58 -47.65 23.15
C THR A 330 29.71 -48.00 24.35
N GLY A 331 28.60 -48.70 24.09
CA GLY A 331 27.61 -49.00 25.08
C GLY A 331 26.33 -48.19 24.96
N ASP A 332 26.31 -47.21 24.06
CA ASP A 332 25.12 -46.40 23.81
C ASP A 332 25.29 -45.64 22.50
N LYS A 333 24.30 -45.75 21.62
CA LYS A 333 24.35 -45.07 20.33
C LYS A 333 23.51 -43.80 20.32
N LEU A 334 22.28 -43.88 20.80
CA LEU A 334 21.43 -42.71 20.98
C LEU A 334 21.11 -42.56 22.46
N LYS A 335 20.57 -41.39 22.80
CA LYS A 335 20.23 -41.05 24.17
C LYS A 335 19.40 -39.79 24.16
N VAL A 336 18.54 -39.65 25.16
CA VAL A 336 17.86 -38.40 25.42
C VAL A 336 18.69 -37.60 26.42
N THR A 337 18.84 -36.31 26.16
CA THR A 337 19.71 -35.46 26.96
C THR A 337 18.94 -34.23 27.39
N THR A 338 19.05 -33.88 28.67
CA THR A 338 18.49 -32.63 29.17
C THR A 338 19.53 -31.53 29.05
N PHE A 339 19.07 -30.32 28.74
CA PHE A 339 19.95 -29.18 28.58
C PHE A 339 19.47 -28.03 29.46
N GLU A 340 20.02 -26.84 29.25
CA GLU A 340 19.65 -25.66 30.02
C GLU A 340 19.45 -24.51 29.06
N MET A 341 18.23 -24.01 28.97
CA MET A 341 17.88 -22.90 28.08
C MET A 341 17.59 -21.66 28.91
N ILE A 342 18.03 -20.51 28.40
CA ILE A 342 17.90 -19.24 29.12
C ILE A 342 17.10 -18.31 28.23
N LEU A 343 15.77 -18.29 28.43
CA LEU A 343 14.87 -17.51 27.58
C LEU A 343 14.78 -16.05 27.98
N GLY A 344 14.79 -15.76 29.27
CA GLY A 344 14.64 -14.42 29.77
C GLY A 344 15.72 -13.48 29.30
N PRO A 345 15.55 -12.18 29.55
CA PRO A 345 16.50 -11.19 29.01
C PRO A 345 17.91 -11.35 29.53
N THR A 346 18.08 -11.27 30.86
CA THR A 346 19.33 -11.58 31.57
C THR A 346 20.45 -10.60 31.24
N THR A 347 20.23 -9.69 30.29
CA THR A 347 21.15 -8.61 29.91
C THR A 347 22.51 -9.13 29.45
N ASN A 348 22.70 -10.45 29.42
CA ASN A 348 23.94 -11.06 28.94
C ASN A 348 23.60 -12.48 28.49
N ALA A 349 23.39 -12.63 27.18
CA ALA A 349 22.97 -13.93 26.64
C ALA A 349 23.15 -13.89 25.14
N ASP A 350 23.94 -14.83 24.61
CA ASP A 350 24.12 -14.93 23.17
C ASP A 350 22.96 -15.72 22.56
N GLN A 351 21.73 -15.30 22.86
CA GLN A 351 20.53 -15.90 22.32
C GLN A 351 19.85 -14.88 21.40
N ALA A 352 19.66 -15.27 20.15
CA ALA A 352 18.95 -14.44 19.18
C ALA A 352 18.01 -15.33 18.38
N PRO A 353 16.87 -15.69 18.96
CA PRO A 353 15.92 -16.52 18.20
C PRO A 353 15.36 -15.83 16.97
N TYR A 354 15.29 -14.50 16.96
CA TYR A 354 14.90 -13.80 15.74
C TYR A 354 15.93 -13.98 14.64
N GLN A 355 17.20 -14.03 14.99
CA GLN A 355 18.26 -14.20 14.01
C GLN A 355 18.40 -15.65 13.59
N GLY A 356 18.16 -16.59 14.49
CA GLY A 356 18.21 -17.99 14.20
C GLY A 356 19.25 -18.80 14.93
N ARG A 357 19.82 -18.26 16.02
CA ARG A 357 20.82 -18.97 16.81
C ARG A 357 20.39 -18.97 18.27
N VAL A 358 20.54 -20.12 18.92
CA VAL A 358 20.07 -20.31 20.29
C VAL A 358 21.07 -21.18 21.03
N PHE A 359 21.53 -20.72 22.20
CA PHE A 359 22.60 -21.40 22.92
C PHE A 359 22.04 -22.06 24.18
N ALA A 360 22.30 -23.37 24.31
CA ALA A 360 21.94 -24.11 25.50
C ALA A 360 23.16 -24.83 26.05
N SER A 361 23.08 -25.22 27.33
CA SER A 361 24.24 -25.76 28.02
C SER A 361 23.83 -26.90 28.93
N VAL A 362 24.83 -27.68 29.33
CA VAL A 362 24.66 -28.82 30.22
C VAL A 362 25.69 -28.74 31.32
N THR A 363 25.28 -29.02 32.55
CA THR A 363 26.23 -29.18 33.66
C THR A 363 26.85 -30.56 33.52
N ALA A 364 28.08 -30.60 32.99
CA ALA A 364 28.77 -31.87 32.77
C ALA A 364 30.26 -31.69 33.05
N ALA A 365 30.80 -32.55 33.90
CA ALA A 365 32.22 -32.50 34.22
C ALA A 365 33.07 -33.20 33.17
N ALA A 366 32.52 -34.24 32.55
CA ALA A 366 33.21 -34.97 31.49
C ALA A 366 33.07 -34.21 30.18
N SER A 367 33.38 -34.88 29.06
CA SER A 367 33.33 -34.29 27.73
C SER A 367 32.53 -35.18 26.79
N LEU A 368 31.32 -35.56 27.19
CA LEU A 368 30.45 -36.41 26.38
C LEU A 368 30.22 -35.78 25.01
N ASP A 369 30.77 -36.39 23.97
CA ASP A 369 30.82 -35.81 22.64
C ASP A 369 29.70 -36.36 21.77
N LEU A 370 29.10 -35.48 20.97
CA LEU A 370 27.94 -35.82 20.17
C LEU A 370 28.18 -35.47 18.70
N VAL A 371 27.18 -35.69 17.85
CA VAL A 371 27.30 -35.36 16.44
C VAL A 371 26.36 -34.20 16.14
N ASP A 372 26.53 -33.57 14.98
CA ASP A 372 25.84 -32.33 14.63
C ASP A 372 24.58 -32.55 13.81
N GLY A 373 23.86 -33.64 14.04
CA GLY A 373 22.60 -33.88 13.36
C GLY A 373 21.50 -32.95 13.83
N ARG A 374 20.31 -33.17 13.28
CA ARG A 374 19.14 -32.34 13.54
C ARG A 374 18.40 -32.81 14.78
N VAL A 375 17.72 -31.88 15.44
CA VAL A 375 17.11 -32.12 16.73
C VAL A 375 15.75 -31.44 16.79
N ARG A 376 14.80 -32.09 17.49
CA ARG A 376 13.50 -31.52 17.80
C ARG A 376 13.39 -31.42 19.32
N ALA A 377 13.75 -30.26 19.87
CA ALA A 377 13.76 -30.05 21.31
C ALA A 377 12.35 -29.99 21.87
N VAL A 378 12.24 -30.18 23.18
CA VAL A 378 10.96 -30.34 23.86
C VAL A 378 11.03 -29.68 25.23
N PRO A 379 10.02 -28.92 25.64
CA PRO A 379 10.03 -28.34 27.00
C PRO A 379 9.96 -29.43 28.05
N ARG A 380 10.70 -29.23 29.14
CA ARG A 380 10.68 -30.16 30.27
C ARG A 380 10.25 -29.49 31.57
N SER A 381 10.86 -28.38 31.93
CA SER A 381 10.55 -27.69 33.17
C SER A 381 11.14 -26.30 33.13
N ILE A 382 10.40 -25.32 33.62
CA ILE A 382 10.79 -23.92 33.57
C ILE A 382 11.14 -23.44 34.96
N TYR A 383 12.23 -22.69 35.06
CA TYR A 383 12.70 -22.11 36.30
C TYR A 383 12.51 -20.60 36.23
N GLY A 384 11.89 -20.04 37.26
CA GLY A 384 11.70 -18.60 37.33
C GLY A 384 10.78 -18.12 36.23
N PHE A 385 9.59 -18.70 36.14
CA PHE A 385 8.65 -18.34 35.09
C PHE A 385 8.21 -16.89 35.26
N GLN A 386 7.95 -16.24 34.14
CA GLN A 386 7.58 -14.83 34.12
C GLN A 386 6.99 -14.53 32.75
N ASP A 387 5.78 -13.97 32.74
CA ASP A 387 5.07 -13.69 31.49
C ASP A 387 5.51 -12.32 30.97
N THR A 388 6.57 -12.32 30.18
CA THR A 388 7.04 -11.10 29.53
C THR A 388 7.92 -11.48 28.35
N ILE A 389 8.00 -10.58 27.38
CA ILE A 389 8.67 -10.82 26.11
C ILE A 389 10.13 -11.20 26.34
N PRO A 390 10.56 -12.38 25.90
CA PRO A 390 11.96 -12.78 26.09
C PRO A 390 12.88 -12.01 25.17
N GLU A 391 14.16 -12.37 25.14
CA GLU A 391 15.10 -11.74 24.24
C GLU A 391 14.98 -12.40 22.87
N TYR A 392 14.46 -11.66 21.90
CA TYR A 392 14.28 -12.17 20.54
C TYR A 392 15.48 -11.90 19.67
N ASN A 393 15.96 -10.66 19.63
CA ASN A 393 17.29 -10.36 19.15
C ASN A 393 18.26 -10.61 20.29
N ASP A 394 19.51 -10.16 20.16
CA ASP A 394 20.39 -10.22 21.31
C ASP A 394 20.18 -9.03 22.23
N GLY A 395 19.95 -7.85 21.66
CA GLY A 395 19.61 -6.69 22.45
C GLY A 395 18.67 -5.72 21.76
N LEU A 396 18.12 -6.12 20.62
CA LEU A 396 17.46 -5.18 19.72
C LEU A 396 15.98 -5.51 19.56
N LEU A 397 15.28 -4.63 18.85
CA LEU A 397 13.83 -4.67 18.71
C LEU A 397 13.43 -5.53 17.52
N VAL A 398 12.24 -6.11 17.61
CA VAL A 398 11.74 -7.06 16.61
C VAL A 398 10.30 -6.72 16.24
N PRO A 399 9.75 -7.31 15.19
CA PRO A 399 8.31 -7.20 14.94
C PRO A 399 7.54 -8.25 15.71
N LEU A 400 6.43 -7.83 16.32
CA LEU A 400 5.66 -8.74 17.17
C LEU A 400 4.25 -8.21 17.33
N ALA A 401 3.36 -9.10 17.78
CA ALA A 401 1.94 -8.81 17.79
C ALA A 401 1.62 -7.69 18.77
N PRO A 402 0.53 -6.97 18.54
CA PRO A 402 0.19 -5.83 19.40
C PRO A 402 -0.37 -6.29 20.73
N PRO A 403 -0.40 -5.43 21.74
CA PRO A 403 -0.99 -5.82 23.02
C PRO A 403 -2.46 -6.16 22.89
N ILE A 404 -2.96 -6.94 23.84
CA ILE A 404 -4.32 -7.44 23.79
C ILE A 404 -5.29 -6.40 24.31
N GLY A 405 -5.76 -5.53 23.43
CA GLY A 405 -6.72 -4.52 23.79
C GLY A 405 -7.34 -3.89 22.55
N PRO A 406 -8.13 -2.83 22.74
CA PRO A 406 -8.54 -2.27 24.03
C PRO A 406 -9.90 -2.80 24.48
N PHE A 407 -10.33 -2.42 25.67
CA PHE A 407 -11.60 -2.86 26.22
C PHE A 407 -12.51 -1.66 26.45
N LEU A 408 -13.81 -1.92 26.47
CA LEU A 408 -14.77 -0.93 26.91
C LEU A 408 -14.63 -0.72 28.41
N PRO A 409 -15.09 0.42 28.92
CA PRO A 409 -15.04 0.63 30.37
C PRO A 409 -15.89 -0.38 31.12
N GLY A 410 -15.25 -1.26 31.89
CA GLY A 410 -15.95 -2.26 32.65
C GLY A 410 -15.65 -3.70 32.26
N GLU A 411 -14.84 -3.94 31.25
CA GLU A 411 -14.58 -5.29 30.76
C GLU A 411 -13.18 -5.73 31.15
N VAL A 412 -13.06 -6.99 31.55
CA VAL A 412 -11.78 -7.57 31.87
C VAL A 412 -11.50 -8.66 30.85
N LEU A 413 -10.34 -9.30 30.94
CA LEU A 413 -9.90 -10.28 29.96
C LEU A 413 -10.18 -11.68 30.49
N LEU A 414 -10.98 -12.45 29.76
CA LEU A 414 -11.20 -13.84 30.12
C LEU A 414 -9.95 -14.65 29.78
N ARG A 415 -9.45 -15.40 30.76
CA ARG A 415 -8.17 -16.08 30.67
C ARG A 415 -8.39 -17.58 30.77
N PHE A 416 -7.73 -18.33 29.89
CA PHE A 416 -7.63 -19.78 30.03
C PHE A 416 -6.34 -20.09 30.78
N ARG A 417 -6.41 -21.06 31.70
CA ARG A 417 -5.38 -21.24 32.71
C ARG A 417 -4.89 -22.68 32.69
N THR A 418 -3.60 -22.87 32.49
CA THR A 418 -3.01 -24.19 32.62
C THR A 418 -1.77 -24.11 33.49
N TYR A 419 -1.45 -25.23 34.14
CA TYR A 419 -0.36 -25.30 35.09
C TYR A 419 0.76 -26.14 34.52
N MET A 420 2.00 -25.67 34.66
CA MET A 420 3.14 -26.24 33.99
C MET A 420 4.01 -27.02 34.98
N ARG A 421 5.11 -27.58 34.46
CA ARG A 421 6.14 -28.18 35.29
C ARG A 421 7.18 -27.12 35.64
N GLN A 422 7.54 -27.04 36.91
CA GLN A 422 8.43 -25.99 37.38
C GLN A 422 9.45 -26.54 38.37
N ILE A 423 10.69 -26.13 38.18
CA ILE A 423 11.74 -26.34 39.17
C ILE A 423 11.64 -25.22 40.20
N ASP A 424 11.49 -25.58 41.47
CA ASP A 424 11.19 -24.61 42.52
C ASP A 424 11.94 -24.98 43.79
N THR A 425 12.71 -24.03 44.31
CA THR A 425 13.51 -24.30 45.50
C THR A 425 12.73 -24.09 46.78
N ALA A 426 11.86 -23.08 46.83
CA ALA A 426 11.17 -22.71 48.05
C ALA A 426 9.67 -22.93 47.98
N ASP A 427 8.99 -22.33 47.02
CA ASP A 427 7.53 -22.34 47.01
C ASP A 427 7.00 -23.72 46.62
N ALA A 428 5.70 -23.90 46.78
CA ALA A 428 5.06 -25.17 46.46
C ALA A 428 3.72 -25.00 45.76
N ALA A 429 3.39 -23.79 45.30
CA ALA A 429 2.15 -23.54 44.58
C ALA A 429 2.31 -23.91 43.11
N ALA A 430 1.21 -23.83 42.37
CA ALA A 430 1.21 -24.16 40.95
C ALA A 430 1.50 -22.91 40.13
N GLU A 431 2.34 -23.08 39.11
CA GLU A 431 2.71 -21.98 38.22
C GLU A 431 1.68 -21.90 37.11
N ALA A 432 0.71 -21.00 37.26
CA ALA A 432 -0.35 -20.84 36.29
C ALA A 432 0.11 -19.94 35.16
N ILE A 433 -0.08 -20.40 33.93
CA ILE A 433 0.12 -19.60 32.74
C ILE A 433 -1.24 -19.42 32.08
N ASP A 434 -1.43 -18.26 31.46
CA ASP A 434 -2.72 -17.85 30.93
C ASP A 434 -2.61 -17.58 29.44
N CYS A 435 -3.60 -18.05 28.69
CA CYS A 435 -3.72 -17.80 27.27
C CYS A 435 -5.09 -17.21 26.95
N ALA A 436 -5.22 -16.73 25.72
CA ALA A 436 -6.45 -16.10 25.24
C ALA A 436 -7.40 -17.12 24.65
N LEU A 437 -6.91 -17.92 23.70
CA LEU A 437 -7.65 -19.02 23.10
C LEU A 437 -6.81 -20.29 23.19
N PRO A 438 -7.42 -21.41 23.54
CA PRO A 438 -6.69 -22.67 23.57
C PRO A 438 -6.51 -23.22 22.16
N GLN A 439 -5.74 -24.30 22.06
CA GLN A 439 -5.76 -25.04 20.82
C GLN A 439 -7.17 -25.57 20.57
N GLU A 440 -7.38 -26.10 19.36
CA GLU A 440 -8.72 -26.44 18.87
C GLU A 440 -9.53 -25.17 18.63
N PHE A 441 -8.99 -24.01 19.01
CA PHE A 441 -9.51 -22.72 18.61
C PHE A 441 -8.55 -21.97 17.71
N VAL A 442 -7.25 -22.22 17.84
CA VAL A 442 -6.27 -21.70 16.88
C VAL A 442 -6.19 -22.61 15.66
N SER A 443 -6.27 -23.92 15.84
CA SER A 443 -6.88 -24.72 14.81
C SER A 443 -8.38 -24.50 14.88
N TRP A 444 -9.08 -24.85 13.81
CA TRP A 444 -10.50 -24.50 13.61
C TRP A 444 -10.62 -23.01 13.29
N PHE A 445 -9.55 -22.28 13.50
CA PHE A 445 -9.28 -21.08 12.72
C PHE A 445 -8.06 -21.44 11.89
N ALA A 446 -7.86 -20.70 10.79
CA ALA A 446 -6.82 -21.02 9.84
C ALA A 446 -6.98 -22.42 9.23
N SER A 447 -8.11 -23.07 9.46
CA SER A 447 -8.49 -24.23 8.67
C SER A 447 -9.74 -23.95 7.86
N ASN A 448 -10.80 -23.48 8.51
CA ASN A 448 -11.88 -22.78 7.85
C ASN A 448 -11.75 -21.30 8.15
N ALA A 449 -11.60 -20.50 7.09
CA ALA A 449 -11.35 -19.08 7.23
C ALA A 449 -12.70 -18.37 7.19
N PHE A 450 -13.13 -17.85 8.34
CA PHE A 450 -14.37 -17.11 8.39
C PHE A 450 -14.15 -15.67 7.95
N THR A 451 -15.24 -14.98 7.70
CA THR A 451 -15.19 -13.53 7.53
C THR A 451 -15.38 -12.91 8.91
N VAL A 452 -15.75 -11.64 8.98
CA VAL A 452 -15.94 -10.97 10.26
C VAL A 452 -17.28 -10.27 10.35
N GLN A 453 -17.59 -9.40 9.38
CA GLN A 453 -18.89 -8.75 9.28
C GLN A 453 -19.20 -7.80 10.43
N SER A 454 -18.36 -7.75 11.46
CA SER A 454 -18.55 -6.82 12.57
C SER A 454 -17.29 -6.86 13.43
N GLU A 455 -17.37 -6.22 14.60
CA GLU A 455 -16.21 -6.06 15.46
C GLU A 455 -16.12 -7.08 16.58
N ALA A 456 -17.18 -7.80 16.91
CA ALA A 456 -17.05 -8.84 17.93
C ALA A 456 -18.07 -9.93 17.71
N LEU A 457 -17.85 -11.07 18.36
CA LEU A 457 -18.83 -12.15 18.45
C LEU A 457 -19.34 -12.24 19.87
N LEU A 458 -20.65 -12.25 20.04
CA LEU A 458 -21.26 -12.45 21.34
C LEU A 458 -21.38 -13.96 21.56
N LEU A 459 -20.48 -14.51 22.35
CA LEU A 459 -20.60 -15.92 22.69
C LEU A 459 -21.58 -16.10 23.85
N ARG A 460 -21.88 -17.35 24.17
CA ARG A 460 -22.82 -17.63 25.26
C ARG A 460 -22.40 -18.96 25.89
N TYR A 461 -21.59 -18.88 26.92
CA TYR A 461 -21.13 -20.06 27.63
C TYR A 461 -22.26 -20.60 28.49
N ARG A 462 -22.66 -21.85 28.24
CA ARG A 462 -23.67 -22.47 29.09
C ARG A 462 -23.29 -23.92 29.32
N ASN A 463 -23.60 -24.40 30.52
CA ASN A 463 -23.30 -25.77 30.89
C ASN A 463 -24.18 -26.74 30.12
N THR A 464 -23.58 -27.83 29.66
CA THR A 464 -24.30 -28.81 28.86
C THR A 464 -25.36 -29.56 29.66
N LEU A 465 -25.29 -29.51 30.98
CA LEU A 465 -26.29 -30.12 31.86
C LEU A 465 -27.12 -29.01 32.49
N THR A 466 -28.44 -29.13 32.39
CA THR A 466 -29.45 -28.21 32.91
C THR A 466 -29.51 -26.89 32.14
N GLY A 467 -28.66 -26.67 31.15
CA GLY A 467 -28.77 -25.48 30.33
C GLY A 467 -28.59 -24.18 31.08
N GLN A 468 -27.90 -24.20 32.21
CA GLN A 468 -27.63 -22.99 32.95
C GLN A 468 -26.68 -22.09 32.16
N LEU A 469 -26.97 -20.79 32.15
CA LEU A 469 -26.16 -19.81 31.43
C LEU A 469 -25.08 -19.29 32.35
N LEU A 470 -23.83 -19.65 32.08
CA LEU A 470 -22.73 -19.27 32.96
C LEU A 470 -22.42 -17.79 32.83
N PHE A 471 -22.11 -17.33 31.63
CA PHE A 471 -21.86 -15.92 31.38
C PHE A 471 -22.11 -15.61 29.91
N GLU A 472 -21.74 -14.41 29.49
CA GLU A 472 -21.90 -13.96 28.12
C GLU A 472 -20.73 -13.06 27.80
N CYS A 473 -19.95 -13.42 26.79
CA CYS A 473 -18.68 -12.79 26.55
C CYS A 473 -18.63 -12.28 25.12
N LYS A 474 -17.66 -11.41 24.85
CA LYS A 474 -17.44 -10.85 23.53
C LYS A 474 -16.12 -11.39 23.02
N LEU A 475 -16.16 -12.22 21.98
CA LEU A 475 -14.93 -12.63 21.31
C LEU A 475 -14.58 -11.56 20.30
N TYR A 476 -13.65 -10.69 20.66
CA TYR A 476 -13.26 -9.63 19.74
C TYR A 476 -12.59 -10.23 18.53
N ASN A 477 -12.67 -9.51 17.41
CA ASN A 477 -12.19 -10.04 16.15
C ASN A 477 -10.70 -10.31 16.15
N GLU A 478 -9.96 -9.86 17.16
CA GLU A 478 -8.53 -10.13 17.26
C GLU A 478 -8.23 -11.36 18.09
N GLY A 479 -9.22 -12.23 18.28
CA GLY A 479 -8.97 -13.51 18.90
C GLY A 479 -8.66 -13.43 20.38
N TYR A 480 -9.55 -12.80 21.13
CA TYR A 480 -9.48 -12.79 22.58
C TYR A 480 -10.85 -12.44 23.10
N ILE A 481 -11.17 -12.93 24.29
CA ILE A 481 -12.50 -12.84 24.85
C ILE A 481 -12.50 -11.81 25.98
N ALA A 482 -13.41 -10.85 25.90
CA ALA A 482 -13.67 -9.90 26.97
C ALA A 482 -14.97 -10.25 27.68
N LEU A 483 -15.03 -9.89 28.94
CA LEU A 483 -16.13 -10.33 29.81
C LEU A 483 -16.38 -9.25 30.84
N SER A 484 -17.59 -8.69 30.84
CA SER A 484 -17.87 -7.51 31.64
C SER A 484 -17.98 -7.83 33.13
N TYR A 485 -16.85 -7.84 33.82
CA TYR A 485 -16.77 -8.22 35.23
C TYR A 485 -16.25 -7.04 36.02
N SER A 486 -17.05 -6.58 36.99
CA SER A 486 -16.72 -5.37 37.76
C SER A 486 -16.31 -5.69 39.19
N GLY A 487 -15.96 -6.94 39.48
CA GLY A 487 -15.50 -7.31 40.80
C GLY A 487 -14.09 -6.83 41.06
N SER A 488 -13.50 -7.39 42.11
CA SER A 488 -12.15 -7.03 42.52
C SER A 488 -11.16 -8.18 42.36
N GLY A 489 -11.45 -9.34 42.96
CA GLY A 489 -10.57 -10.46 42.86
C GLY A 489 -10.93 -11.37 41.70
N PRO A 490 -10.34 -12.56 41.66
CA PRO A 490 -10.63 -13.49 40.58
C PRO A 490 -12.07 -13.99 40.65
N LEU A 491 -12.47 -14.69 39.59
CA LEU A 491 -13.76 -15.37 39.56
C LEU A 491 -13.64 -16.50 38.54
N THR A 492 -13.59 -17.73 39.02
CA THR A 492 -13.41 -18.89 38.16
C THR A 492 -14.75 -19.50 37.80
N PHE A 493 -14.85 -20.01 36.58
CA PHE A 493 -16.03 -20.66 36.07
C PHE A 493 -15.77 -22.15 35.85
N PRO A 494 -16.81 -22.96 35.80
CA PRO A 494 -16.62 -24.38 35.47
C PRO A 494 -16.18 -24.54 34.02
N THR A 495 -15.42 -25.60 33.79
CA THR A 495 -14.84 -25.90 32.48
C THR A 495 -15.48 -27.12 31.84
N ASP A 496 -16.80 -27.25 31.97
CA ASP A 496 -17.53 -28.33 31.30
C ASP A 496 -18.75 -27.79 30.56
N GLY A 497 -18.69 -26.53 30.13
CA GLY A 497 -19.67 -25.97 29.24
C GLY A 497 -19.16 -25.87 27.82
N ILE A 498 -20.01 -25.37 26.94
CA ILE A 498 -19.68 -25.24 25.52
C ILE A 498 -20.02 -23.83 25.07
N PHE A 499 -19.02 -23.11 24.55
CA PHE A 499 -19.28 -21.82 23.94
C PHE A 499 -20.14 -21.99 22.70
N GLU A 500 -21.12 -21.11 22.54
CA GLU A 500 -22.00 -21.14 21.38
C GLU A 500 -22.13 -19.73 20.83
N VAL A 501 -21.74 -19.55 19.57
CA VAL A 501 -21.85 -18.23 18.95
C VAL A 501 -23.31 -17.83 18.83
N VAL A 502 -23.64 -16.67 19.37
CA VAL A 502 -24.99 -16.14 19.29
C VAL A 502 -25.15 -15.17 18.13
N SER A 503 -24.22 -14.24 17.98
CA SER A 503 -24.37 -13.21 16.97
C SER A 503 -23.07 -12.43 16.84
N TRP A 504 -23.06 -11.53 15.87
CA TRP A 504 -22.04 -10.50 15.78
C TRP A 504 -22.55 -9.27 16.49
N VAL A 505 -21.69 -8.65 17.29
CA VAL A 505 -22.08 -7.48 18.05
C VAL A 505 -21.07 -6.38 17.74
N PRO A 506 -21.49 -5.12 17.68
CA PRO A 506 -20.54 -4.05 17.44
C PRO A 506 -19.58 -3.88 18.61
N ARG A 507 -18.63 -2.96 18.46
CA ARG A 507 -17.62 -2.77 19.49
C ARG A 507 -18.23 -2.22 20.77
N LEU A 508 -19.30 -1.42 20.66
CA LEU A 508 -19.85 -0.73 21.81
C LEU A 508 -20.83 -1.56 22.62
N TYR A 509 -21.18 -2.76 22.17
CA TYR A 509 -22.19 -3.57 22.84
C TYR A 509 -21.85 -3.75 24.32
N GLN A 510 -22.89 -3.80 25.14
CA GLN A 510 -22.76 -3.77 26.58
C GLN A 510 -23.18 -5.12 27.14
N LEU A 511 -22.24 -5.85 27.70
CA LEU A 511 -22.52 -7.20 28.19
C LEU A 511 -23.20 -7.14 29.53
N ALA A 512 -24.02 -8.16 29.80
CA ALA A 512 -24.59 -8.31 31.13
C ALA A 512 -23.47 -8.63 32.13
N SER A 513 -23.49 -7.94 33.26
CA SER A 513 -22.45 -8.14 34.25
C SER A 513 -22.50 -9.54 34.83
N VAL A 514 -21.35 -10.02 35.29
CA VAL A 514 -21.25 -11.29 35.99
C VAL A 514 -21.05 -10.99 37.47
N GLY A 515 -21.53 -11.90 38.31
CA GLY A 515 -21.58 -11.65 39.74
C GLY A 515 -20.64 -12.47 40.59
N SER A 516 -19.68 -11.81 41.22
CA SER A 516 -18.68 -12.48 42.06
C SER A 516 -19.31 -12.99 43.35
N SER B 1 -14.72 47.51 -35.62
CA SER B 1 -14.86 46.09 -35.90
C SER B 1 -14.26 45.82 -37.24
N GLY B 2 -13.57 44.70 -37.38
CA GLY B 2 -13.01 44.32 -38.65
C GLY B 2 -13.03 42.81 -38.79
N GLN B 3 -13.17 42.36 -40.03
CA GLN B 3 -13.20 40.93 -40.32
C GLN B 3 -12.00 40.51 -41.15
N ASP B 4 -10.83 40.98 -40.74
CA ASP B 4 -9.55 40.36 -41.08
C ASP B 4 -9.14 39.33 -40.05
N LEU B 5 -10.11 38.79 -39.32
CA LEU B 5 -9.97 37.68 -38.39
C LEU B 5 -10.66 36.44 -38.94
N VAL B 6 -10.70 35.40 -38.14
CA VAL B 6 -11.32 34.13 -38.51
C VAL B 6 -12.78 34.19 -38.07
N PRO B 7 -13.74 33.91 -38.94
CA PRO B 7 -15.14 34.20 -38.58
C PRO B 7 -15.62 33.42 -37.39
N ALA B 8 -15.55 32.10 -37.47
CA ALA B 8 -16.00 31.22 -36.41
C ALA B 8 -15.41 29.86 -36.67
N ALA B 9 -15.05 29.17 -35.60
CA ALA B 9 -14.38 27.87 -35.71
C ALA B 9 -15.38 26.75 -35.59
N VAL B 10 -16.55 26.94 -36.20
CA VAL B 10 -17.77 26.19 -35.93
C VAL B 10 -17.44 24.72 -35.70
N GLU B 11 -17.92 24.19 -34.57
CA GLU B 11 -17.47 22.89 -34.10
C GLU B 11 -17.57 21.90 -35.25
N GLN B 12 -16.43 21.41 -35.70
CA GLN B 12 -16.43 20.43 -36.76
C GLN B 12 -17.22 19.22 -36.32
N ALA B 13 -17.61 18.40 -37.29
CA ALA B 13 -18.29 17.20 -36.88
C ALA B 13 -17.24 16.33 -36.19
N VAL B 14 -17.13 16.47 -34.88
CA VAL B 14 -16.16 15.66 -34.15
C VAL B 14 -16.70 14.24 -34.19
N PRO B 15 -15.87 13.26 -34.44
CA PRO B 15 -16.38 11.90 -34.57
C PRO B 15 -16.77 11.28 -33.25
N ILE B 16 -18.00 11.52 -32.79
CA ILE B 16 -18.45 10.94 -31.55
C ILE B 16 -19.96 10.85 -31.59
N GLN B 17 -20.49 9.73 -31.11
CA GLN B 17 -21.93 9.52 -31.07
C GLN B 17 -22.52 10.27 -29.90
N PRO B 18 -23.84 10.39 -29.83
CA PRO B 18 -24.45 10.98 -28.64
C PRO B 18 -24.45 10.01 -27.47
N VAL B 19 -24.29 10.57 -26.28
CA VAL B 19 -24.11 9.79 -25.06
C VAL B 19 -25.27 10.09 -24.12
N ALA B 20 -25.79 9.05 -23.47
CA ALA B 20 -26.92 9.20 -22.58
C ALA B 20 -26.49 9.76 -21.24
N GLY B 21 -27.29 10.66 -20.69
CA GLY B 21 -27.00 11.23 -19.40
C GLY B 21 -27.83 10.61 -18.31
N ALA B 22 -28.73 11.36 -17.72
CA ALA B 22 -29.51 10.86 -16.61
C ALA B 22 -30.52 9.86 -16.99
N ALA B 23 -30.62 9.36 -18.22
CA ALA B 23 -31.61 8.36 -18.54
C ALA B 23 -31.16 6.96 -18.20
N LEU B 24 -29.86 6.75 -17.98
CA LEU B 24 -29.36 5.46 -17.54
C LEU B 24 -29.32 5.34 -16.03
N ALA B 25 -29.05 6.43 -15.33
CA ALA B 25 -28.90 6.40 -13.89
C ALA B 25 -30.19 6.68 -13.14
N ALA B 26 -31.29 6.86 -13.85
CA ALA B 26 -32.56 7.20 -13.23
C ALA B 26 -33.26 6.03 -12.58
N PRO B 27 -33.24 4.82 -13.16
CA PRO B 27 -33.84 3.69 -12.46
C PRO B 27 -32.90 2.99 -11.50
N ALA B 28 -31.81 3.64 -11.14
CA ALA B 28 -30.85 3.08 -10.20
C ALA B 28 -30.57 3.98 -9.03
N ALA B 29 -31.14 5.18 -8.98
CA ALA B 29 -31.13 6.00 -7.79
C ALA B 29 -32.53 6.06 -7.20
N GLY B 30 -32.62 6.16 -5.89
CA GLY B 30 -33.91 6.07 -5.24
C GLY B 30 -34.55 7.39 -4.95
N GLN B 31 -34.35 8.36 -5.83
CA GLN B 31 -34.83 9.72 -5.63
C GLN B 31 -35.14 10.34 -6.98
N ILE B 32 -35.98 11.37 -6.96
CA ILE B 32 -36.26 12.19 -8.14
C ILE B 32 -35.55 13.52 -7.93
N ASN B 33 -34.47 13.74 -8.67
CA ASN B 33 -33.57 14.86 -8.41
C ASN B 33 -33.44 15.70 -9.66
N GLN B 34 -33.81 16.98 -9.55
CA GLN B 34 -33.70 17.89 -10.68
C GLN B 34 -32.99 19.15 -10.21
N ILE B 35 -32.33 19.82 -11.15
CA ILE B 35 -31.62 21.05 -10.82
C ILE B 35 -32.27 22.19 -11.58
N ASP B 36 -32.22 23.37 -10.99
CA ASP B 36 -32.85 24.60 -11.42
C ASP B 36 -32.79 24.75 -12.94
N PRO B 37 -33.92 24.92 -13.63
CA PRO B 37 -33.88 25.02 -15.09
C PRO B 37 -33.24 26.29 -15.63
N TRP B 38 -32.79 27.20 -14.77
CA TRP B 38 -32.10 28.42 -15.17
C TRP B 38 -30.61 28.28 -15.12
N ILE B 39 -30.10 27.19 -14.54
CA ILE B 39 -28.67 26.97 -14.55
C ILE B 39 -28.22 26.50 -15.93
N PHE B 40 -29.11 25.88 -16.68
CA PHE B 40 -28.85 25.46 -18.04
C PHE B 40 -28.93 26.58 -19.04
N GLN B 41 -29.12 27.82 -18.62
CA GLN B 41 -29.47 28.88 -19.54
C GLN B 41 -28.39 29.92 -19.78
N ASN B 42 -27.33 29.94 -18.99
CA ASN B 42 -26.26 30.87 -19.31
C ASN B 42 -24.92 30.20 -19.06
N PHE B 43 -23.92 30.63 -19.83
CA PHE B 43 -22.55 30.13 -19.76
C PHE B 43 -21.79 30.94 -18.72
N VAL B 44 -21.41 30.32 -17.63
CA VAL B 44 -20.62 30.99 -16.61
C VAL B 44 -19.23 30.40 -16.56
N GLN B 45 -18.27 31.22 -16.15
CA GLN B 45 -16.87 30.86 -16.31
C GLN B 45 -16.47 29.79 -15.31
N CYS B 46 -15.68 28.83 -15.79
CA CYS B 46 -15.23 27.71 -14.99
C CYS B 46 -14.47 28.18 -13.76
N PRO B 47 -14.32 27.31 -12.74
CA PRO B 47 -13.36 27.62 -11.68
C PRO B 47 -11.92 27.58 -12.15
N LEU B 48 -11.58 26.69 -13.08
CA LEU B 48 -10.24 26.60 -13.66
C LEU B 48 -10.18 27.20 -15.05
N GLY B 49 -10.98 28.24 -15.29
CA GLY B 49 -11.26 28.65 -16.65
C GLY B 49 -10.51 29.85 -17.14
N GLU B 50 -9.22 29.93 -16.87
CA GLU B 50 -8.42 31.08 -17.26
C GLU B 50 -7.01 30.62 -17.60
N PHE B 51 -6.61 30.77 -18.86
CA PHE B 51 -5.27 30.44 -19.31
C PHE B 51 -4.71 31.58 -20.13
N SER B 52 -3.50 31.42 -20.65
CA SER B 52 -2.90 32.45 -21.48
C SER B 52 -1.80 31.83 -22.33
N ILE B 53 -1.77 32.22 -23.59
CA ILE B 53 -0.75 31.78 -24.54
C ILE B 53 0.20 32.94 -24.75
N SER B 54 1.42 32.83 -24.27
CA SER B 54 2.43 33.81 -24.57
C SER B 54 3.30 33.33 -25.71
N PRO B 55 4.17 34.17 -26.26
CA PRO B 55 5.10 33.69 -27.29
C PRO B 55 6.30 32.95 -26.75
N ARG B 56 6.43 32.82 -25.44
CA ARG B 56 7.47 32.01 -24.83
C ARG B 56 7.06 30.55 -24.68
N ASN B 57 5.83 30.23 -25.02
CA ASN B 57 5.36 28.86 -25.00
C ASN B 57 5.80 28.13 -26.26
N THR B 58 5.96 26.83 -26.16
CA THR B 58 6.41 26.02 -27.27
C THR B 58 5.29 25.11 -27.74
N PRO B 59 5.34 24.64 -28.98
CA PRO B 59 4.34 23.67 -29.41
C PRO B 59 4.39 22.42 -28.55
N GLY B 60 3.23 22.03 -28.05
CA GLY B 60 3.12 20.89 -27.18
C GLY B 60 2.70 21.22 -25.78
N GLU B 61 2.92 22.46 -25.32
CA GLU B 61 2.52 22.81 -23.97
C GLU B 61 1.03 22.62 -23.80
N ILE B 62 0.63 22.13 -22.64
CA ILE B 62 -0.79 21.91 -22.35
C ILE B 62 -1.33 23.17 -21.69
N LEU B 63 -2.19 23.87 -22.41
CA LEU B 63 -2.77 25.12 -21.96
C LEU B 63 -3.80 24.90 -20.87
N PHE B 64 -4.74 23.99 -21.09
CA PHE B 64 -5.67 23.62 -20.05
C PHE B 64 -6.02 22.15 -20.19
N ASP B 65 -6.45 21.56 -19.08
CA ASP B 65 -6.71 20.13 -19.03
C ASP B 65 -7.71 19.93 -17.89
N LEU B 66 -8.97 19.77 -18.24
CA LEU B 66 -10.04 19.82 -17.25
C LEU B 66 -10.99 18.66 -17.45
N ALA B 67 -11.09 17.82 -16.44
CA ALA B 67 -11.93 16.63 -16.52
C ALA B 67 -13.39 16.99 -16.38
N LEU B 68 -14.22 16.35 -17.20
CA LEU B 68 -15.67 16.50 -17.06
C LEU B 68 -16.08 16.19 -15.64
N GLY B 69 -16.88 17.08 -15.07
CA GLY B 69 -17.30 16.92 -13.72
C GLY B 69 -18.27 18.01 -13.33
N PRO B 70 -18.51 18.18 -12.04
CA PRO B 70 -19.12 19.40 -11.55
C PRO B 70 -18.11 20.45 -11.14
N GLY B 71 -16.83 20.19 -11.30
CA GLY B 71 -15.90 21.25 -11.04
C GLY B 71 -15.77 22.23 -12.16
N LEU B 72 -16.60 22.11 -13.20
CA LEU B 72 -16.54 22.97 -14.37
C LEU B 72 -17.61 24.05 -14.34
N ASN B 73 -18.22 24.30 -13.18
CA ASN B 73 -19.29 25.21 -13.15
C ASN B 73 -19.32 25.74 -11.72
N PRO B 74 -19.28 27.05 -11.52
CA PRO B 74 -19.45 27.56 -10.16
C PRO B 74 -20.78 27.22 -9.56
N TYR B 75 -21.81 27.07 -10.39
CA TYR B 75 -23.12 26.69 -9.90
C TYR B 75 -23.13 25.25 -9.42
N LEU B 76 -22.67 24.33 -10.25
CA LEU B 76 -22.69 22.91 -9.93
C LEU B 76 -21.59 22.48 -9.00
N ALA B 77 -20.51 23.23 -8.90
CA ALA B 77 -19.52 22.91 -7.89
C ALA B 77 -20.02 23.23 -6.50
N HIS B 78 -21.04 24.05 -6.40
CA HIS B 78 -21.70 24.42 -5.15
C HIS B 78 -22.85 23.48 -4.85
N LEU B 79 -23.63 23.11 -5.86
CA LEU B 79 -24.69 22.15 -5.69
C LEU B 79 -24.19 20.76 -5.38
N SER B 80 -22.92 20.47 -5.62
CA SER B 80 -22.43 19.11 -5.49
C SER B 80 -21.88 18.83 -4.11
N ALA B 81 -22.27 19.62 -3.12
CA ALA B 81 -22.03 19.27 -1.74
C ALA B 81 -23.21 18.59 -1.12
N MET B 82 -24.39 18.71 -1.73
CA MET B 82 -25.59 18.09 -1.23
C MET B 82 -25.84 16.72 -1.82
N TYR B 83 -25.20 16.36 -2.93
CA TYR B 83 -25.47 15.11 -3.62
C TYR B 83 -24.23 14.23 -3.67
N THR B 84 -24.45 12.93 -3.89
CA THR B 84 -23.36 11.95 -4.06
C THR B 84 -23.60 11.26 -5.38
N GLY B 85 -23.15 11.87 -6.46
CA GLY B 85 -23.33 11.29 -7.77
C GLY B 85 -23.58 12.35 -8.80
N TRP B 86 -23.39 11.99 -10.06
CA TRP B 86 -23.77 12.84 -11.18
C TRP B 86 -23.66 12.06 -12.47
N VAL B 87 -24.32 12.55 -13.51
CA VAL B 87 -24.20 12.01 -14.85
C VAL B 87 -24.48 13.12 -15.82
N GLY B 88 -23.88 13.06 -16.99
CA GLY B 88 -24.37 13.84 -18.09
C GLY B 88 -23.28 14.64 -18.74
N ASN B 89 -23.64 15.27 -19.83
CA ASN B 89 -22.68 15.98 -20.66
C ASN B 89 -22.62 17.43 -20.23
N MET B 90 -21.62 18.13 -20.73
CA MET B 90 -21.51 19.57 -20.52
C MET B 90 -21.19 20.21 -21.86
N GLU B 91 -21.47 21.50 -21.97
CA GLU B 91 -21.15 22.26 -23.17
C GLU B 91 -20.18 23.34 -22.79
N VAL B 92 -19.03 23.39 -23.44
CA VAL B 92 -17.97 24.29 -23.05
C VAL B 92 -17.77 25.28 -24.19
N GLN B 93 -17.66 26.56 -23.84
CA GLN B 93 -17.23 27.60 -24.75
C GLN B 93 -15.80 27.97 -24.44
N LEU B 94 -15.04 28.23 -25.48
CA LEU B 94 -13.63 28.59 -25.37
C LEU B 94 -13.48 29.98 -25.96
N VAL B 95 -13.11 30.95 -25.13
CA VAL B 95 -13.01 32.33 -25.58
C VAL B 95 -11.55 32.70 -25.74
N LEU B 96 -11.01 32.50 -26.92
CA LEU B 96 -9.79 33.16 -27.36
C LEU B 96 -10.17 34.03 -28.54
N ALA B 97 -9.90 35.31 -28.43
CA ALA B 97 -10.24 36.26 -29.49
C ALA B 97 -9.09 37.24 -29.65
N GLY B 98 -7.88 36.70 -29.77
CA GLY B 98 -6.67 37.48 -29.77
C GLY B 98 -6.64 38.58 -30.79
N ASN B 99 -5.58 39.39 -30.73
CA ASN B 99 -5.44 40.57 -31.57
C ASN B 99 -5.50 40.19 -33.05
N ALA B 100 -5.61 41.19 -33.89
CA ALA B 100 -5.64 40.95 -35.32
C ALA B 100 -4.27 40.64 -35.89
N PHE B 101 -3.21 40.83 -35.12
CA PHE B 101 -1.85 40.62 -35.58
C PHE B 101 -1.26 39.30 -35.11
N THR B 102 -1.84 38.65 -34.12
CA THR B 102 -1.30 37.39 -33.66
C THR B 102 -1.55 36.30 -34.68
N ALA B 103 -0.87 35.17 -34.50
CA ALA B 103 -1.04 34.02 -35.36
C ALA B 103 -0.70 32.77 -34.58
N GLY B 104 -1.51 31.74 -34.72
CA GLY B 104 -1.22 30.47 -34.10
C GLY B 104 -2.48 29.67 -33.94
N LYS B 105 -2.31 28.39 -33.64
CA LYS B 105 -3.42 27.48 -33.57
C LYS B 105 -3.31 26.62 -32.33
N VAL B 106 -4.43 26.46 -31.63
CA VAL B 106 -4.53 25.50 -30.54
C VAL B 106 -5.40 24.35 -31.01
N VAL B 107 -5.24 23.19 -30.39
CA VAL B 107 -6.04 22.03 -30.75
C VAL B 107 -6.63 21.45 -29.48
N VAL B 108 -7.95 21.33 -29.44
CA VAL B 108 -8.67 20.88 -28.26
C VAL B 108 -9.16 19.46 -28.51
N ALA B 109 -8.70 18.52 -27.70
CA ALA B 109 -9.00 17.11 -27.89
C ALA B 109 -10.06 16.64 -26.92
N LEU B 110 -10.48 15.40 -27.06
CA LEU B 110 -11.49 14.78 -26.23
C LEU B 110 -10.92 13.46 -25.72
N VAL B 111 -10.17 13.52 -24.64
CA VAL B 111 -9.42 12.35 -24.16
C VAL B 111 -10.38 11.43 -23.41
N PRO B 112 -10.43 10.15 -23.74
CA PRO B 112 -11.39 9.27 -23.10
C PRO B 112 -10.95 8.89 -21.70
N PRO B 113 -11.74 8.12 -20.98
CA PRO B 113 -11.31 7.66 -19.66
C PRO B 113 -10.21 6.62 -19.76
N TYR B 114 -9.55 6.40 -18.63
CA TYR B 114 -8.56 5.34 -18.48
C TYR B 114 -7.34 5.55 -19.36
N PHE B 115 -7.33 6.59 -20.17
CA PHE B 115 -6.14 6.88 -20.94
C PHE B 115 -5.06 7.36 -19.99
N PRO B 116 -3.84 6.81 -20.06
CA PRO B 116 -2.82 7.17 -19.07
C PRO B 116 -2.53 8.66 -19.05
N LYS B 117 -2.46 9.21 -17.85
CA LYS B 117 -2.15 10.62 -17.70
C LYS B 117 -0.65 10.85 -17.75
N GLY B 118 -0.26 12.10 -18.01
CA GLY B 118 1.14 12.39 -18.15
C GLY B 118 1.51 13.16 -19.40
N SER B 119 2.26 12.53 -20.30
CA SER B 119 2.92 13.26 -21.38
C SER B 119 1.94 13.83 -22.41
N LEU B 120 1.27 12.95 -23.15
CA LEU B 120 0.35 13.36 -24.20
C LEU B 120 1.03 14.32 -25.18
N THR B 121 2.00 13.78 -25.92
CA THR B 121 2.76 14.59 -26.85
C THR B 121 1.86 15.17 -27.94
N THR B 122 2.45 16.05 -28.74
CA THR B 122 1.72 16.74 -29.79
C THR B 122 1.44 15.86 -30.99
N ALA B 123 2.21 14.79 -31.17
CA ALA B 123 1.98 13.89 -32.28
C ALA B 123 0.74 13.04 -32.07
N GLN B 124 0.27 12.90 -30.84
CA GLN B 124 -0.83 12.01 -30.52
C GLN B 124 -2.06 12.70 -29.99
N ILE B 125 -2.04 14.01 -29.79
CA ILE B 125 -3.27 14.67 -29.39
C ILE B 125 -4.24 14.83 -30.54
N THR B 126 -3.81 14.60 -31.77
CA THR B 126 -4.71 14.66 -32.90
C THR B 126 -5.40 13.33 -33.17
N CYS B 127 -4.94 12.23 -32.57
CA CYS B 127 -5.59 10.95 -32.78
C CYS B 127 -6.92 10.83 -32.07
N PHE B 128 -7.29 11.79 -31.25
CA PHE B 128 -8.56 11.88 -30.53
C PHE B 128 -9.51 12.79 -31.28
N PRO B 129 -10.79 12.70 -31.03
CA PRO B 129 -11.71 13.67 -31.62
C PRO B 129 -11.35 15.07 -31.19
N HIS B 130 -10.94 15.92 -32.12
CA HIS B 130 -10.37 17.20 -31.76
C HIS B 130 -10.98 18.30 -32.61
N VAL B 131 -10.67 19.53 -32.21
CA VAL B 131 -11.07 20.74 -32.92
C VAL B 131 -9.85 21.64 -32.97
N MET B 132 -9.41 21.98 -34.17
CA MET B 132 -8.27 22.86 -34.34
C MET B 132 -8.76 24.28 -34.55
N CYS B 133 -8.52 25.16 -33.57
CA CYS B 133 -9.08 26.50 -33.59
C CYS B 133 -7.97 27.53 -33.53
N ASP B 134 -8.06 28.52 -34.41
CA ASP B 134 -7.15 29.64 -34.43
C ASP B 134 -7.38 30.53 -33.22
N VAL B 135 -6.33 31.22 -32.79
CA VAL B 135 -6.41 32.06 -31.59
C VAL B 135 -6.92 33.45 -31.93
N ARG B 136 -7.38 33.65 -33.16
CA ARG B 136 -8.00 34.90 -33.52
C ARG B 136 -9.50 34.82 -33.64
N THR B 137 -10.07 33.62 -33.56
CA THR B 137 -11.51 33.45 -33.76
C THR B 137 -12.28 34.47 -32.95
N LEU B 138 -13.31 35.06 -33.56
CA LEU B 138 -14.12 36.03 -32.83
C LEU B 138 -15.16 35.33 -31.96
N GLU B 139 -16.06 34.60 -32.56
CA GLU B 139 -17.18 34.08 -31.79
C GLU B 139 -16.75 32.82 -31.05
N PRO B 140 -17.25 32.62 -29.83
CA PRO B 140 -16.79 31.50 -29.00
C PRO B 140 -17.03 30.16 -29.68
N ILE B 141 -16.22 29.19 -29.29
CA ILE B 141 -16.19 27.88 -29.92
C ILE B 141 -16.91 26.91 -28.98
N GLN B 142 -18.19 26.66 -29.24
CA GLN B 142 -18.87 25.63 -28.49
C GLN B 142 -18.34 24.26 -28.87
N LEU B 143 -18.01 23.48 -27.86
CA LEU B 143 -17.50 22.15 -28.05
C LEU B 143 -18.08 21.29 -26.93
N PRO B 144 -18.43 20.04 -27.22
CA PRO B 144 -19.17 19.24 -26.25
C PRO B 144 -18.21 18.69 -25.19
N LEU B 145 -18.77 17.94 -24.26
CA LEU B 145 -17.96 17.16 -23.33
C LEU B 145 -18.87 16.04 -22.87
N LEU B 146 -18.67 14.86 -23.44
CA LEU B 146 -19.58 13.74 -23.27
C LEU B 146 -19.23 12.95 -22.02
N ASP B 147 -20.22 12.28 -21.47
CA ASP B 147 -19.99 11.37 -20.37
C ASP B 147 -19.87 9.95 -20.88
N VAL B 148 -18.76 9.70 -21.55
CA VAL B 148 -18.33 8.34 -21.84
C VAL B 148 -17.96 7.69 -20.52
N ARG B 149 -18.64 6.61 -20.17
CA ARG B 149 -18.43 6.02 -18.86
C ARG B 149 -18.75 4.55 -18.90
N ARG B 150 -18.12 3.81 -18.01
CA ARG B 150 -18.30 2.38 -17.90
C ARG B 150 -19.45 2.00 -16.98
N VAL B 151 -19.85 2.89 -16.07
CA VAL B 151 -20.79 2.63 -14.98
C VAL B 151 -22.02 3.50 -15.17
N LEU B 152 -22.97 3.44 -14.25
CA LEU B 152 -24.20 4.20 -14.41
C LEU B 152 -24.01 5.67 -14.05
N TRP B 153 -23.39 5.97 -12.92
CA TRP B 153 -23.09 7.34 -12.54
C TRP B 153 -21.71 7.40 -11.92
N HIS B 154 -21.21 8.60 -11.70
CA HIS B 154 -19.97 8.83 -10.99
C HIS B 154 -20.25 9.36 -9.60
N ALA B 155 -19.40 9.03 -8.65
CA ALA B 155 -19.51 9.62 -7.33
C ALA B 155 -18.83 10.98 -7.33
N THR B 156 -19.35 11.92 -6.54
CA THR B 156 -18.79 13.26 -6.57
C THR B 156 -17.52 13.34 -5.74
N GLN B 157 -16.58 12.44 -6.00
CA GLN B 157 -15.25 12.47 -5.43
C GLN B 157 -14.28 12.11 -6.54
N ASP B 158 -13.27 12.97 -6.75
CA ASP B 158 -12.55 13.07 -8.01
C ASP B 158 -11.76 11.82 -8.40
N GLN B 159 -11.83 10.78 -7.61
CA GLN B 159 -11.11 9.58 -8.02
C GLN B 159 -11.75 8.89 -9.22
N GLU B 160 -12.75 9.51 -9.83
CA GLU B 160 -13.42 8.93 -10.97
C GLU B 160 -12.59 9.06 -12.23
N GLU B 161 -12.71 8.08 -13.09
CA GLU B 161 -12.14 8.15 -14.43
C GLU B 161 -13.20 8.76 -15.33
N SER B 162 -12.95 9.97 -15.81
CA SER B 162 -13.94 10.71 -16.57
C SER B 162 -13.24 11.38 -17.73
N MET B 163 -14.02 11.70 -18.74
CA MET B 163 -13.47 12.19 -20.00
C MET B 163 -12.87 13.56 -19.82
N ARG B 164 -11.59 13.71 -20.14
CA ARG B 164 -10.93 15.00 -20.06
C ARG B 164 -11.17 15.81 -21.31
N LEU B 165 -10.67 17.03 -21.31
CA LEU B 165 -10.73 17.92 -22.48
C LEU B 165 -9.41 18.66 -22.47
N VAL B 166 -8.43 18.13 -23.14
CA VAL B 166 -7.09 18.69 -23.16
C VAL B 166 -7.00 19.70 -24.29
N CYS B 167 -6.30 20.80 -24.05
CA CYS B 167 -5.98 21.77 -25.07
C CYS B 167 -4.47 21.90 -25.13
N MET B 168 -3.95 21.98 -26.34
CA MET B 168 -2.50 21.93 -26.53
C MET B 168 -2.10 22.99 -27.53
N LEU B 169 -1.06 23.74 -27.20
CA LEU B 169 -0.54 24.72 -28.14
C LEU B 169 0.03 23.99 -29.34
N TYR B 170 -0.63 24.08 -30.47
CA TYR B 170 -0.25 23.31 -31.64
C TYR B 170 0.80 24.03 -32.47
N THR B 171 0.50 25.23 -32.93
CA THR B 171 1.59 25.99 -33.50
C THR B 171 1.89 27.20 -32.60
N PRO B 172 3.14 27.65 -32.53
CA PRO B 172 3.48 28.72 -31.59
C PRO B 172 2.83 30.05 -31.93
N LEU B 173 2.81 30.95 -30.96
CA LEU B 173 2.14 32.24 -31.08
C LEU B 173 3.15 33.30 -31.52
N ARG B 174 2.87 33.99 -32.61
CA ARG B 174 3.74 35.02 -33.15
C ARG B 174 2.89 36.25 -33.49
N THR B 175 3.53 37.39 -33.73
CA THR B 175 2.79 38.60 -34.13
C THR B 175 3.49 39.36 -35.23
N ASN B 176 2.69 39.82 -36.20
CA ASN B 176 3.13 40.70 -37.27
C ASN B 176 3.38 42.11 -36.82
N SER B 177 2.89 42.51 -35.66
CA SER B 177 2.79 43.92 -35.32
C SER B 177 4.17 44.57 -35.36
N PRO B 178 4.32 45.72 -36.00
CA PRO B 178 5.67 46.28 -36.22
C PRO B 178 6.35 46.80 -34.98
N GLY B 179 5.70 46.86 -33.83
CA GLY B 179 6.36 47.48 -32.72
C GLY B 179 6.56 46.67 -31.45
N ASP B 180 7.80 46.27 -31.20
CA ASP B 180 8.40 46.01 -29.89
C ASP B 180 7.47 45.46 -28.82
N GLU B 181 6.57 44.56 -29.19
CA GLU B 181 5.67 43.96 -28.22
C GLU B 181 4.95 42.78 -28.86
N SER B 182 4.95 41.64 -28.19
CA SER B 182 4.21 40.48 -28.64
C SER B 182 3.01 40.32 -27.72
N PHE B 183 1.81 40.40 -28.29
CA PHE B 183 0.62 40.30 -27.48
C PHE B 183 0.48 38.89 -26.92
N VAL B 184 -0.26 38.80 -25.83
CA VAL B 184 -0.39 37.57 -25.06
C VAL B 184 -1.88 37.24 -25.06
N VAL B 185 -2.33 36.46 -26.04
CA VAL B 185 -3.72 36.09 -26.08
C VAL B 185 -4.10 35.35 -24.82
N SER B 186 -5.13 35.84 -24.14
CA SER B 186 -5.57 35.30 -22.87
C SER B 186 -7.00 34.79 -23.03
N GLY B 187 -7.16 33.48 -23.06
CA GLY B 187 -8.46 32.88 -23.24
C GLY B 187 -9.16 32.63 -21.93
N ARG B 188 -10.44 32.27 -22.05
CA ARG B 188 -11.27 31.97 -20.91
C ARG B 188 -12.12 30.76 -21.26
N LEU B 189 -12.77 30.20 -20.25
CA LEU B 189 -13.57 29.00 -20.44
C LEU B 189 -14.90 29.19 -19.77
N LEU B 190 -15.96 28.96 -20.52
CA LEU B 190 -17.31 29.08 -20.01
C LEU B 190 -17.97 27.72 -20.17
N SER B 191 -18.96 27.42 -19.35
CA SER B 191 -19.48 26.07 -19.34
C SER B 191 -20.91 26.06 -18.87
N LYS B 192 -21.69 25.14 -19.40
CA LYS B 192 -23.01 24.98 -18.83
C LYS B 192 -23.48 23.55 -19.02
N PRO B 193 -24.24 23.01 -18.07
CA PRO B 193 -24.63 21.61 -18.17
C PRO B 193 -25.46 21.36 -19.41
N ALA B 194 -25.37 20.16 -19.94
CA ALA B 194 -26.11 19.83 -21.13
C ALA B 194 -27.56 19.56 -20.74
N ALA B 195 -28.33 19.01 -21.64
CA ALA B 195 -29.76 18.91 -21.37
C ALA B 195 -30.10 17.83 -20.37
N ASP B 196 -29.19 16.91 -20.09
CA ASP B 196 -29.51 15.79 -19.20
C ASP B 196 -28.46 15.58 -18.12
N PHE B 197 -27.70 16.61 -17.77
CA PHE B 197 -26.93 16.53 -16.55
C PHE B 197 -27.89 16.31 -15.39
N ASN B 198 -27.41 15.63 -14.37
CA ASN B 198 -28.26 15.41 -13.21
C ASN B 198 -27.42 14.91 -12.05
N PHE B 199 -27.76 15.35 -10.85
CA PHE B 199 -27.16 14.83 -9.64
C PHE B 199 -28.00 13.70 -9.11
N VAL B 200 -27.48 12.96 -8.14
CA VAL B 200 -28.14 11.70 -7.83
C VAL B 200 -28.84 11.61 -6.47
N TYR B 201 -28.12 11.71 -5.36
CA TYR B 201 -28.70 11.32 -4.08
C TYR B 201 -28.44 12.37 -3.00
N LEU B 202 -29.44 13.18 -2.70
CA LEU B 202 -29.30 14.23 -1.70
C LEU B 202 -28.67 13.72 -0.43
N THR B 203 -27.64 14.41 0.03
CA THR B 203 -26.86 13.99 1.19
C THR B 203 -26.63 15.26 2.01
N PRO B 204 -26.11 15.19 3.24
CA PRO B 204 -25.90 16.41 4.00
C PRO B 204 -24.90 17.32 3.33
N PRO B 205 -25.22 18.58 3.17
CA PRO B 205 -24.31 19.49 2.50
C PRO B 205 -23.13 19.86 3.37
N ILE B 206 -21.98 19.28 3.10
CA ILE B 206 -20.77 19.54 3.86
C ILE B 206 -19.90 20.49 3.06
N GLU B 207 -19.31 21.46 3.76
CA GLU B 207 -18.49 22.47 3.10
C GLU B 207 -17.13 21.93 2.70
N ARG B 208 -16.54 21.06 3.52
CA ARG B 208 -15.18 20.56 3.29
C ARG B 208 -15.19 19.48 2.21
N THR B 209 -15.41 19.92 0.97
CA THR B 209 -15.47 19.02 -0.17
C THR B 209 -14.26 19.23 -1.08
N ILE B 210 -14.15 18.36 -2.08
CA ILE B 210 -13.02 18.40 -2.99
C ILE B 210 -13.08 19.61 -3.90
N TYR B 211 -14.25 20.19 -4.06
CA TYR B 211 -14.46 21.49 -4.67
C TYR B 211 -14.33 22.52 -3.56
N ARG B 212 -14.96 23.69 -3.67
CA ARG B 212 -14.73 24.75 -2.70
C ARG B 212 -13.31 25.29 -2.80
N MET B 213 -13.07 26.06 -3.86
CA MET B 213 -11.82 26.73 -4.11
C MET B 213 -11.30 27.46 -2.87
N VAL B 214 -9.97 27.61 -2.82
CA VAL B 214 -9.30 28.23 -1.69
C VAL B 214 -9.88 29.59 -1.39
N ASP B 215 -9.95 29.92 -0.11
CA ASP B 215 -10.26 31.25 0.37
C ASP B 215 -9.10 31.76 1.21
N LEU B 216 -8.90 33.06 1.20
CA LEU B 216 -7.90 33.66 2.07
C LEU B 216 -8.61 34.51 3.12
N PRO B 217 -7.95 34.81 4.23
CA PRO B 217 -8.56 35.67 5.23
C PRO B 217 -8.69 37.09 4.73
N VAL B 218 -9.75 37.77 5.16
CA VAL B 218 -9.86 39.21 4.93
C VAL B 218 -9.18 39.89 6.11
N ILE B 219 -7.86 39.95 6.04
CA ILE B 219 -7.05 40.73 6.96
C ILE B 219 -5.91 41.34 6.18
N GLN B 220 -5.65 42.62 6.43
CA GLN B 220 -4.64 43.34 5.68
C GLN B 220 -3.26 42.77 6.02
N PRO B 221 -2.33 42.78 5.08
CA PRO B 221 -1.01 42.19 5.33
C PRO B 221 -0.13 43.07 6.19
N ARG B 222 -0.71 44.08 6.85
CA ARG B 222 0.03 44.86 7.82
C ARG B 222 -0.49 44.69 9.23
N LEU B 223 -1.63 44.05 9.41
CA LEU B 223 -2.05 43.56 10.72
C LEU B 223 -1.62 42.13 10.94
N CYS B 224 -1.26 41.42 9.88
CA CYS B 224 -0.80 40.04 10.00
C CYS B 224 0.50 39.99 10.80
N THR B 225 0.78 38.81 11.33
CA THR B 225 2.02 38.55 12.04
C THR B 225 3.00 37.85 11.12
N HIS B 226 4.28 37.95 11.45
CA HIS B 226 5.31 37.35 10.63
C HIS B 226 5.46 35.86 10.97
N ALA B 227 5.99 35.11 10.00
CA ALA B 227 6.13 33.67 10.11
C ALA B 227 7.57 33.23 10.28
N ARG B 228 8.50 34.17 10.42
CA ARG B 228 9.89 33.86 10.69
C ARG B 228 10.47 34.57 11.91
N TRP B 229 9.76 35.54 12.48
CA TRP B 229 10.20 36.30 13.64
C TRP B 229 8.97 36.91 14.27
N PRO B 230 8.88 36.97 15.59
CA PRO B 230 7.65 37.45 16.26
C PRO B 230 7.42 38.96 16.19
N ALA B 231 6.90 39.43 15.06
CA ALA B 231 6.67 40.85 14.84
C ALA B 231 5.56 41.00 13.82
N PRO B 232 4.99 42.20 13.68
CA PRO B 232 4.05 42.44 12.57
C PRO B 232 4.74 42.45 11.22
N VAL B 233 3.99 42.73 10.16
CA VAL B 233 4.53 42.85 8.81
C VAL B 233 4.54 44.32 8.45
N TYR B 234 5.68 44.82 7.97
CA TYR B 234 5.85 46.25 7.71
C TYR B 234 5.99 46.56 6.23
N GLY B 235 5.47 45.70 5.36
CA GLY B 235 5.46 46.00 3.95
C GLY B 235 5.91 44.85 3.07
N LEU B 236 5.09 44.50 2.09
CA LEU B 236 5.45 43.48 1.11
C LEU B 236 6.06 44.14 -0.12
N LEU B 237 7.05 43.47 -0.70
CA LEU B 237 7.77 44.06 -1.83
C LEU B 237 8.39 42.97 -2.68
N VAL B 238 8.90 43.38 -3.85
CA VAL B 238 9.49 42.49 -4.82
C VAL B 238 10.88 43.01 -5.17
N ASP B 239 11.89 42.15 -5.01
CA ASP B 239 13.28 42.58 -5.18
C ASP B 239 14.05 41.58 -6.03
N PRO B 240 14.51 41.98 -7.22
CA PRO B 240 15.21 41.04 -8.10
C PRO B 240 16.70 40.90 -7.82
N SER B 241 17.27 41.71 -6.93
CA SER B 241 18.70 41.72 -6.66
C SER B 241 19.03 40.99 -5.37
N LEU B 242 18.32 39.91 -5.08
CA LEU B 242 18.44 39.16 -3.83
C LEU B 242 18.59 37.68 -4.17
N PRO B 243 18.81 36.79 -3.20
CA PRO B 243 18.76 35.36 -3.50
C PRO B 243 17.39 34.95 -4.02
N SER B 244 17.36 34.52 -5.29
CA SER B 244 16.09 34.35 -5.98
C SER B 244 15.33 33.11 -5.49
N ASN B 245 16.04 32.01 -5.25
CA ASN B 245 15.44 30.76 -4.78
C ASN B 245 15.99 30.46 -3.39
N PRO B 246 15.44 31.07 -2.35
CA PRO B 246 15.95 30.87 -1.00
C PRO B 246 15.47 29.57 -0.39
N GLN B 247 16.18 29.13 0.63
CA GLN B 247 15.87 27.85 1.27
C GLN B 247 15.39 28.04 2.70
N TRP B 248 14.49 29.00 2.91
CA TRP B 248 13.91 29.23 4.21
C TRP B 248 13.19 27.98 4.70
N GLN B 249 12.85 27.97 6.00
CA GLN B 249 12.27 26.79 6.63
C GLN B 249 11.00 27.08 7.43
N ASN B 250 10.76 28.31 7.84
CA ASN B 250 9.55 28.67 8.58
C ASN B 250 8.60 29.43 7.65
N GLY B 251 7.31 29.35 7.98
CA GLY B 251 6.32 29.97 7.13
C GLY B 251 6.21 29.34 5.76
N ARG B 252 6.55 28.06 5.66
CA ARG B 252 6.50 27.33 4.40
C ARG B 252 5.51 26.20 4.55
N VAL B 253 4.41 26.27 3.80
CA VAL B 253 3.31 25.33 3.95
C VAL B 253 2.68 25.13 2.58
N HIS B 254 2.38 23.87 2.25
CA HIS B 254 1.59 23.59 1.07
C HIS B 254 0.23 24.28 1.16
N VAL B 255 -0.46 24.37 0.04
CA VAL B 255 -1.81 24.91 0.09
C VAL B 255 -2.78 23.85 0.59
N ASP B 256 -2.52 22.58 0.35
CA ASP B 256 -3.39 21.53 0.84
C ASP B 256 -3.19 21.24 2.31
N GLY B 257 -2.53 22.12 3.05
CA GLY B 257 -2.52 22.04 4.49
C GLY B 257 -1.23 21.56 5.13
N THR B 258 -0.59 20.55 4.54
CA THR B 258 0.55 19.92 5.18
C THR B 258 1.70 20.92 5.32
N LEU B 259 2.14 21.14 6.54
CA LEU B 259 3.25 22.06 6.78
C LEU B 259 4.55 21.45 6.27
N LEU B 260 5.55 22.30 6.09
CA LEU B 260 6.83 21.90 5.52
C LEU B 260 7.95 22.34 6.45
N GLY B 261 8.79 21.39 6.85
CA GLY B 261 9.96 21.74 7.63
C GLY B 261 9.61 22.04 9.06
N THR B 262 10.17 23.13 9.58
CA THR B 262 10.07 23.49 10.98
C THR B 262 9.04 24.59 11.21
N THR B 263 7.92 24.54 10.53
CA THR B 263 6.98 25.63 10.69
C THR B 263 5.89 25.26 11.67
N PRO B 264 5.56 26.13 12.63
CA PRO B 264 4.48 25.83 13.55
C PRO B 264 3.12 26.29 13.02
N ILE B 265 2.08 26.11 13.82
CA ILE B 265 0.79 26.75 13.57
C ILE B 265 0.62 27.96 14.46
N SER B 266 0.90 27.82 15.75
CA SER B 266 0.84 28.96 16.66
C SER B 266 1.89 29.99 16.29
N GLY B 267 1.50 31.25 16.34
CA GLY B 267 2.40 32.34 16.03
C GLY B 267 3.30 32.77 17.16
N SER B 268 3.32 32.03 18.28
CA SER B 268 4.21 32.31 19.38
C SER B 268 5.33 31.30 19.53
N TRP B 269 5.40 30.31 18.65
CA TRP B 269 6.51 29.37 18.64
C TRP B 269 7.63 29.81 17.70
N VAL B 270 7.34 30.69 16.74
CA VAL B 270 8.34 31.06 15.74
C VAL B 270 9.50 31.78 16.41
N SER B 271 10.72 31.34 16.10
CA SER B 271 11.98 31.82 16.64
C SER B 271 12.18 31.43 18.10
N CYS B 272 11.20 30.82 18.74
CA CYS B 272 11.33 30.39 20.12
C CYS B 272 11.60 28.90 20.18
N PHE B 273 11.89 28.42 21.39
CA PHE B 273 12.00 26.99 21.59
C PHE B 273 11.71 26.67 23.06
N ALA B 274 11.50 25.40 23.34
CA ALA B 274 11.24 24.92 24.69
C ALA B 274 12.21 23.79 24.97
N ALA B 275 12.86 23.83 26.13
CA ALA B 275 13.89 22.86 26.42
C ALA B 275 13.94 22.60 27.91
N GLU B 276 14.75 21.61 28.28
CA GLU B 276 15.11 21.34 29.65
C GLU B 276 16.57 21.75 29.84
N ALA B 277 16.82 22.62 30.82
CA ALA B 277 18.08 23.32 30.94
C ALA B 277 18.99 22.65 31.97
N ALA B 278 20.28 22.89 31.80
CA ALA B 278 21.30 22.49 32.76
C ALA B 278 22.38 23.55 32.76
N TYR B 279 22.55 24.24 33.89
CA TYR B 279 23.47 25.36 34.00
C TYR B 279 24.75 24.93 34.69
N GLU B 280 25.90 25.30 34.12
CA GLU B 280 27.20 25.00 34.69
C GLU B 280 28.06 26.26 34.60
N PHE B 281 28.55 26.73 35.75
CA PHE B 281 29.32 27.98 35.79
C PHE B 281 30.78 27.70 35.46
N GLN B 282 31.38 28.58 34.66
CA GLN B 282 32.78 28.49 34.29
C GLN B 282 33.45 29.84 34.49
N SER B 283 34.74 29.80 34.82
CA SER B 283 35.51 31.03 35.01
C SER B 283 35.81 31.74 33.70
N GLY B 284 35.47 31.14 32.57
CA GLY B 284 35.69 31.75 31.27
C GLY B 284 34.42 32.33 30.71
N THR B 285 33.74 31.58 29.87
CA THR B 285 32.49 31.97 29.22
C THR B 285 31.34 32.17 30.19
N GLY B 286 31.51 32.08 31.50
CA GLY B 286 30.39 32.18 32.41
C GLY B 286 29.63 30.88 32.50
N GLU B 287 28.30 30.95 32.51
CA GLU B 287 27.50 29.73 32.51
C GLU B 287 27.57 29.06 31.14
N VAL B 288 27.29 27.76 31.12
CA VAL B 288 27.11 27.00 29.89
C VAL B 288 25.77 26.27 30.03
N ALA B 289 24.71 26.91 29.57
CA ALA B 289 23.36 26.37 29.69
C ALA B 289 23.16 25.37 28.56
N THR B 290 23.23 24.08 28.88
CA THR B 290 22.90 23.03 27.94
C THR B 290 21.39 22.87 27.91
N PHE B 291 20.78 23.04 26.74
CA PHE B 291 19.35 22.84 26.57
C PHE B 291 19.13 21.56 25.79
N THR B 292 18.32 20.66 26.34
CA THR B 292 17.80 19.51 25.61
C THR B 292 16.41 19.86 25.13
N LEU B 293 16.20 19.85 23.81
CA LEU B 293 15.02 20.44 23.22
C LEU B 293 13.83 19.48 23.24
N ILE B 294 12.68 20.02 23.63
CA ILE B 294 11.40 19.31 23.52
C ILE B 294 10.54 20.19 22.63
N GLU B 295 9.31 19.78 22.38
CA GLU B 295 8.44 20.66 21.62
C GLU B 295 7.90 21.77 22.52
N GLN B 296 7.44 22.86 21.89
CA GLN B 296 6.96 23.97 22.69
C GLN B 296 5.63 23.68 23.38
N ASP B 297 4.93 22.61 22.98
CA ASP B 297 3.66 22.26 23.59
C ASP B 297 3.79 21.21 24.69
N GLY B 298 4.95 20.59 24.84
CA GLY B 298 5.18 19.67 25.93
C GLY B 298 5.77 18.34 25.52
N SER B 299 5.37 17.83 24.36
CA SER B 299 5.81 16.51 23.95
C SER B 299 7.30 16.49 23.62
N ALA B 300 7.93 15.37 23.90
CA ALA B 300 9.37 15.24 23.67
C ALA B 300 9.68 15.24 22.18
N TYR B 301 10.91 15.60 21.86
CA TYR B 301 11.37 15.72 20.49
C TYR B 301 12.11 14.45 20.09
N VAL B 302 11.57 13.75 19.10
CA VAL B 302 12.23 12.59 18.48
C VAL B 302 12.62 13.00 17.07
N PRO B 303 13.92 13.03 16.74
CA PRO B 303 14.34 13.52 15.42
C PRO B 303 13.81 12.68 14.27
N GLY B 304 12.90 13.25 13.48
CA GLY B 304 12.28 12.55 12.37
C GLY B 304 12.55 13.17 11.01
N ASP B 305 11.53 13.78 10.43
CA ASP B 305 11.62 14.39 9.12
C ASP B 305 11.75 15.91 9.19
N ARG B 306 11.94 16.46 10.37
CA ARG B 306 12.12 17.90 10.56
C ARG B 306 13.51 18.16 11.10
N ALA B 307 14.21 19.10 10.48
CA ALA B 307 15.61 19.37 10.83
C ALA B 307 15.76 19.99 12.20
N ALA B 308 14.68 20.24 12.94
CA ALA B 308 14.70 20.83 14.27
C ALA B 308 13.28 20.83 14.82
N PRO B 309 13.09 21.01 16.12
CA PRO B 309 11.72 21.14 16.65
C PRO B 309 10.92 22.22 15.93
N LEU B 310 9.59 22.14 16.01
CA LEU B 310 8.74 23.08 15.28
C LEU B 310 8.98 24.50 15.77
N GLY B 311 9.57 25.35 14.93
CA GLY B 311 9.75 26.74 15.26
C GLY B 311 11.17 27.17 15.55
N TYR B 312 12.15 26.27 15.48
CA TYR B 312 13.53 26.63 15.76
C TYR B 312 13.96 27.74 14.79
N PRO B 313 14.74 28.72 15.26
CA PRO B 313 15.20 29.79 14.37
C PRO B 313 15.97 29.23 13.17
N ASP B 314 15.42 29.45 11.98
CA ASP B 314 15.90 28.84 10.75
C ASP B 314 16.93 29.68 10.02
N PHE B 315 17.51 30.67 10.68
CA PHE B 315 18.52 31.53 10.08
C PHE B 315 19.84 31.33 10.81
N SER B 316 20.82 32.16 10.49
CA SER B 316 22.13 32.11 11.11
C SER B 316 22.46 33.45 11.75
N GLY B 317 23.00 33.41 12.95
CA GLY B 317 23.36 34.63 13.63
C GLY B 317 23.65 34.36 15.10
N GLN B 318 23.64 35.44 15.87
CA GLN B 318 23.92 35.43 17.31
C GLN B 318 22.65 35.86 18.03
N LEU B 319 21.92 34.90 18.57
CA LEU B 319 20.60 35.14 19.15
C LEU B 319 20.72 35.25 20.66
N GLU B 320 20.35 36.41 21.20
CA GLU B 320 20.22 36.61 22.63
C GLU B 320 18.76 36.44 23.01
N ILE B 321 18.52 35.65 24.06
CA ILE B 321 17.19 35.15 24.38
C ILE B 321 16.76 35.53 25.80
N GLU B 322 15.58 35.07 26.20
CA GLU B 322 15.02 35.34 27.52
C GLU B 322 14.47 34.03 28.09
N VAL B 323 14.98 33.61 29.23
CA VAL B 323 14.46 32.46 29.97
C VAL B 323 14.21 32.89 31.41
N GLN B 324 13.11 32.42 31.98
CA GLN B 324 12.87 32.61 33.40
C GLN B 324 13.54 31.46 34.13
N THR B 325 14.61 31.77 34.87
CA THR B 325 15.37 30.80 35.63
C THR B 325 15.15 31.05 37.11
N GLU B 326 15.18 29.97 37.89
CA GLU B 326 15.05 30.04 39.33
C GLU B 326 16.43 29.95 39.95
N THR B 327 16.72 30.86 40.88
CA THR B 327 18.02 30.90 41.52
C THR B 327 17.97 30.24 42.89
N THR B 328 19.15 29.88 43.39
CA THR B 328 19.27 29.36 44.75
C THR B 328 19.60 30.44 45.77
N LYS B 329 19.88 31.66 45.32
CA LYS B 329 20.14 32.76 46.22
C LYS B 329 18.90 33.08 47.04
N THR B 330 19.11 33.56 48.27
CA THR B 330 18.04 33.90 49.19
C THR B 330 17.80 35.41 49.12
N GLY B 331 16.59 35.80 48.76
CA GLY B 331 16.25 37.20 48.55
C GLY B 331 15.44 37.39 47.30
N ASP B 332 15.69 36.53 46.30
CA ASP B 332 14.89 36.46 45.09
C ASP B 332 14.81 35.00 44.65
N LYS B 333 13.73 34.67 43.95
CA LYS B 333 13.49 33.29 43.53
C LYS B 333 13.42 33.12 42.03
N LEU B 334 12.64 33.95 41.34
CA LEU B 334 12.48 33.87 39.90
C LEU B 334 13.15 35.07 39.26
N LYS B 335 13.85 34.84 38.14
CA LYS B 335 14.51 35.94 37.45
C LYS B 335 14.57 35.62 35.97
N VAL B 336 14.17 36.57 35.13
CA VAL B 336 14.35 36.43 33.70
C VAL B 336 15.77 36.87 33.35
N THR B 337 16.51 36.01 32.67
CA THR B 337 17.91 36.27 32.34
C THR B 337 18.05 36.40 30.82
N THR B 338 19.29 36.56 30.36
CA THR B 338 19.57 36.73 28.93
C THR B 338 20.85 35.99 28.59
N PHE B 339 20.71 34.83 27.96
CA PHE B 339 21.85 34.09 27.43
C PHE B 339 22.12 34.54 25.99
N GLU B 340 23.07 33.88 25.32
CA GLU B 340 23.50 34.34 24.00
C GLU B 340 24.06 33.14 23.25
N MET B 341 23.27 32.59 22.33
CA MET B 341 23.63 31.37 21.62
C MET B 341 23.91 31.66 20.15
N ILE B 342 24.91 31.00 19.62
CA ILE B 342 25.25 31.11 18.22
C ILE B 342 24.34 30.23 17.39
N LEU B 343 24.19 30.58 16.12
CA LEU B 343 23.49 29.75 15.15
C LEU B 343 24.33 29.48 13.91
N GLY B 344 25.10 30.47 13.45
CA GLY B 344 26.00 30.27 12.35
C GLY B 344 27.16 29.41 12.76
N PRO B 345 27.75 28.68 11.80
CA PRO B 345 28.85 27.76 12.14
C PRO B 345 30.00 28.44 12.87
N THR B 346 30.28 29.71 12.55
CA THR B 346 31.29 30.52 13.25
C THR B 346 32.63 29.80 13.37
N THR B 347 32.95 28.96 12.39
CA THR B 347 34.19 28.19 12.30
C THR B 347 34.38 27.25 13.49
N ASN B 348 33.38 27.17 14.38
CA ASN B 348 33.42 26.27 15.52
C ASN B 348 32.04 26.26 16.16
N ALA B 349 31.58 25.08 16.55
CA ALA B 349 30.28 24.96 17.20
C ALA B 349 30.24 23.69 18.02
N ASP B 350 29.20 23.58 18.84
CA ASP B 350 28.93 22.39 19.62
C ASP B 350 27.46 21.98 19.57
N GLN B 351 26.58 22.84 19.07
CA GLN B 351 25.15 22.61 19.09
C GLN B 351 24.70 21.83 17.86
N ALA B 352 23.74 20.93 18.06
CA ALA B 352 23.11 20.17 16.99
C ALA B 352 21.65 19.99 17.32
N PRO B 353 20.82 20.99 17.01
CA PRO B 353 19.39 20.88 17.32
C PRO B 353 18.69 19.75 16.59
N TYR B 354 19.29 19.18 15.55
CA TYR B 354 18.71 18.00 14.95
C TYR B 354 18.76 16.81 15.91
N GLN B 355 19.84 16.70 16.68
CA GLN B 355 19.90 15.72 17.75
C GLN B 355 19.17 16.16 19.00
N GLY B 356 18.72 17.42 19.05
CA GLY B 356 17.93 17.89 20.17
C GLY B 356 18.71 18.54 21.28
N ARG B 357 19.83 19.19 20.98
CA ARG B 357 20.67 19.78 21.99
C ARG B 357 21.27 21.08 21.48
N VAL B 358 21.10 22.16 22.25
CA VAL B 358 21.76 23.41 21.94
C VAL B 358 22.51 23.87 23.19
N PHE B 359 23.42 24.82 23.00
CA PHE B 359 24.35 25.25 24.03
C PHE B 359 24.35 26.79 24.08
N ALA B 360 23.68 27.36 25.06
CA ALA B 360 23.75 28.78 25.28
C ALA B 360 24.76 29.09 26.39
N SER B 361 25.03 30.37 26.59
CA SER B 361 26.04 30.76 27.55
C SER B 361 25.96 32.25 27.80
N VAL B 362 26.18 32.65 29.05
CA VAL B 362 26.21 34.06 29.43
C VAL B 362 27.45 34.29 30.28
N THR B 363 28.01 35.49 30.17
CA THR B 363 29.24 35.85 30.87
C THR B 363 28.88 36.62 32.13
N ALA B 364 29.15 36.02 33.29
CA ALA B 364 28.89 36.63 34.58
C ALA B 364 30.05 36.36 35.51
N ALA B 365 30.27 37.28 36.46
CA ALA B 365 31.42 37.19 37.34
C ALA B 365 31.20 36.14 38.44
N ALA B 366 30.13 36.30 39.20
CA ALA B 366 29.88 35.39 40.31
C ALA B 366 29.56 33.99 39.80
N SER B 367 29.77 33.00 40.66
CA SER B 367 29.44 31.62 40.35
C SER B 367 27.92 31.46 40.39
N LEU B 368 27.24 32.03 39.41
CA LEU B 368 25.79 32.17 39.47
C LEU B 368 25.15 30.79 39.36
N ASP B 369 24.63 30.30 40.49
CA ASP B 369 23.94 29.02 40.54
C ASP B 369 22.45 29.25 40.28
N LEU B 370 21.86 28.37 39.47
CA LEU B 370 20.45 28.44 39.16
C LEU B 370 19.83 27.06 39.35
N VAL B 371 18.53 27.05 39.65
CA VAL B 371 17.80 25.80 39.86
C VAL B 371 17.56 25.16 38.50
N ASP B 372 18.27 24.05 38.24
CA ASP B 372 18.19 23.37 36.95
C ASP B 372 16.79 22.89 36.67
N GLY B 373 16.11 23.51 35.72
CA GLY B 373 14.75 23.15 35.40
C GLY B 373 14.47 23.14 33.92
N ARG B 374 13.19 23.24 33.54
CA ARG B 374 12.78 23.29 32.16
C ARG B 374 12.19 24.66 31.85
N VAL B 375 12.55 25.20 30.68
CA VAL B 375 12.28 26.59 30.35
C VAL B 375 11.77 26.72 28.91
N ARG B 376 11.20 27.88 28.63
CA ARG B 376 10.80 28.29 27.29
C ARG B 376 11.59 29.53 26.93
N ALA B 377 12.47 29.43 25.95
CA ALA B 377 13.32 30.53 25.54
C ALA B 377 12.70 31.23 24.34
N VAL B 378 12.58 32.54 24.43
CA VAL B 378 12.07 33.37 23.34
C VAL B 378 13.19 34.30 22.91
N PRO B 379 13.20 34.72 21.65
CA PRO B 379 14.29 35.57 21.17
C PRO B 379 14.20 36.97 21.75
N ARG B 380 15.33 37.63 21.83
CA ARG B 380 15.38 39.02 22.25
C ARG B 380 16.15 39.90 21.28
N SER B 381 17.23 39.41 20.70
CA SER B 381 18.01 40.23 19.79
C SER B 381 18.89 39.35 18.93
N ILE B 382 19.36 39.93 17.82
CA ILE B 382 20.18 39.23 16.85
C ILE B 382 21.33 40.15 16.45
N TYR B 383 22.55 39.60 16.40
CA TYR B 383 23.75 40.38 16.09
C TYR B 383 24.48 39.70 14.95
N GLY B 384 24.54 40.36 13.81
CA GLY B 384 25.14 39.77 12.63
C GLY B 384 24.19 38.83 11.94
N PHE B 385 23.02 39.34 11.56
CA PHE B 385 21.98 38.51 10.99
C PHE B 385 22.39 37.98 9.62
N GLN B 386 22.32 36.67 9.45
CA GLN B 386 22.60 36.02 8.19
C GLN B 386 21.39 35.18 7.81
N ASP B 387 20.91 35.34 6.58
CA ASP B 387 19.72 34.64 6.11
C ASP B 387 20.06 33.31 5.44
N THR B 388 20.83 32.49 6.15
CA THR B 388 21.25 31.19 5.66
C THR B 388 20.80 30.11 6.65
N ILE B 389 20.70 28.89 6.18
CA ILE B 389 20.31 27.79 7.07
C ILE B 389 21.43 27.54 8.07
N PRO B 390 21.13 27.40 9.35
CA PRO B 390 22.17 27.06 10.32
C PRO B 390 22.58 25.61 10.21
N GLU B 391 23.44 25.14 11.11
CA GLU B 391 23.85 23.74 11.12
C GLU B 391 22.88 23.00 12.05
N TYR B 392 21.84 22.44 11.45
CA TYR B 392 20.87 21.70 12.24
C TYR B 392 21.51 20.45 12.84
N ASN B 393 22.20 19.67 12.03
CA ASN B 393 23.15 18.69 12.51
C ASN B 393 24.55 19.25 12.27
N ASP B 394 25.51 18.81 13.10
CA ASP B 394 26.80 19.48 13.23
C ASP B 394 27.38 19.92 11.89
N GLY B 395 27.65 18.94 11.01
CA GLY B 395 28.08 19.22 9.66
C GLY B 395 27.43 18.22 8.75
N LEU B 396 26.51 17.45 9.31
CA LEU B 396 25.85 16.37 8.61
C LEU B 396 24.65 16.90 7.82
N LEU B 397 24.23 16.09 6.85
CA LEU B 397 23.03 16.41 6.10
C LEU B 397 21.80 16.20 6.97
N VAL B 398 20.80 17.07 6.79
CA VAL B 398 19.55 16.99 7.53
C VAL B 398 18.41 16.95 6.52
N PRO B 399 17.27 16.37 6.90
CA PRO B 399 16.09 16.48 6.04
C PRO B 399 15.56 17.91 6.00
N LEU B 400 15.74 18.58 4.88
CA LEU B 400 15.34 19.98 4.72
C LEU B 400 14.14 20.08 3.82
N ALA B 401 13.53 21.27 3.84
CA ALA B 401 12.48 21.66 2.91
C ALA B 401 13.11 22.28 1.66
N PRO B 402 12.60 21.94 0.48
CA PRO B 402 13.26 22.35 -0.77
C PRO B 402 13.32 23.87 -0.90
N PRO B 403 14.28 24.39 -1.65
CA PRO B 403 14.34 25.83 -1.84
C PRO B 403 13.14 26.35 -2.63
N ILE B 404 12.80 27.61 -2.38
CA ILE B 404 11.58 28.22 -2.90
C ILE B 404 11.73 28.51 -4.38
N GLY B 405 11.19 27.61 -5.21
CA GLY B 405 11.23 27.76 -6.65
C GLY B 405 10.55 26.59 -7.31
N PRO B 406 10.61 26.52 -8.64
CA PRO B 406 11.25 27.49 -9.53
C PRO B 406 10.25 28.47 -10.13
N PHE B 407 10.74 29.59 -10.63
CA PHE B 407 9.89 30.61 -11.23
C PHE B 407 10.07 30.61 -12.74
N LEU B 408 9.02 31.03 -13.44
CA LEU B 408 9.10 31.24 -14.87
C LEU B 408 10.14 32.31 -15.16
N PRO B 409 10.62 32.38 -16.40
CA PRO B 409 11.53 33.48 -16.76
C PRO B 409 10.85 34.83 -16.65
N GLY B 410 11.28 35.64 -15.69
CA GLY B 410 10.70 36.94 -15.45
C GLY B 410 9.98 37.06 -14.11
N GLU B 411 9.60 35.96 -13.50
CA GLU B 411 8.79 35.98 -12.29
C GLU B 411 9.69 36.09 -11.07
N VAL B 412 9.51 37.16 -10.31
CA VAL B 412 10.25 37.40 -9.09
C VAL B 412 9.38 36.95 -7.93
N LEU B 413 9.98 36.87 -6.74
CA LEU B 413 9.30 36.43 -5.54
C LEU B 413 8.79 37.62 -4.73
N LEU B 414 7.55 37.50 -4.24
CA LEU B 414 6.95 38.51 -3.38
C LEU B 414 7.32 38.20 -1.94
N ARG B 415 7.96 39.14 -1.26
CA ARG B 415 8.48 38.92 0.08
C ARG B 415 7.75 39.81 1.07
N PHE B 416 7.28 39.21 2.17
CA PHE B 416 6.72 39.96 3.28
C PHE B 416 7.84 40.31 4.24
N ARG B 417 8.06 41.60 4.44
CA ARG B 417 9.25 42.09 5.13
C ARG B 417 8.92 42.54 6.55
N THR B 418 9.78 42.17 7.50
CA THR B 418 9.67 42.68 8.85
C THR B 418 11.07 42.92 9.39
N TYR B 419 11.20 43.91 10.27
CA TYR B 419 12.48 44.26 10.85
C TYR B 419 12.58 43.71 12.26
N MET B 420 13.70 43.05 12.55
CA MET B 420 13.96 42.46 13.86
C MET B 420 14.84 43.38 14.69
N ARG B 421 14.74 43.23 16.00
CA ARG B 421 15.61 43.98 16.90
C ARG B 421 17.04 43.45 16.78
N GLN B 422 17.99 44.37 16.62
CA GLN B 422 19.37 44.02 16.33
C GLN B 422 20.32 44.78 17.24
N ILE B 423 21.54 44.26 17.35
CA ILE B 423 22.61 44.90 18.09
C ILE B 423 23.74 45.24 17.13
N ASP B 424 23.75 46.47 16.62
CA ASP B 424 24.78 46.93 15.70
C ASP B 424 25.62 47.99 16.38
N THR B 425 26.92 47.72 16.49
CA THR B 425 27.84 48.67 17.13
C THR B 425 28.31 49.76 16.19
N ALA B 426 28.26 49.52 14.89
CA ALA B 426 28.61 50.53 13.90
C ALA B 426 27.47 50.86 12.96
N ASP B 427 26.80 49.86 12.41
CA ASP B 427 25.69 50.09 11.50
C ASP B 427 24.54 50.79 12.22
N ALA B 428 23.73 51.51 11.45
CA ALA B 428 22.60 52.24 12.00
C ALA B 428 21.27 51.98 11.29
N ALA B 429 21.27 51.23 10.19
CA ALA B 429 20.06 50.96 9.44
C ALA B 429 19.28 49.83 10.11
N ALA B 430 18.26 49.32 9.42
CA ALA B 430 17.38 48.30 9.97
C ALA B 430 17.63 46.96 9.27
N GLU B 431 17.77 45.90 10.06
CA GLU B 431 17.85 44.56 9.52
C GLU B 431 16.46 44.07 9.18
N ALA B 432 16.32 43.43 8.02
CA ALA B 432 15.02 43.03 7.49
C ALA B 432 15.05 41.55 7.15
N ILE B 433 14.13 40.79 7.74
CA ILE B 433 13.91 39.39 7.40
C ILE B 433 12.65 39.30 6.56
N ASP B 434 12.66 38.41 5.57
CA ASP B 434 11.58 38.26 4.62
C ASP B 434 11.00 36.87 4.71
N CYS B 435 9.68 36.76 4.64
CA CYS B 435 8.98 35.48 4.59
C CYS B 435 8.15 35.39 3.33
N ALA B 436 7.70 34.17 3.04
CA ALA B 436 6.89 33.90 1.85
C ALA B 436 5.41 34.12 2.10
N LEU B 437 4.89 33.55 3.19
CA LEU B 437 3.51 33.74 3.60
C LEU B 437 3.49 34.02 5.09
N PRO B 438 2.74 35.02 5.55
CA PRO B 438 2.72 35.34 6.98
C PRO B 438 2.08 34.21 7.78
N GLN B 439 2.30 34.25 9.09
CA GLN B 439 1.79 33.18 9.95
C GLN B 439 0.27 33.13 9.95
N GLU B 440 -0.39 34.23 9.59
CA GLU B 440 -1.85 34.23 9.51
C GLU B 440 -2.36 33.38 8.35
N PHE B 441 -1.52 33.12 7.35
CA PHE B 441 -1.92 32.23 6.25
C PHE B 441 -1.50 30.79 6.51
N VAL B 442 -0.43 30.59 7.28
CA VAL B 442 -0.06 29.24 7.68
C VAL B 442 -1.06 28.68 8.68
N SER B 443 -1.52 29.52 9.61
CA SER B 443 -2.59 29.10 10.50
C SER B 443 -3.93 28.98 9.80
N TRP B 444 -4.03 29.48 8.56
CA TRP B 444 -5.27 29.43 7.80
C TRP B 444 -5.32 28.25 6.85
N PHE B 445 -4.18 27.81 6.32
CA PHE B 445 -4.15 26.64 5.47
C PHE B 445 -4.14 25.36 6.29
N ALA B 446 -3.51 25.39 7.47
CA ALA B 446 -3.48 24.21 8.32
C ALA B 446 -4.87 23.82 8.78
N SER B 447 -5.73 24.80 9.03
CA SER B 447 -7.06 24.56 9.59
C SER B 447 -8.10 24.21 8.55
N ASN B 448 -7.81 24.37 7.26
CA ASN B 448 -8.79 24.10 6.23
C ASN B 448 -8.45 22.94 5.33
N ALA B 449 -7.16 22.72 5.04
CA ALA B 449 -6.71 21.57 4.27
C ALA B 449 -7.48 21.42 2.96
N PHE B 450 -7.28 22.41 2.10
CA PHE B 450 -8.01 22.46 0.84
C PHE B 450 -7.55 21.35 -0.10
N THR B 451 -8.30 21.18 -1.19
CA THR B 451 -7.97 20.22 -2.23
C THR B 451 -7.42 21.03 -3.41
N VAL B 452 -6.10 21.14 -3.49
CA VAL B 452 -5.48 21.88 -4.58
C VAL B 452 -5.84 21.23 -5.91
N GLN B 453 -6.10 22.06 -6.91
CA GLN B 453 -6.54 21.50 -8.18
C GLN B 453 -5.39 21.31 -9.16
N SER B 454 -4.73 22.39 -9.60
CA SER B 454 -3.70 22.07 -10.59
C SER B 454 -2.27 22.40 -10.20
N GLU B 455 -1.87 23.68 -10.23
CA GLU B 455 -0.52 24.03 -9.83
C GLU B 455 -0.39 25.34 -9.09
N ALA B 456 -1.33 26.26 -9.22
CA ALA B 456 -1.17 27.60 -8.67
C ALA B 456 -2.51 28.31 -8.71
N LEU B 457 -2.60 29.38 -7.95
CA LEU B 457 -3.79 30.20 -7.83
C LEU B 457 -3.48 31.60 -8.33
N LEU B 458 -4.31 32.14 -9.21
CA LEU B 458 -4.26 33.57 -9.40
C LEU B 458 -4.65 34.25 -8.11
N LEU B 459 -4.08 35.42 -7.89
CA LEU B 459 -4.46 36.27 -6.79
C LEU B 459 -4.66 37.66 -7.34
N ARG B 460 -5.27 38.52 -6.56
CA ARG B 460 -5.23 39.93 -6.81
C ARG B 460 -4.62 40.60 -5.59
N TYR B 461 -4.65 41.92 -5.59
CA TYR B 461 -4.33 42.65 -4.37
C TYR B 461 -5.18 43.92 -4.42
N ARG B 462 -6.34 43.85 -3.79
CA ARG B 462 -7.34 44.90 -3.90
C ARG B 462 -7.07 45.94 -2.83
N ASN B 463 -6.87 47.18 -3.25
CA ASN B 463 -6.79 48.28 -2.28
C ASN B 463 -8.13 48.44 -1.57
N THR B 464 -8.07 48.81 -0.29
CA THR B 464 -9.28 48.88 0.52
C THR B 464 -9.89 50.27 0.61
N LEU B 465 -9.12 51.32 0.29
CA LEU B 465 -9.65 52.68 0.31
C LEU B 465 -10.14 53.14 -1.04
N THR B 466 -9.66 52.54 -2.13
CA THR B 466 -10.02 52.95 -3.47
C THR B 466 -10.61 51.82 -4.31
N GLY B 467 -10.55 50.58 -3.85
CA GLY B 467 -11.07 49.48 -4.64
C GLY B 467 -10.26 49.19 -5.89
N GLN B 468 -9.01 49.63 -5.93
CA GLN B 468 -8.19 49.55 -7.13
C GLN B 468 -7.30 48.32 -7.08
N LEU B 469 -7.31 47.53 -8.15
CA LEU B 469 -6.48 46.34 -8.25
C LEU B 469 -5.05 46.76 -8.52
N LEU B 470 -4.14 46.45 -7.60
CA LEU B 470 -2.76 46.92 -7.75
C LEU B 470 -1.96 46.00 -8.67
N PHE B 471 -2.08 44.69 -8.48
CA PHE B 471 -1.32 43.73 -9.28
C PHE B 471 -1.98 42.37 -9.14
N GLU B 472 -1.57 41.45 -10.00
CA GLU B 472 -1.98 40.05 -9.93
C GLU B 472 -0.74 39.19 -9.78
N CYS B 473 -0.70 38.40 -8.72
CA CYS B 473 0.40 37.49 -8.44
C CYS B 473 -0.09 36.05 -8.59
N LYS B 474 0.83 35.11 -8.45
CA LYS B 474 0.53 33.70 -8.65
C LYS B 474 1.02 32.95 -7.44
N LEU B 475 0.09 32.37 -6.69
CA LEU B 475 0.41 31.58 -5.51
C LEU B 475 0.65 30.15 -5.95
N TYR B 476 1.92 29.74 -5.97
CA TYR B 476 2.23 28.38 -6.33
C TYR B 476 1.83 27.44 -5.21
N ASN B 477 1.40 26.24 -5.58
CA ASN B 477 0.80 25.31 -4.63
C ASN B 477 1.76 24.84 -3.55
N GLU B 478 2.98 25.37 -3.52
CA GLU B 478 3.93 25.10 -2.45
C GLU B 478 4.05 26.25 -1.48
N GLY B 479 3.11 27.19 -1.52
CA GLY B 479 3.07 28.24 -0.53
C GLY B 479 4.14 29.30 -0.71
N TYR B 480 4.27 29.82 -1.92
CA TYR B 480 4.98 31.07 -2.17
C TYR B 480 4.26 31.79 -3.30
N ILE B 481 4.61 33.05 -3.48
CA ILE B 481 3.88 33.94 -4.38
C ILE B 481 4.87 34.57 -5.34
N ALA B 482 4.67 34.35 -6.63
CA ALA B 482 5.55 34.88 -7.66
C ALA B 482 4.77 35.87 -8.51
N LEU B 483 5.36 37.03 -8.76
CA LEU B 483 4.76 38.01 -9.64
C LEU B 483 5.75 38.46 -10.68
N SER B 484 5.27 38.80 -11.85
CA SER B 484 6.14 39.19 -12.95
C SER B 484 6.63 40.62 -12.74
N TYR B 485 7.94 40.80 -12.79
CA TYR B 485 8.55 42.10 -12.55
C TYR B 485 9.92 42.10 -13.21
N SER B 486 10.10 42.93 -14.23
CA SER B 486 11.35 42.96 -14.98
C SER B 486 12.28 44.09 -14.55
N GLY B 487 11.84 44.96 -13.65
CA GLY B 487 12.65 46.08 -13.23
C GLY B 487 13.91 45.69 -12.49
N SER B 488 14.70 46.69 -12.11
CA SER B 488 15.93 46.49 -11.36
C SER B 488 15.82 46.95 -9.92
N GLY B 489 15.35 48.18 -9.69
CA GLY B 489 15.15 48.68 -8.36
C GLY B 489 14.04 47.93 -7.66
N PRO B 490 14.20 47.70 -6.35
CA PRO B 490 13.18 46.95 -5.60
C PRO B 490 11.88 47.73 -5.53
N LEU B 491 10.82 47.15 -6.09
CA LEU B 491 9.51 47.79 -6.10
C LEU B 491 8.73 47.43 -4.84
N THR B 492 8.08 48.42 -4.25
CA THR B 492 7.33 48.24 -3.02
C THR B 492 5.86 48.57 -3.24
N PHE B 493 5.01 47.93 -2.45
CA PHE B 493 3.57 48.04 -2.66
C PHE B 493 2.88 48.56 -1.42
N PRO B 494 1.74 49.25 -1.57
CA PRO B 494 0.94 49.60 -0.39
C PRO B 494 0.51 48.35 0.34
N THR B 495 0.44 48.45 1.66
CA THR B 495 0.21 47.28 2.50
C THR B 495 -1.19 47.28 3.11
N ASP B 496 -2.14 47.98 2.51
CA ASP B 496 -3.49 48.10 3.03
C ASP B 496 -4.47 47.13 2.41
N GLY B 497 -4.42 46.95 1.10
CA GLY B 497 -5.37 46.09 0.42
C GLY B 497 -5.23 44.65 0.84
N ILE B 498 -6.26 43.87 0.52
CA ILE B 498 -6.32 42.47 0.90
C ILE B 498 -6.18 41.61 -0.34
N PHE B 499 -5.70 40.39 -0.14
CA PHE B 499 -5.58 39.44 -1.24
C PHE B 499 -6.92 38.78 -1.51
N GLU B 500 -7.06 38.24 -2.71
CA GLU B 500 -8.29 37.53 -3.07
C GLU B 500 -7.97 36.59 -4.22
N VAL B 501 -8.32 35.31 -4.06
CA VAL B 501 -8.02 34.36 -5.11
C VAL B 501 -8.93 34.61 -6.30
N VAL B 502 -8.56 34.05 -7.43
CA VAL B 502 -9.38 34.18 -8.63
C VAL B 502 -9.69 32.79 -9.18
N SER B 503 -8.66 32.02 -9.48
CA SER B 503 -8.85 30.73 -10.11
C SER B 503 -7.56 29.93 -10.01
N TRP B 504 -7.65 28.67 -10.42
CA TRP B 504 -6.47 27.82 -10.53
C TRP B 504 -5.86 27.98 -11.90
N VAL B 505 -4.54 28.11 -11.95
CA VAL B 505 -3.85 28.33 -13.22
C VAL B 505 -2.66 27.39 -13.29
N PRO B 506 -2.28 26.90 -14.47
CA PRO B 506 -1.09 26.05 -14.55
C PRO B 506 0.19 26.84 -14.29
N ARG B 507 1.33 26.18 -14.40
CA ARG B 507 2.59 26.89 -14.20
C ARG B 507 2.92 27.81 -15.35
N LEU B 508 2.42 27.50 -16.55
CA LEU B 508 2.75 28.28 -17.74
C LEU B 508 2.03 29.61 -17.81
N TYR B 509 1.13 29.89 -16.88
CA TYR B 509 0.35 31.12 -16.93
C TYR B 509 1.26 32.34 -16.84
N GLN B 510 1.31 33.14 -17.90
CA GLN B 510 2.13 34.33 -17.92
C GLN B 510 1.39 35.49 -17.30
N LEU B 511 2.00 36.13 -16.32
CA LEU B 511 1.36 37.22 -15.61
C LEU B 511 1.52 38.54 -16.36
N ALA B 512 0.86 39.56 -15.86
CA ALA B 512 0.97 40.91 -16.39
C ALA B 512 1.90 41.71 -15.50
N SER B 513 2.85 42.39 -16.12
CA SER B 513 3.91 43.07 -15.39
C SER B 513 3.43 44.31 -14.63
N ALA C 13 -28.71 -26.27 -25.71
CA ALA C 13 -27.35 -26.74 -25.46
C ALA C 13 -26.93 -26.46 -24.01
N VAL C 14 -26.81 -25.18 -23.69
CA VAL C 14 -26.28 -24.73 -22.40
C VAL C 14 -27.37 -23.87 -21.73
N PRO C 15 -27.57 -23.97 -20.42
CA PRO C 15 -28.63 -23.19 -19.77
C PRO C 15 -28.25 -21.77 -19.39
N ILE C 16 -28.20 -20.86 -20.35
CA ILE C 16 -27.90 -19.46 -20.10
C ILE C 16 -28.84 -18.63 -20.96
N GLN C 17 -29.27 -17.48 -20.44
CA GLN C 17 -29.98 -16.53 -21.28
C GLN C 17 -29.01 -15.93 -22.30
N PRO C 18 -29.52 -15.39 -23.39
CA PRO C 18 -28.64 -14.64 -24.30
C PRO C 18 -28.22 -13.32 -23.67
N VAL C 19 -26.94 -13.00 -23.82
CA VAL C 19 -26.32 -11.89 -23.09
C VAL C 19 -26.08 -10.75 -24.06
N ALA C 20 -26.71 -9.61 -23.81
CA ALA C 20 -26.55 -8.44 -24.66
C ALA C 20 -25.13 -7.93 -24.61
N GLY C 21 -24.55 -7.67 -25.77
CA GLY C 21 -23.20 -7.20 -25.85
C GLY C 21 -23.15 -5.71 -26.08
N ALA C 22 -22.97 -5.30 -27.32
CA ALA C 22 -22.78 -3.90 -27.67
C ALA C 22 -24.06 -3.09 -27.72
N ALA C 23 -25.20 -3.64 -27.29
CA ALA C 23 -26.43 -2.88 -27.27
C ALA C 23 -26.73 -2.26 -25.92
N LEU C 24 -26.13 -2.80 -24.87
CA LEU C 24 -26.19 -2.25 -23.53
C LEU C 24 -25.12 -1.19 -23.30
N ALA C 25 -23.99 -1.33 -23.99
CA ALA C 25 -22.85 -0.45 -23.83
C ALA C 25 -22.82 0.69 -24.83
N ALA C 26 -23.80 0.79 -25.71
CA ALA C 26 -23.82 1.78 -26.77
C ALA C 26 -24.22 3.17 -26.31
N PRO C 27 -25.28 3.33 -25.50
CA PRO C 27 -25.71 4.69 -25.16
C PRO C 27 -24.77 5.38 -24.19
N ALA C 28 -23.62 4.80 -23.91
CA ALA C 28 -22.69 5.39 -22.96
C ALA C 28 -21.25 5.28 -23.41
N ALA C 29 -20.99 4.93 -24.66
CA ALA C 29 -19.66 4.95 -25.23
C ALA C 29 -19.65 5.95 -26.36
N GLY C 30 -18.58 6.72 -26.47
CA GLY C 30 -18.51 7.70 -27.53
C GLY C 30 -18.64 7.07 -28.88
N GLN C 31 -18.00 5.91 -29.07
CA GLN C 31 -18.05 5.20 -30.33
C GLN C 31 -18.21 3.72 -30.05
N ILE C 32 -18.69 3.00 -31.04
CA ILE C 32 -18.70 1.54 -31.03
C ILE C 32 -18.04 1.13 -32.33
N ASN C 33 -16.87 0.55 -32.24
CA ASN C 33 -15.98 0.39 -33.37
C ASN C 33 -16.04 -1.03 -33.91
N GLN C 34 -16.17 -1.17 -35.21
CA GLN C 34 -16.34 -2.49 -35.79
C GLN C 34 -14.99 -3.14 -36.07
N ILE C 35 -15.03 -4.43 -36.33
CA ILE C 35 -13.85 -5.24 -36.57
C ILE C 35 -13.93 -5.78 -37.99
N ASP C 36 -12.78 -5.93 -38.62
CA ASP C 36 -12.65 -6.53 -39.94
C ASP C 36 -13.53 -7.76 -40.04
N PRO C 37 -14.42 -7.84 -41.03
CA PRO C 37 -15.34 -8.98 -41.08
C PRO C 37 -14.69 -10.30 -41.46
N TRP C 38 -13.39 -10.30 -41.75
CA TRP C 38 -12.64 -11.50 -42.04
C TRP C 38 -12.01 -12.09 -40.79
N ILE C 39 -12.34 -11.55 -39.63
CA ILE C 39 -11.80 -12.02 -38.36
C ILE C 39 -12.85 -12.90 -37.71
N PHE C 40 -14.11 -12.66 -38.04
CA PHE C 40 -15.21 -13.52 -37.65
C PHE C 40 -15.33 -14.74 -38.52
N GLN C 41 -14.31 -15.07 -39.28
CA GLN C 41 -14.35 -16.23 -40.17
C GLN C 41 -13.45 -17.36 -39.69
N ASN C 42 -12.30 -17.05 -39.14
CA ASN C 42 -11.30 -18.04 -38.79
C ASN C 42 -11.36 -18.36 -37.30
N PHE C 43 -11.10 -19.62 -36.96
CA PHE C 43 -10.94 -20.08 -35.59
C PHE C 43 -9.44 -20.08 -35.29
N VAL C 44 -8.98 -19.10 -34.52
CA VAL C 44 -7.57 -18.95 -34.20
C VAL C 44 -7.32 -19.50 -32.81
N GLN C 45 -6.14 -20.07 -32.59
CA GLN C 45 -5.92 -20.80 -31.34
C GLN C 45 -5.75 -19.88 -30.15
N CYS C 46 -6.26 -20.33 -29.01
CA CYS C 46 -6.22 -19.61 -27.74
C CYS C 46 -4.89 -19.87 -27.05
N PRO C 47 -4.24 -18.87 -26.48
CA PRO C 47 -3.00 -19.13 -25.75
C PRO C 47 -3.29 -19.89 -24.47
N LEU C 48 -2.50 -20.93 -24.22
CA LEU C 48 -2.67 -21.87 -23.11
C LEU C 48 -3.88 -22.76 -23.28
N GLY C 49 -4.48 -22.79 -24.46
CA GLY C 49 -5.63 -23.62 -24.70
C GLY C 49 -5.29 -24.96 -25.31
N GLU C 50 -4.38 -25.70 -24.68
CA GLU C 50 -4.03 -27.03 -25.13
C GLU C 50 -3.82 -27.93 -23.93
N PHE C 51 -4.10 -29.21 -24.10
CA PHE C 51 -3.92 -30.15 -23.00
C PHE C 51 -3.54 -31.50 -23.55
N SER C 52 -3.50 -32.50 -22.67
CA SER C 52 -3.27 -33.88 -23.05
C SER C 52 -3.66 -34.80 -21.92
N ILE C 53 -4.52 -35.77 -22.21
CA ILE C 53 -5.07 -36.67 -21.21
C ILE C 53 -4.34 -38.00 -21.36
N SER C 54 -3.45 -38.31 -20.44
CA SER C 54 -2.79 -39.59 -20.38
C SER C 54 -3.67 -40.56 -19.58
N PRO C 55 -3.43 -41.87 -19.69
CA PRO C 55 -4.20 -42.82 -18.89
C PRO C 55 -3.77 -42.89 -17.44
N ARG C 56 -2.81 -42.08 -17.02
CA ARG C 56 -2.38 -42.01 -15.63
C ARG C 56 -3.01 -40.85 -14.88
N ASN C 57 -3.86 -40.07 -15.53
CA ASN C 57 -4.50 -38.94 -14.89
C ASN C 57 -5.71 -39.38 -14.09
N THR C 58 -5.91 -38.74 -12.95
CA THR C 58 -7.10 -39.02 -12.16
C THR C 58 -8.19 -38.03 -12.53
N PRO C 59 -9.45 -38.44 -12.57
CA PRO C 59 -10.52 -37.46 -12.79
C PRO C 59 -10.44 -36.36 -11.77
N GLY C 60 -10.80 -35.16 -12.18
CA GLY C 60 -10.60 -33.98 -11.37
C GLY C 60 -9.52 -33.07 -11.87
N GLU C 61 -8.58 -33.59 -12.67
CA GLU C 61 -7.56 -32.74 -13.26
C GLU C 61 -8.22 -31.60 -14.01
N ILE C 62 -7.61 -30.42 -13.95
CA ILE C 62 -8.11 -29.25 -14.66
C ILE C 62 -7.23 -29.06 -15.89
N LEU C 63 -7.80 -29.32 -17.06
CA LEU C 63 -7.00 -29.36 -18.27
C LEU C 63 -6.70 -27.98 -18.81
N PHE C 64 -7.70 -27.10 -18.89
CA PHE C 64 -7.43 -25.70 -19.16
C PHE C 64 -8.43 -24.83 -18.41
N ASP C 65 -8.12 -23.54 -18.33
CA ASP C 65 -8.91 -22.59 -17.57
C ASP C 65 -8.58 -21.22 -18.16
N LEU C 66 -9.48 -20.69 -18.99
CA LEU C 66 -9.13 -19.50 -19.73
C LEU C 66 -10.28 -18.52 -19.79
N ALA C 67 -9.97 -17.23 -19.63
CA ALA C 67 -10.94 -16.20 -19.34
C ALA C 67 -11.26 -15.38 -20.57
N LEU C 68 -12.54 -15.14 -20.79
CA LEU C 68 -12.98 -14.37 -21.94
C LEU C 68 -12.35 -13.00 -21.94
N GLY C 69 -11.77 -12.61 -23.07
CA GLY C 69 -11.21 -11.29 -23.25
C GLY C 69 -10.87 -11.09 -24.70
N PRO C 70 -10.03 -10.10 -25.00
CA PRO C 70 -9.36 -10.07 -26.31
C PRO C 70 -7.97 -10.68 -26.29
N GLY C 71 -7.54 -11.26 -25.19
CA GLY C 71 -6.28 -11.95 -25.15
C GLY C 71 -6.31 -13.34 -25.71
N LEU C 72 -7.49 -13.80 -26.10
CA LEU C 72 -7.69 -15.13 -26.67
C LEU C 72 -7.49 -15.17 -28.16
N ASN C 73 -7.27 -14.05 -28.79
CA ASN C 73 -7.19 -14.01 -30.24
C ASN C 73 -6.03 -13.10 -30.64
N PRO C 74 -5.06 -13.59 -31.41
CA PRO C 74 -3.98 -12.71 -31.84
C PRO C 74 -4.42 -11.53 -32.68
N TYR C 75 -5.52 -11.65 -33.42
CA TYR C 75 -6.05 -10.49 -34.11
C TYR C 75 -6.53 -9.43 -33.14
N LEU C 76 -7.30 -9.84 -32.13
CA LEU C 76 -7.87 -8.89 -31.20
C LEU C 76 -6.88 -8.42 -30.15
N ALA C 77 -5.95 -9.27 -29.73
CA ALA C 77 -4.92 -8.82 -28.81
C ALA C 77 -4.07 -7.71 -29.39
N HIS C 78 -4.03 -7.58 -30.70
CA HIS C 78 -3.31 -6.54 -31.42
C HIS C 78 -4.20 -5.37 -31.77
N LEU C 79 -5.41 -5.61 -32.22
CA LEU C 79 -6.37 -4.54 -32.42
C LEU C 79 -6.71 -3.81 -31.13
N SER C 80 -6.49 -4.43 -29.98
CA SER C 80 -6.92 -3.86 -28.71
C SER C 80 -5.87 -2.99 -28.08
N ALA C 81 -4.99 -2.41 -28.86
CA ALA C 81 -4.14 -1.35 -28.40
C ALA C 81 -4.55 -0.01 -28.98
N MET C 82 -5.28 -0.01 -30.08
CA MET C 82 -5.83 1.20 -30.64
C MET C 82 -7.04 1.72 -29.90
N TYR C 83 -7.68 0.91 -29.06
CA TYR C 83 -8.97 1.23 -28.48
C TYR C 83 -8.90 1.31 -26.97
N THR C 84 -10.01 1.69 -26.36
CA THR C 84 -10.16 1.83 -24.92
C THR C 84 -10.89 0.66 -24.29
N GLY C 85 -11.91 0.12 -24.92
CA GLY C 85 -12.79 -0.84 -24.29
C GLY C 85 -13.10 -1.99 -25.22
N TRP C 86 -13.96 -2.89 -24.73
CA TRP C 86 -14.48 -3.97 -25.56
C TRP C 86 -15.76 -4.46 -24.93
N VAL C 87 -16.58 -5.16 -25.71
CA VAL C 87 -17.77 -5.85 -25.22
C VAL C 87 -18.08 -6.99 -26.15
N GLY C 88 -18.56 -8.09 -25.61
CA GLY C 88 -19.23 -9.05 -26.42
C GLY C 88 -18.75 -10.46 -26.18
N ASN C 89 -19.35 -11.37 -26.92
CA ASN C 89 -19.22 -12.79 -26.72
C ASN C 89 -18.12 -13.33 -27.62
N MET C 90 -17.75 -14.59 -27.42
CA MET C 90 -16.88 -15.27 -28.35
C MET C 90 -17.42 -16.66 -28.59
N GLU C 91 -16.98 -17.28 -29.67
CA GLU C 91 -17.28 -18.66 -29.97
C GLU C 91 -16.01 -19.45 -29.85
N VAL C 92 -16.01 -20.48 -29.02
CA VAL C 92 -14.84 -21.32 -28.92
C VAL C 92 -15.21 -22.69 -29.42
N GLN C 93 -14.20 -23.46 -29.80
CA GLN C 93 -14.42 -24.83 -30.17
C GLN C 93 -13.25 -25.66 -29.70
N LEU C 94 -13.57 -26.82 -29.14
CA LEU C 94 -12.60 -27.74 -28.58
C LEU C 94 -12.49 -28.91 -29.54
N VAL C 95 -11.27 -29.15 -30.03
CA VAL C 95 -11.00 -30.33 -30.85
C VAL C 95 -10.25 -31.32 -29.98
N LEU C 96 -10.58 -32.59 -30.14
CA LEU C 96 -10.02 -33.68 -29.38
C LEU C 96 -9.50 -34.73 -30.36
N ALA C 97 -8.35 -35.32 -30.06
CA ALA C 97 -7.71 -36.26 -30.96
C ALA C 97 -7.74 -37.65 -30.33
N GLY C 98 -8.84 -38.37 -30.54
CA GLY C 98 -8.95 -39.72 -30.05
C GLY C 98 -9.76 -40.55 -31.01
N ASN C 99 -9.44 -41.84 -31.09
CA ASN C 99 -10.04 -42.73 -32.07
C ASN C 99 -11.27 -43.41 -31.47
N ALA C 100 -11.78 -44.45 -32.13
CA ALA C 100 -12.99 -45.12 -31.71
C ALA C 100 -12.80 -46.05 -30.55
N PHE C 101 -11.57 -46.33 -30.15
CA PHE C 101 -11.29 -47.32 -29.14
C PHE C 101 -10.88 -46.72 -27.82
N THR C 102 -10.94 -45.40 -27.68
CA THR C 102 -10.73 -44.75 -26.41
C THR C 102 -12.02 -44.80 -25.60
N ALA C 103 -11.97 -44.25 -24.40
CA ALA C 103 -13.16 -44.08 -23.59
C ALA C 103 -12.87 -43.12 -22.46
N GLY C 104 -13.68 -42.10 -22.31
CA GLY C 104 -13.46 -41.10 -21.29
C GLY C 104 -14.21 -39.86 -21.66
N LYS C 105 -14.52 -39.07 -20.65
CA LYS C 105 -15.25 -37.85 -20.91
C LYS C 105 -14.49 -36.66 -20.38
N VAL C 106 -14.96 -35.49 -20.78
CA VAL C 106 -14.35 -34.21 -20.45
C VAL C 106 -15.48 -33.22 -20.32
N VAL C 107 -15.57 -32.53 -19.20
CA VAL C 107 -16.67 -31.60 -18.98
C VAL C 107 -16.15 -30.18 -19.09
N VAL C 108 -16.76 -29.39 -19.96
CA VAL C 108 -16.37 -28.01 -20.23
C VAL C 108 -17.44 -27.12 -19.64
N ALA C 109 -17.08 -26.29 -18.67
CA ALA C 109 -18.08 -25.55 -17.92
C ALA C 109 -17.78 -24.07 -17.94
N LEU C 110 -18.85 -23.29 -17.94
CA LEU C 110 -18.82 -21.84 -18.01
C LEU C 110 -18.88 -21.28 -16.61
N VAL C 111 -17.74 -20.82 -16.09
CA VAL C 111 -17.60 -20.32 -14.72
C VAL C 111 -17.87 -18.82 -14.70
N PRO C 112 -18.73 -18.32 -13.83
CA PRO C 112 -19.11 -16.91 -13.87
C PRO C 112 -17.98 -16.04 -13.39
N PRO C 113 -18.06 -14.72 -13.58
CA PRO C 113 -16.86 -13.90 -13.40
C PRO C 113 -16.54 -13.55 -11.97
N TYR C 114 -16.79 -14.46 -11.05
CA TYR C 114 -16.51 -14.32 -9.63
C TYR C 114 -16.35 -15.76 -9.18
N PHE C 115 -16.78 -16.13 -7.98
CA PHE C 115 -16.67 -17.54 -7.64
C PHE C 115 -15.20 -17.88 -7.47
N PRO C 116 -14.68 -17.67 -6.29
CA PRO C 116 -13.27 -17.28 -6.14
C PRO C 116 -12.23 -18.22 -6.71
N LYS C 117 -12.02 -19.38 -6.11
CA LYS C 117 -10.83 -20.17 -6.39
C LYS C 117 -10.91 -21.47 -5.58
N GLY C 118 -9.98 -22.36 -5.86
CA GLY C 118 -9.82 -23.58 -5.09
C GLY C 118 -9.98 -24.82 -5.95
N SER C 119 -9.76 -25.95 -5.30
CA SER C 119 -9.93 -27.24 -5.94
C SER C 119 -11.39 -27.45 -6.29
N LEU C 120 -11.72 -27.33 -7.58
CA LEU C 120 -13.04 -27.71 -8.06
C LEU C 120 -13.05 -29.23 -8.22
N THR C 121 -13.77 -29.93 -7.37
CA THR C 121 -13.88 -31.37 -7.56
C THR C 121 -14.84 -31.65 -8.71
N THR C 122 -14.79 -32.86 -9.24
CA THR C 122 -15.72 -33.20 -10.32
C THR C 122 -17.16 -33.20 -9.87
N ALA C 123 -17.42 -33.20 -8.57
CA ALA C 123 -18.79 -33.07 -8.10
C ALA C 123 -19.34 -31.69 -8.40
N GLN C 124 -18.49 -30.68 -8.43
CA GLN C 124 -18.89 -29.29 -8.54
C GLN C 124 -18.79 -28.73 -9.94
N ILE C 125 -18.03 -29.35 -10.83
CA ILE C 125 -17.94 -28.81 -12.17
C ILE C 125 -19.22 -29.03 -12.95
N THR C 126 -19.97 -30.09 -12.65
CA THR C 126 -21.22 -30.33 -13.33
C THR C 126 -22.35 -29.45 -12.84
N CYS C 127 -22.07 -28.49 -11.97
CA CYS C 127 -23.11 -27.63 -11.43
C CYS C 127 -23.21 -26.29 -12.13
N PHE C 128 -22.24 -25.93 -12.94
CA PHE C 128 -22.31 -24.76 -13.80
C PHE C 128 -23.03 -25.10 -15.08
N PRO C 129 -23.37 -24.14 -15.89
CA PRO C 129 -23.80 -24.46 -17.25
C PRO C 129 -22.67 -25.11 -18.02
N HIS C 130 -22.78 -26.39 -18.36
CA HIS C 130 -21.65 -27.13 -18.86
C HIS C 130 -22.03 -27.91 -20.11
N VAL C 131 -21.04 -28.64 -20.63
CA VAL C 131 -21.19 -29.55 -21.75
C VAL C 131 -20.28 -30.74 -21.51
N MET C 132 -20.81 -31.94 -21.63
CA MET C 132 -20.06 -33.16 -21.33
C MET C 132 -19.71 -33.89 -22.61
N CYS C 133 -18.43 -33.86 -22.98
CA CYS C 133 -17.97 -34.31 -24.27
C CYS C 133 -17.25 -35.64 -24.14
N ASP C 134 -17.66 -36.63 -24.92
CA ASP C 134 -16.91 -37.86 -24.96
C ASP C 134 -15.60 -37.63 -25.68
N VAL C 135 -14.57 -38.37 -25.27
CA VAL C 135 -13.25 -38.21 -25.87
C VAL C 135 -13.26 -38.63 -27.33
N ARG C 136 -14.12 -39.55 -27.70
CA ARG C 136 -14.14 -40.11 -29.05
C ARG C 136 -15.17 -39.42 -29.93
N THR C 137 -15.36 -38.12 -29.79
CA THR C 137 -16.19 -37.37 -30.71
C THR C 137 -15.42 -37.00 -31.97
N LEU C 138 -16.17 -36.79 -33.05
CA LEU C 138 -15.58 -36.54 -34.36
C LEU C 138 -15.39 -35.06 -34.65
N GLU C 139 -16.45 -34.34 -34.68
CA GLU C 139 -16.47 -32.94 -35.07
C GLU C 139 -16.34 -32.04 -33.84
N PRO C 140 -15.71 -30.89 -33.97
CA PRO C 140 -15.28 -30.14 -32.79
C PRO C 140 -16.44 -29.56 -32.02
N ILE C 141 -16.37 -29.67 -30.70
CA ILE C 141 -17.45 -29.20 -29.84
C ILE C 141 -17.43 -27.68 -29.85
N GLN C 142 -18.49 -27.07 -30.34
CA GLN C 142 -18.58 -25.62 -30.37
C GLN C 142 -19.42 -25.15 -29.20
N LEU C 143 -18.95 -24.11 -28.53
CA LEU C 143 -19.72 -23.60 -27.41
C LEU C 143 -19.44 -22.13 -27.20
N PRO C 144 -20.38 -21.39 -26.63
CA PRO C 144 -20.22 -19.93 -26.52
C PRO C 144 -19.39 -19.56 -25.30
N LEU C 145 -19.03 -18.29 -25.25
CA LEU C 145 -18.32 -17.73 -24.10
C LEU C 145 -18.91 -16.33 -23.96
N LEU C 146 -19.93 -16.24 -23.12
CA LEU C 146 -20.77 -15.04 -23.04
C LEU C 146 -20.08 -14.01 -22.16
N ASP C 147 -20.51 -12.76 -22.31
CA ASP C 147 -19.92 -11.67 -21.54
C ASP C 147 -20.89 -11.29 -20.44
N VAL C 148 -20.81 -12.00 -19.34
CA VAL C 148 -21.55 -11.67 -18.14
C VAL C 148 -20.73 -10.64 -17.38
N ARG C 149 -21.32 -9.50 -17.07
CA ARG C 149 -20.56 -8.40 -16.50
C ARG C 149 -21.46 -7.57 -15.61
N ARG C 150 -20.83 -6.84 -14.70
CA ARG C 150 -21.54 -5.86 -13.88
C ARG C 150 -21.56 -4.48 -14.48
N VAL C 151 -20.67 -4.18 -15.42
CA VAL C 151 -20.49 -2.85 -15.97
C VAL C 151 -20.94 -2.85 -17.42
N LEU C 152 -20.94 -1.67 -18.03
CA LEU C 152 -21.43 -1.55 -19.40
C LEU C 152 -20.43 -2.14 -20.39
N TRP C 153 -19.18 -1.70 -20.35
CA TRP C 153 -18.13 -2.26 -21.16
C TRP C 153 -16.92 -2.55 -20.29
N HIS C 154 -15.86 -3.07 -20.90
CA HIS C 154 -14.63 -3.40 -20.21
C HIS C 154 -13.52 -2.50 -20.69
N ALA C 155 -12.47 -2.37 -19.91
CA ALA C 155 -11.33 -1.55 -20.29
C ALA C 155 -10.21 -2.47 -20.75
N THR C 156 -9.61 -2.16 -21.90
CA THR C 156 -8.65 -3.10 -22.48
C THR C 156 -7.35 -3.12 -21.70
N GLN C 157 -7.01 -2.04 -21.01
CA GLN C 157 -5.71 -1.90 -20.38
C GLN C 157 -5.74 -2.26 -18.90
N ASP C 158 -6.70 -3.08 -18.50
CA ASP C 158 -6.85 -3.41 -17.09
C ASP C 158 -7.57 -4.75 -17.03
N GLN C 159 -6.81 -5.80 -16.76
CA GLN C 159 -7.40 -7.12 -16.64
C GLN C 159 -8.47 -7.12 -15.57
N GLU C 160 -9.66 -7.59 -15.93
CA GLU C 160 -10.78 -7.58 -15.01
C GLU C 160 -11.39 -8.97 -14.91
N GLU C 161 -12.53 -9.08 -14.26
CA GLU C 161 -13.16 -10.36 -14.00
C GLU C 161 -14.18 -10.64 -15.08
N SER C 162 -13.91 -11.64 -15.90
CA SER C 162 -14.81 -12.04 -16.96
C SER C 162 -14.98 -13.54 -16.92
N MET C 163 -15.95 -14.02 -17.71
CA MET C 163 -16.36 -15.40 -17.65
C MET C 163 -15.24 -16.33 -18.08
N ARG C 164 -15.07 -17.43 -17.37
CA ARG C 164 -14.04 -18.40 -17.70
C ARG C 164 -14.64 -19.64 -18.34
N LEU C 165 -13.84 -20.31 -19.16
CA LEU C 165 -14.08 -21.69 -19.53
C LEU C 165 -13.13 -22.53 -18.72
N VAL C 166 -13.66 -23.50 -17.99
CA VAL C 166 -12.84 -24.43 -17.24
C VAL C 166 -13.13 -25.82 -17.77
N CYS C 167 -12.08 -26.58 -18.06
CA CYS C 167 -12.21 -27.91 -18.59
C CYS C 167 -11.72 -28.88 -17.54
N MET C 168 -12.44 -29.96 -17.32
CA MET C 168 -12.07 -30.90 -16.29
C MET C 168 -12.22 -32.30 -16.83
N LEU C 169 -11.39 -33.20 -16.36
CA LEU C 169 -11.47 -34.60 -16.74
C LEU C 169 -12.50 -35.29 -15.88
N TYR C 170 -13.62 -35.67 -16.48
CA TYR C 170 -14.73 -36.19 -15.71
C TYR C 170 -14.54 -37.66 -15.38
N THR C 171 -14.49 -38.53 -16.38
CA THR C 171 -14.14 -39.92 -16.15
C THR C 171 -12.83 -40.23 -16.86
N PRO C 172 -12.01 -41.13 -16.31
CA PRO C 172 -10.65 -41.29 -16.83
C PRO C 172 -10.63 -42.01 -18.16
N LEU C 173 -9.44 -42.06 -18.76
CA LEU C 173 -9.24 -42.54 -20.12
C LEU C 173 -8.79 -44.00 -20.09
N ARG C 174 -9.51 -44.86 -20.78
CA ARG C 174 -9.27 -46.31 -20.81
C ARG C 174 -8.87 -46.73 -22.21
N THR C 175 -7.58 -46.95 -22.45
CA THR C 175 -7.08 -47.38 -23.75
C THR C 175 -5.93 -48.36 -23.54
N ASN C 176 -5.46 -48.92 -24.66
CA ASN C 176 -4.23 -49.69 -24.71
C ASN C 176 -3.07 -48.78 -25.13
N SER C 177 -1.87 -49.29 -25.02
CA SER C 177 -0.70 -48.48 -25.32
C SER C 177 0.47 -49.38 -25.68
N PRO C 178 1.07 -49.23 -26.85
CA PRO C 178 2.01 -50.25 -27.32
C PRO C 178 3.25 -50.47 -26.46
N GLY C 179 4.24 -49.58 -26.55
CA GLY C 179 5.24 -49.46 -25.50
C GLY C 179 5.73 -48.04 -25.37
N ASP C 180 5.53 -47.25 -26.44
CA ASP C 180 5.89 -45.85 -26.53
C ASP C 180 5.37 -45.31 -27.85
N GLU C 181 4.74 -44.15 -27.88
CA GLU C 181 4.39 -43.33 -26.74
C GLU C 181 3.27 -44.01 -25.96
N SER C 182 2.73 -43.35 -24.94
CA SER C 182 1.71 -43.95 -24.10
C SER C 182 0.30 -43.46 -24.46
N PHE C 183 0.06 -43.13 -25.72
CA PHE C 183 -1.25 -42.68 -26.16
C PHE C 183 -1.90 -41.64 -25.27
N VAL C 184 -1.44 -40.42 -25.32
CA VAL C 184 -2.18 -39.30 -24.72
C VAL C 184 -3.20 -38.79 -25.73
N VAL C 185 -4.38 -38.44 -25.24
CA VAL C 185 -5.44 -37.84 -26.04
C VAL C 185 -5.24 -36.33 -25.99
N SER C 186 -4.88 -35.72 -27.11
CA SER C 186 -4.62 -34.29 -27.12
C SER C 186 -5.88 -33.51 -27.41
N GLY C 187 -5.84 -32.24 -27.05
CA GLY C 187 -6.98 -31.38 -27.26
C GLY C 187 -6.54 -29.95 -27.34
N ARG C 188 -7.24 -29.17 -28.14
CA ARG C 188 -6.86 -27.81 -28.44
C ARG C 188 -8.11 -26.94 -28.55
N LEU C 189 -8.02 -25.75 -27.99
CA LEU C 189 -9.13 -24.81 -27.98
C LEU C 189 -8.85 -23.69 -28.97
N LEU C 190 -9.85 -23.34 -29.78
CA LEU C 190 -9.68 -22.34 -30.81
C LEU C 190 -10.89 -21.42 -30.79
N SER C 191 -10.67 -20.11 -30.81
CA SER C 191 -11.74 -19.14 -30.59
C SER C 191 -11.84 -18.14 -31.72
N LYS C 192 -12.98 -17.49 -31.82
CA LYS C 192 -13.16 -16.36 -32.71
C LYS C 192 -14.24 -15.46 -32.13
N PRO C 193 -14.30 -14.19 -32.54
CA PRO C 193 -15.30 -13.30 -31.97
C PRO C 193 -16.70 -13.65 -32.45
N ALA C 194 -17.66 -13.52 -31.55
CA ALA C 194 -19.04 -13.72 -31.94
C ALA C 194 -19.49 -12.60 -32.85
N ALA C 195 -20.75 -12.63 -33.23
CA ALA C 195 -21.23 -11.64 -34.19
C ALA C 195 -21.34 -10.25 -33.59
N ASP C 196 -21.23 -10.12 -32.27
CA ASP C 196 -21.38 -8.81 -31.62
C ASP C 196 -20.23 -8.55 -30.66
N PHE C 197 -19.01 -8.75 -31.13
CA PHE C 197 -17.84 -8.21 -30.45
C PHE C 197 -17.61 -6.80 -30.95
N ASN C 198 -17.20 -5.91 -30.05
CA ASN C 198 -16.92 -4.53 -30.43
C ASN C 198 -15.88 -3.96 -29.51
N PHE C 199 -15.01 -3.11 -30.05
CA PHE C 199 -14.19 -2.22 -29.26
C PHE C 199 -14.92 -0.89 -29.15
N VAL C 200 -14.41 -0.01 -28.31
CA VAL C 200 -15.20 1.14 -27.86
C VAL C 200 -14.69 2.47 -28.41
N TYR C 201 -13.46 2.85 -28.08
CA TYR C 201 -13.09 4.25 -28.33
C TYR C 201 -11.67 4.30 -28.87
N LEU C 202 -11.53 4.74 -30.12
CA LEU C 202 -10.21 4.81 -30.74
C LEU C 202 -9.27 5.75 -30.02
N THR C 203 -8.21 5.24 -29.43
CA THR C 203 -7.13 6.03 -28.89
C THR C 203 -5.90 5.91 -29.76
N PRO C 204 -4.87 6.72 -29.54
CA PRO C 204 -3.62 6.49 -30.20
C PRO C 204 -2.96 5.24 -29.68
N PRO C 205 -2.41 4.41 -30.58
CA PRO C 205 -1.86 3.13 -30.15
C PRO C 205 -0.69 3.31 -29.22
N ILE C 206 -0.67 2.49 -28.19
CA ILE C 206 0.40 2.47 -27.21
C ILE C 206 1.16 1.16 -27.36
N GLU C 207 2.43 1.19 -27.02
CA GLU C 207 3.30 0.03 -27.18
C GLU C 207 3.46 -0.79 -25.92
N ARG C 208 3.43 -0.14 -24.76
CA ARG C 208 3.51 -0.84 -23.48
C ARG C 208 2.12 -1.27 -23.03
N THR C 209 1.57 -2.22 -23.78
CA THR C 209 0.27 -2.78 -23.44
C THR C 209 0.47 -3.99 -22.53
N ILE C 210 -0.60 -4.73 -22.30
CA ILE C 210 -0.54 -5.91 -21.46
C ILE C 210 -0.62 -7.21 -22.24
N TYR C 211 -1.11 -7.19 -23.47
CA TYR C 211 -1.05 -8.36 -24.34
C TYR C 211 0.15 -8.26 -25.26
N ARG C 212 1.32 -8.05 -24.67
CA ARG C 212 2.56 -7.87 -25.42
C ARG C 212 3.49 -8.99 -25.01
N MET C 213 3.72 -9.94 -25.92
CA MET C 213 4.43 -11.16 -25.57
C MET C 213 5.89 -10.88 -25.24
N VAL C 214 6.45 -11.68 -24.34
CA VAL C 214 7.83 -11.53 -23.92
C VAL C 214 8.74 -11.81 -25.12
N ASP C 215 9.52 -10.82 -25.51
CA ASP C 215 10.54 -10.98 -26.53
C ASP C 215 11.91 -10.93 -25.88
N LEU C 216 12.87 -11.61 -26.48
CA LEU C 216 14.20 -11.70 -25.92
C LEU C 216 15.19 -10.92 -26.76
N PRO C 217 16.33 -10.52 -26.19
CA PRO C 217 17.34 -9.84 -26.98
C PRO C 217 17.94 -10.76 -28.02
N VAL C 218 18.24 -10.20 -29.18
CA VAL C 218 18.89 -10.97 -30.26
C VAL C 218 20.39 -10.76 -30.06
N ILE C 219 20.95 -11.58 -29.18
CA ILE C 219 22.36 -11.50 -28.82
C ILE C 219 22.83 -12.90 -28.47
N GLN C 220 23.89 -13.34 -29.13
CA GLN C 220 24.44 -14.64 -28.83
C GLN C 220 25.05 -14.63 -27.43
N PRO C 221 24.94 -15.73 -26.68
CA PRO C 221 25.45 -15.72 -25.31
C PRO C 221 26.94 -15.46 -25.21
N ARG C 222 27.72 -15.85 -26.22
CA ARG C 222 29.15 -15.59 -26.19
C ARG C 222 29.49 -14.11 -26.18
N LEU C 223 28.58 -13.28 -26.68
CA LEU C 223 28.74 -11.84 -26.69
C LEU C 223 28.19 -11.19 -25.43
N CYS C 224 27.61 -11.96 -24.54
CA CYS C 224 26.97 -11.44 -23.34
C CYS C 224 28.01 -11.15 -22.27
N THR C 225 27.53 -10.76 -21.09
CA THR C 225 28.37 -10.54 -19.94
C THR C 225 27.81 -11.31 -18.75
N HIS C 226 28.70 -11.79 -17.89
CA HIS C 226 28.26 -12.61 -16.77
C HIS C 226 27.60 -11.76 -15.70
N ALA C 227 26.88 -12.42 -14.81
CA ALA C 227 26.06 -11.75 -13.82
C ALA C 227 26.64 -11.79 -12.43
N ARG C 228 27.47 -12.77 -12.11
CA ARG C 228 28.06 -12.92 -10.79
C ARG C 228 29.51 -12.48 -10.71
N TRP C 229 30.25 -12.59 -11.80
CA TRP C 229 31.64 -12.14 -11.86
C TRP C 229 31.81 -11.30 -13.12
N PRO C 230 32.44 -10.13 -13.04
CA PRO C 230 32.48 -9.23 -14.19
C PRO C 230 33.40 -9.72 -15.30
N ALA C 231 32.93 -10.67 -16.10
CA ALA C 231 33.70 -11.23 -17.19
C ALA C 231 32.73 -11.63 -18.29
N PRO C 232 33.25 -11.93 -19.48
CA PRO C 232 32.39 -12.50 -20.53
C PRO C 232 31.89 -13.88 -20.13
N VAL C 233 30.92 -14.35 -20.89
CA VAL C 233 30.33 -15.67 -20.70
C VAL C 233 30.99 -16.61 -21.70
N TYR C 234 31.55 -17.72 -21.20
CA TYR C 234 32.35 -18.59 -22.03
C TYR C 234 31.73 -19.95 -22.30
N GLY C 235 30.64 -20.31 -21.62
CA GLY C 235 29.97 -21.53 -22.04
C GLY C 235 28.68 -21.85 -21.31
N LEU C 236 27.62 -22.16 -22.03
CA LEU C 236 26.37 -22.56 -21.41
C LEU C 236 26.26 -24.07 -21.42
N LEU C 237 25.86 -24.64 -20.29
CA LEU C 237 25.85 -26.09 -20.18
C LEU C 237 24.91 -26.55 -19.09
N VAL C 238 24.52 -27.82 -19.18
CA VAL C 238 23.81 -28.51 -18.12
C VAL C 238 24.80 -29.39 -17.38
N ASP C 239 24.48 -29.70 -16.12
CA ASP C 239 25.40 -30.43 -15.27
C ASP C 239 24.68 -31.06 -14.08
N PRO C 240 24.16 -32.27 -14.21
CA PRO C 240 23.40 -32.88 -13.12
C PRO C 240 24.21 -33.19 -11.87
N SER C 241 25.49 -32.82 -11.82
CA SER C 241 26.34 -33.19 -10.69
C SER C 241 26.36 -32.13 -9.59
N LEU C 242 26.40 -30.85 -9.97
CA LEU C 242 26.50 -29.76 -9.00
C LEU C 242 25.21 -29.67 -8.19
N PRO C 243 25.21 -28.85 -7.11
CA PRO C 243 23.97 -28.61 -6.36
C PRO C 243 22.81 -28.21 -7.27
N SER C 244 21.78 -29.06 -7.32
CA SER C 244 20.70 -28.82 -8.27
C SER C 244 19.86 -27.61 -7.91
N ASN C 245 19.87 -27.17 -6.66
CA ASN C 245 19.08 -26.01 -6.21
C ASN C 245 19.99 -25.03 -5.49
N PRO C 246 20.75 -24.23 -6.23
CA PRO C 246 21.61 -23.23 -5.59
C PRO C 246 20.82 -22.06 -5.01
N GLN C 247 21.49 -21.13 -4.36
CA GLN C 247 20.86 -19.95 -3.80
C GLN C 247 21.66 -18.70 -4.12
N TRP C 248 22.02 -18.55 -5.39
CA TRP C 248 22.78 -17.39 -5.82
C TRP C 248 22.03 -16.10 -5.50
N GLN C 249 22.75 -15.00 -5.49
CA GLN C 249 22.15 -13.73 -5.15
C GLN C 249 22.40 -12.66 -6.20
N ASN C 250 23.16 -12.96 -7.25
CA ASN C 250 23.32 -12.10 -8.39
C ASN C 250 22.82 -12.84 -9.63
N GLY C 251 22.28 -12.10 -10.59
CA GLY C 251 21.65 -12.74 -11.71
C GLY C 251 20.32 -13.36 -11.38
N ARG C 252 19.62 -12.80 -10.40
CA ARG C 252 18.26 -13.19 -10.06
C ARG C 252 17.32 -12.08 -10.46
N VAL C 253 16.29 -12.41 -11.24
CA VAL C 253 15.34 -11.42 -11.72
C VAL C 253 14.03 -12.15 -11.99
N HIS C 254 12.94 -11.40 -12.01
CA HIS C 254 11.65 -11.93 -12.43
C HIS C 254 11.35 -11.47 -13.84
N VAL C 255 10.84 -12.39 -14.66
CA VAL C 255 10.46 -12.06 -16.02
C VAL C 255 9.47 -10.91 -16.08
N ASP C 256 8.79 -10.60 -14.98
CA ASP C 256 7.95 -9.41 -14.92
C ASP C 256 8.71 -8.18 -14.45
N GLY C 257 10.03 -8.22 -14.43
CA GLY C 257 10.83 -7.03 -14.25
C GLY C 257 11.20 -6.67 -12.83
N THR C 258 11.22 -7.62 -11.91
CA THR C 258 11.52 -7.34 -10.51
C THR C 258 12.85 -7.98 -10.15
N LEU C 259 13.77 -7.18 -9.64
CA LEU C 259 15.11 -7.64 -9.30
C LEU C 259 15.09 -8.35 -7.95
N LEU C 260 15.66 -9.55 -7.92
CA LEU C 260 15.56 -10.42 -6.75
C LEU C 260 16.91 -10.48 -6.04
N GLY C 261 16.98 -9.89 -4.86
CA GLY C 261 18.17 -10.00 -4.03
C GLY C 261 19.11 -8.85 -4.29
N THR C 262 20.38 -9.17 -4.48
CA THR C 262 21.42 -8.17 -4.75
C THR C 262 21.80 -8.13 -6.21
N THR C 263 20.84 -8.29 -7.10
CA THR C 263 21.13 -8.20 -8.52
C THR C 263 21.05 -6.74 -8.97
N PRO C 264 22.09 -6.21 -9.61
CA PRO C 264 22.04 -4.85 -10.11
C PRO C 264 21.63 -4.79 -11.56
N ILE C 265 21.22 -3.59 -11.99
CA ILE C 265 20.93 -3.36 -13.40
C ILE C 265 22.20 -3.52 -14.21
N SER C 266 23.21 -2.71 -13.90
CA SER C 266 24.44 -2.66 -14.68
C SER C 266 25.29 -3.90 -14.44
N GLY C 267 26.21 -4.14 -15.37
CA GLY C 267 27.19 -5.19 -15.21
C GLY C 267 28.50 -4.72 -14.62
N SER C 268 28.67 -3.41 -14.50
CA SER C 268 29.84 -2.87 -13.81
C SER C 268 29.68 -2.93 -12.29
N TRP C 269 28.46 -3.04 -11.80
CA TRP C 269 28.20 -3.14 -10.37
C TRP C 269 28.41 -4.54 -9.83
N VAL C 270 28.64 -5.52 -10.70
CA VAL C 270 28.73 -6.91 -10.26
C VAL C 270 30.05 -7.16 -9.58
N SER C 271 30.00 -7.73 -8.37
CA SER C 271 31.17 -8.03 -7.56
C SER C 271 32.01 -6.76 -7.37
N CYS C 272 31.41 -5.81 -6.66
CA CYS C 272 31.96 -4.47 -6.50
C CYS C 272 31.20 -3.78 -5.39
N PHE C 273 31.85 -2.78 -4.79
CA PHE C 273 31.15 -1.95 -3.82
C PHE C 273 31.82 -0.59 -3.72
N ALA C 274 30.99 0.43 -3.53
CA ALA C 274 31.46 1.76 -3.22
C ALA C 274 31.39 1.93 -1.72
N ALA C 275 32.51 2.28 -1.10
CA ALA C 275 32.65 2.25 0.34
C ALA C 275 33.23 3.56 0.83
N GLU C 276 33.15 3.75 2.14
CA GLU C 276 33.77 4.89 2.79
C GLU C 276 35.14 4.48 3.32
N ALA C 277 36.17 5.25 2.97
CA ALA C 277 37.53 4.94 3.37
C ALA C 277 37.75 5.41 4.80
N ALA C 278 37.98 4.46 5.70
CA ALA C 278 38.31 4.74 7.10
C ALA C 278 39.64 4.05 7.35
N TYR C 279 40.73 4.78 7.14
CA TYR C 279 42.07 4.23 7.16
C TYR C 279 42.74 4.49 8.51
N GLU C 280 43.53 3.52 8.96
CA GLU C 280 44.31 3.67 10.18
C GLU C 280 45.37 2.56 10.20
N PHE C 281 46.59 2.93 10.60
CA PHE C 281 47.71 2.01 10.55
C PHE C 281 47.76 1.13 11.79
N GLN C 282 48.35 -0.06 11.62
CA GLN C 282 48.45 -1.04 12.68
C GLN C 282 49.71 -1.87 12.46
N SER C 283 50.40 -2.19 13.56
CA SER C 283 51.71 -2.84 13.49
C SER C 283 51.64 -4.36 13.57
N GLY C 284 50.53 -4.96 13.14
CA GLY C 284 50.41 -6.40 13.18
C GLY C 284 50.74 -7.03 11.84
N THR C 285 49.71 -7.52 11.14
CA THR C 285 49.91 -8.14 9.83
C THR C 285 49.94 -7.13 8.69
N GLY C 286 49.66 -5.88 8.96
CA GLY C 286 49.72 -4.86 7.93
C GLY C 286 48.67 -3.80 8.16
N GLU C 287 48.30 -3.12 7.08
CA GLU C 287 47.28 -2.09 7.14
C GLU C 287 45.89 -2.72 7.05
N VAL C 288 44.95 -2.16 7.80
CA VAL C 288 43.58 -2.64 7.82
C VAL C 288 42.64 -1.46 7.69
N ALA C 289 41.72 -1.53 6.73
CA ALA C 289 40.73 -0.49 6.49
C ALA C 289 39.34 -1.05 6.73
N THR C 290 38.53 -0.30 7.48
CA THR C 290 37.14 -0.61 7.69
C THR C 290 36.32 0.23 6.71
N PHE C 291 35.48 -0.42 5.93
CA PHE C 291 34.71 0.23 4.89
C PHE C 291 33.26 0.35 5.31
N THR C 292 32.73 1.57 5.22
CA THR C 292 31.31 1.83 5.45
C THR C 292 30.62 1.83 4.09
N LEU C 293 29.90 0.75 3.79
CA LEU C 293 29.37 0.56 2.45
C LEU C 293 28.25 1.56 2.15
N ILE C 294 28.13 1.90 0.87
CA ILE C 294 27.01 2.67 0.35
C ILE C 294 26.64 2.09 -1.01
N GLU C 295 25.55 2.60 -1.57
CA GLU C 295 25.13 2.19 -2.89
C GLU C 295 25.98 2.90 -3.94
N GLN C 296 26.42 2.13 -4.94
CA GLN C 296 27.41 2.64 -5.88
C GLN C 296 26.91 3.83 -6.67
N ASP C 297 25.61 4.10 -6.67
CA ASP C 297 25.11 5.30 -7.33
C ASP C 297 25.27 6.54 -6.48
N GLY C 298 25.75 6.40 -5.26
CA GLY C 298 25.94 7.53 -4.37
C GLY C 298 24.78 7.83 -3.45
N SER C 299 23.87 6.89 -3.24
CA SER C 299 22.72 7.10 -2.38
C SER C 299 22.93 6.39 -1.04
N ALA C 300 22.40 7.00 0.01
CA ALA C 300 22.63 6.50 1.36
C ALA C 300 22.01 5.12 1.54
N TYR C 301 22.83 4.16 1.95
CA TYR C 301 22.40 2.78 2.10
C TYR C 301 21.90 2.53 3.52
N VAL C 302 20.76 1.86 3.62
CA VAL C 302 20.18 1.45 4.90
C VAL C 302 19.86 -0.04 4.83
N PRO C 303 20.03 -0.79 5.91
CA PRO C 303 19.66 -2.22 5.88
C PRO C 303 18.18 -2.39 5.60
N GLY C 304 17.87 -3.08 4.51
CA GLY C 304 16.50 -3.21 4.06
C GLY C 304 16.10 -4.61 3.69
N ASP C 305 15.65 -4.80 2.45
CA ASP C 305 15.23 -6.10 1.98
C ASP C 305 16.41 -6.93 1.50
N ARG C 306 17.38 -6.29 0.85
CA ARG C 306 18.52 -7.00 0.30
C ARG C 306 19.48 -7.44 1.40
N ALA C 307 20.19 -8.53 1.12
CA ALA C 307 21.15 -9.08 2.07
C ALA C 307 22.48 -8.37 2.08
N ALA C 308 22.65 -7.32 1.27
CA ALA C 308 23.88 -6.57 1.13
C ALA C 308 23.60 -5.43 0.16
N PRO C 309 24.49 -4.44 0.02
CA PRO C 309 24.28 -3.43 -1.02
C PRO C 309 24.24 -4.08 -2.40
N LEU C 310 23.82 -3.30 -3.38
CA LEU C 310 23.54 -3.85 -4.71
C LEU C 310 24.83 -4.21 -5.40
N GLY C 311 25.06 -5.50 -5.61
CA GLY C 311 26.19 -5.99 -6.37
C GLY C 311 27.25 -6.68 -5.55
N TYR C 312 27.20 -6.58 -4.23
CA TYR C 312 28.21 -7.18 -3.38
C TYR C 312 28.39 -8.66 -3.71
N PRO C 313 29.62 -9.17 -3.73
CA PRO C 313 29.84 -10.55 -4.16
C PRO C 313 29.00 -11.55 -3.37
N ASP C 314 28.67 -12.66 -4.03
CA ASP C 314 27.82 -13.69 -3.47
C ASP C 314 28.52 -15.04 -3.40
N PHE C 315 29.84 -15.08 -3.58
CA PHE C 315 30.62 -16.29 -3.47
C PHE C 315 31.44 -16.24 -2.18
N SER C 316 32.19 -17.30 -1.93
CA SER C 316 32.93 -17.47 -0.69
C SER C 316 34.40 -17.72 -1.00
N GLY C 317 35.28 -16.90 -0.44
CA GLY C 317 36.70 -17.12 -0.64
C GLY C 317 37.53 -15.93 -0.20
N GLN C 318 38.68 -15.78 -0.85
CA GLN C 318 39.64 -14.74 -0.54
C GLN C 318 39.68 -13.76 -1.71
N LEU C 319 38.92 -12.67 -1.59
CA LEU C 319 38.82 -11.67 -2.64
C LEU C 319 39.73 -10.49 -2.30
N GLU C 320 40.20 -9.80 -3.32
CA GLU C 320 41.15 -8.70 -3.16
C GLU C 320 40.69 -7.49 -3.97
N ILE C 321 40.09 -6.53 -3.27
CA ILE C 321 39.64 -5.28 -3.89
C ILE C 321 40.86 -4.49 -4.31
N GLU C 322 40.69 -3.42 -5.11
CA GLU C 322 41.89 -2.66 -5.36
C GLU C 322 42.04 -1.43 -4.46
N VAL C 323 41.37 -0.31 -4.76
CA VAL C 323 41.76 0.97 -4.18
C VAL C 323 40.70 2.02 -4.44
N GLN C 324 40.75 3.09 -3.65
CA GLN C 324 40.98 4.44 -4.16
C GLN C 324 41.86 5.11 -3.11
N THR C 325 43.18 5.00 -3.29
CA THR C 325 44.14 5.44 -2.28
C THR C 325 44.82 6.73 -2.74
N GLU C 326 44.59 7.80 -2.00
CA GLU C 326 45.34 9.04 -2.15
C GLU C 326 46.38 9.11 -1.03
N THR C 327 47.65 9.08 -1.40
CA THR C 327 48.76 9.04 -0.45
C THR C 327 49.42 10.41 -0.41
N THR C 328 49.45 11.03 0.77
CA THR C 328 50.09 12.33 0.94
C THR C 328 51.59 12.22 1.20
N LYS C 329 52.14 11.02 1.19
CA LYS C 329 53.59 10.84 1.31
C LYS C 329 54.28 11.28 0.02
N THR C 330 55.40 11.98 0.17
CA THR C 330 56.06 12.57 -0.98
C THR C 330 56.65 11.49 -1.89
N GLY C 331 56.51 11.68 -3.19
CA GLY C 331 56.96 10.72 -4.18
C GLY C 331 55.84 10.25 -5.09
N ASP C 332 54.66 10.08 -4.52
CA ASP C 332 53.49 9.66 -5.27
C ASP C 332 52.25 10.05 -4.48
N LYS C 333 51.15 10.28 -5.21
CA LYS C 333 49.90 10.72 -4.61
C LYS C 333 48.79 9.70 -4.72
N LEU C 334 48.50 9.23 -5.93
CA LEU C 334 47.42 8.28 -6.19
C LEU C 334 48.01 7.00 -6.75
N LYS C 335 47.87 5.91 -6.03
CA LYS C 335 48.40 4.61 -6.44
C LYS C 335 47.27 3.58 -6.44
N VAL C 336 47.61 2.35 -6.83
CA VAL C 336 46.67 1.25 -6.90
C VAL C 336 47.31 0.07 -6.17
N THR C 337 47.00 -0.08 -4.90
CA THR C 337 47.41 -1.21 -4.08
C THR C 337 46.33 -2.29 -4.10
N THR C 338 46.68 -3.45 -3.59
CA THR C 338 45.76 -4.59 -3.58
C THR C 338 45.51 -4.99 -2.14
N PHE C 339 44.30 -4.75 -1.66
CA PHE C 339 43.89 -5.18 -0.33
C PHE C 339 43.59 -6.67 -0.36
N GLU C 340 42.94 -7.17 0.67
CA GLU C 340 42.51 -8.55 0.69
C GLU C 340 41.28 -8.65 1.58
N MET C 341 40.33 -9.50 1.16
CA MET C 341 39.07 -9.64 1.85
C MET C 341 38.70 -11.12 1.90
N ILE C 342 38.14 -11.53 3.03
CA ILE C 342 37.70 -12.90 3.23
C ILE C 342 36.18 -12.93 3.21
N LEU C 343 35.62 -13.84 2.42
CA LEU C 343 34.18 -13.94 2.26
C LEU C 343 33.59 -15.12 3.02
N GLY C 344 34.28 -16.25 3.07
CA GLY C 344 33.87 -17.36 3.89
C GLY C 344 33.92 -17.00 5.36
N PRO C 345 33.32 -17.85 6.21
CA PRO C 345 33.29 -17.54 7.65
C PRO C 345 34.66 -17.50 8.28
N THR C 346 35.40 -18.60 8.16
CA THR C 346 36.74 -18.80 8.72
C THR C 346 36.75 -18.72 10.24
N THR C 347 35.58 -18.57 10.85
CA THR C 347 35.39 -18.51 12.31
C THR C 347 36.12 -17.34 12.94
N ASN C 348 36.79 -16.50 12.15
CA ASN C 348 37.38 -15.26 12.67
C ASN C 348 37.23 -14.21 11.56
N ALA C 349 36.13 -13.47 11.62
CA ALA C 349 35.86 -12.40 10.67
C ALA C 349 34.68 -11.57 11.14
N ASP C 350 34.85 -10.25 11.17
CA ASP C 350 33.74 -9.35 11.47
C ASP C 350 33.05 -8.91 10.19
N GLN C 351 32.67 -9.88 9.37
CA GLN C 351 32.10 -9.62 8.05
C GLN C 351 30.60 -9.41 8.19
N ALA C 352 30.17 -8.16 8.06
CA ALA C 352 28.74 -7.82 8.11
C ALA C 352 28.46 -6.73 7.10
N PRO C 353 28.37 -7.09 5.81
CA PRO C 353 27.92 -6.10 4.83
C PRO C 353 26.50 -5.67 5.05
N TYR C 354 25.68 -6.53 5.65
CA TYR C 354 24.29 -6.21 5.91
C TYR C 354 24.16 -4.88 6.65
N GLN C 355 24.93 -4.70 7.73
CA GLN C 355 24.85 -3.47 8.50
C GLN C 355 25.67 -2.34 7.90
N GLY C 356 26.50 -2.63 6.91
CA GLY C 356 27.25 -1.59 6.24
C GLY C 356 28.66 -1.41 6.74
N ARG C 357 29.39 -2.51 6.91
CA ARG C 357 30.78 -2.45 7.35
C ARG C 357 31.51 -3.70 6.89
N VAL C 358 32.67 -3.52 6.27
CA VAL C 358 33.50 -4.65 5.85
C VAL C 358 34.94 -4.37 6.27
N PHE C 359 35.73 -5.42 6.45
CA PHE C 359 37.12 -5.31 6.88
C PHE C 359 38.05 -5.76 5.77
N ALA C 360 39.02 -4.92 5.41
CA ALA C 360 40.00 -5.23 4.38
C ALA C 360 41.40 -5.13 4.97
N SER C 361 42.29 -6.03 4.55
CA SER C 361 43.60 -6.16 5.18
C SER C 361 44.67 -6.37 4.12
N VAL C 362 45.63 -5.46 4.05
CA VAL C 362 46.81 -5.62 3.21
C VAL C 362 48.01 -5.88 4.11
N THR C 363 48.94 -6.69 3.61
CA THR C 363 50.13 -7.09 4.36
C THR C 363 51.25 -6.10 4.05
N ALA C 364 51.30 -5.02 4.82
CA ALA C 364 52.31 -3.98 4.65
C ALA C 364 53.26 -3.99 5.83
N ALA C 365 54.50 -3.55 5.57
CA ALA C 365 55.53 -3.51 6.59
C ALA C 365 55.74 -2.12 7.18
N ALA C 366 55.33 -1.07 6.48
CA ALA C 366 55.43 0.29 7.02
C ALA C 366 54.08 0.99 6.95
N SER C 367 54.06 2.27 7.30
CA SER C 367 52.82 3.03 7.29
C SER C 367 52.54 3.60 5.91
N LEU C 368 51.33 3.37 5.42
CA LEU C 368 50.86 3.93 4.14
C LEU C 368 49.98 5.13 4.48
N ASP C 369 50.48 6.32 4.18
CA ASP C 369 49.83 7.57 4.57
C ASP C 369 48.67 7.84 3.64
N LEU C 370 47.52 7.22 3.95
CA LEU C 370 46.37 7.21 3.06
C LEU C 370 45.28 8.14 3.60
N VAL C 371 44.85 9.08 2.77
CA VAL C 371 43.78 9.98 3.17
C VAL C 371 42.46 9.22 3.25
N ASP C 372 41.60 9.63 4.17
CA ASP C 372 40.25 9.08 4.25
C ASP C 372 39.35 9.79 3.26
N GLY C 373 38.66 9.02 2.42
CA GLY C 373 37.75 9.56 1.43
C GLY C 373 36.68 8.55 1.09
N ARG C 374 36.24 8.58 -0.16
CA ARG C 374 35.23 7.66 -0.69
C ARG C 374 35.88 6.82 -1.78
N VAL C 375 35.89 5.51 -1.60
CA VAL C 375 36.56 4.62 -2.53
C VAL C 375 35.52 3.73 -3.20
N ARG C 376 35.95 3.01 -4.23
CA ARG C 376 35.15 1.91 -4.76
C ARG C 376 36.09 0.80 -5.22
N ALA C 377 35.62 -0.43 -5.08
CA ALA C 377 36.49 -1.60 -5.10
C ALA C 377 36.26 -2.41 -6.35
N VAL C 378 37.32 -3.02 -6.86
CA VAL C 378 37.27 -3.85 -8.06
C VAL C 378 37.95 -5.17 -7.74
N PRO C 379 37.33 -6.31 -8.01
CA PRO C 379 37.98 -7.58 -7.72
C PRO C 379 39.19 -7.81 -8.60
N ARG C 380 40.19 -8.47 -8.04
CA ARG C 380 41.42 -8.81 -8.75
C ARG C 380 41.54 -10.30 -8.99
N SER C 381 41.31 -11.11 -7.96
CA SER C 381 41.30 -12.56 -8.09
C SER C 381 40.63 -13.14 -6.86
N ILE C 382 40.52 -14.47 -6.82
CA ILE C 382 39.90 -15.17 -5.72
C ILE C 382 40.79 -16.34 -5.33
N TYR C 383 40.84 -16.63 -4.03
CA TYR C 383 41.61 -17.74 -3.50
C TYR C 383 40.67 -18.62 -2.70
N GLY C 384 40.58 -19.90 -3.07
CA GLY C 384 39.69 -20.81 -2.38
C GLY C 384 38.24 -20.45 -2.59
N PHE C 385 37.76 -20.62 -3.82
CA PHE C 385 36.40 -20.25 -4.18
C PHE C 385 35.47 -21.43 -3.95
N GLN C 386 34.41 -21.21 -3.19
CA GLN C 386 33.40 -22.23 -2.96
C GLN C 386 32.03 -21.69 -3.33
N ASP C 387 31.25 -22.50 -4.05
CA ASP C 387 29.90 -22.14 -4.42
C ASP C 387 29.03 -22.28 -3.18
N THR C 388 29.01 -21.22 -2.37
CA THR C 388 28.31 -21.25 -1.10
C THR C 388 28.11 -19.82 -0.63
N ILE C 389 26.95 -19.54 -0.06
CA ILE C 389 26.57 -18.22 0.43
C ILE C 389 27.65 -17.66 1.35
N PRO C 390 28.06 -16.41 1.17
CA PRO C 390 29.03 -15.83 2.10
C PRO C 390 28.38 -15.39 3.40
N GLU C 391 29.13 -14.69 4.24
CA GLU C 391 28.61 -14.18 5.50
C GLU C 391 28.12 -12.75 5.31
N TYR C 392 26.86 -12.61 4.91
CA TYR C 392 26.26 -11.28 4.85
C TYR C 392 26.07 -10.71 6.24
N ASN C 393 25.86 -11.58 7.22
CA ASN C 393 25.93 -11.24 8.63
C ASN C 393 26.77 -12.31 9.30
N ASP C 394 27.21 -12.02 10.53
CA ASP C 394 28.14 -12.91 11.22
C ASP C 394 27.59 -14.32 11.32
N GLY C 395 26.50 -14.49 12.05
CA GLY C 395 25.77 -15.74 12.10
C GLY C 395 24.28 -15.44 12.21
N LEU C 396 23.88 -14.33 11.62
CA LEU C 396 22.62 -13.66 11.93
C LEU C 396 21.71 -13.67 10.70
N LEU C 397 20.63 -12.89 10.79
CA LEU C 397 19.57 -12.93 9.79
C LEU C 397 20.11 -12.50 8.43
N VAL C 398 19.53 -13.07 7.39
CA VAL C 398 19.81 -12.69 6.02
C VAL C 398 18.53 -12.84 5.21
N PRO C 399 17.76 -11.77 5.04
CA PRO C 399 16.63 -11.85 4.11
C PRO C 399 17.13 -11.98 2.69
N LEU C 400 17.03 -13.17 2.13
CA LEU C 400 17.73 -13.47 0.89
C LEU C 400 16.78 -14.13 -0.08
N ALA C 401 17.20 -14.19 -1.34
CA ALA C 401 16.38 -14.83 -2.36
C ALA C 401 16.33 -16.33 -2.11
N PRO C 402 15.19 -16.97 -2.34
CA PRO C 402 15.07 -18.40 -2.10
C PRO C 402 15.92 -19.18 -3.08
N PRO C 403 16.07 -20.49 -2.87
CA PRO C 403 16.81 -21.31 -3.83
C PRO C 403 16.15 -21.29 -5.20
N ILE C 404 16.84 -21.89 -6.16
CA ILE C 404 16.47 -21.82 -7.56
C ILE C 404 15.77 -23.14 -7.89
N GLY C 405 14.45 -23.14 -7.72
CA GLY C 405 13.64 -24.29 -8.00
C GLY C 405 12.18 -24.01 -7.76
N PRO C 406 11.34 -25.04 -7.75
CA PRO C 406 11.71 -26.44 -7.98
C PRO C 406 11.56 -26.84 -9.43
N PHE C 407 12.22 -27.92 -9.83
CA PHE C 407 12.15 -28.43 -11.18
C PHE C 407 11.29 -29.68 -11.23
N LEU C 408 10.79 -29.99 -12.42
CA LEU C 408 10.04 -31.21 -12.61
C LEU C 408 10.98 -32.41 -12.49
N PRO C 409 10.45 -33.62 -12.41
CA PRO C 409 11.32 -34.80 -12.43
C PRO C 409 12.07 -34.91 -13.75
N GLY C 410 13.39 -34.82 -13.67
CA GLY C 410 14.23 -34.97 -14.85
C GLY C 410 14.45 -33.67 -15.60
N GLU C 411 14.75 -32.60 -14.86
CA GLU C 411 15.05 -31.30 -15.44
C GLU C 411 16.16 -30.67 -14.62
N VAL C 412 17.17 -30.15 -15.30
CA VAL C 412 18.36 -29.63 -14.63
C VAL C 412 18.62 -28.20 -15.10
N LEU C 413 19.08 -27.36 -14.18
CA LEU C 413 19.39 -25.97 -14.47
C LEU C 413 20.36 -25.86 -15.64
N LEU C 414 20.23 -24.76 -16.38
CA LEU C 414 21.11 -24.45 -17.50
C LEU C 414 21.97 -23.27 -17.12
N ARG C 415 23.28 -23.49 -16.94
CA ARG C 415 24.17 -22.55 -16.31
C ARG C 415 25.05 -21.84 -17.32
N PHE C 416 25.31 -20.55 -17.10
CA PHE C 416 26.12 -19.74 -17.98
C PHE C 416 27.52 -19.57 -17.37
N ARG C 417 28.35 -20.58 -17.57
CA ARG C 417 29.66 -20.63 -16.92
C ARG C 417 30.64 -19.63 -17.51
N THR C 418 31.27 -18.86 -16.63
CA THR C 418 32.45 -18.08 -16.93
C THR C 418 33.54 -18.48 -15.95
N TYR C 419 34.77 -18.04 -16.23
CA TYR C 419 35.94 -18.41 -15.46
C TYR C 419 36.55 -17.16 -14.84
N MET C 420 36.80 -17.22 -13.53
CA MET C 420 37.31 -16.08 -12.78
C MET C 420 38.80 -16.23 -12.52
N ARG C 421 39.44 -15.10 -12.26
CA ARG C 421 40.87 -15.07 -12.00
C ARG C 421 41.21 -15.79 -10.70
N GLN C 422 41.90 -16.92 -10.81
CA GLN C 422 42.19 -17.77 -9.66
C GLN C 422 43.62 -17.55 -9.20
N ILE C 423 43.80 -17.30 -7.91
CA ILE C 423 45.10 -17.41 -7.26
C ILE C 423 45.24 -18.83 -6.74
N ASP C 424 46.15 -19.60 -7.32
CA ASP C 424 46.29 -20.99 -6.96
C ASP C 424 47.73 -21.28 -6.57
N THR C 425 47.90 -22.36 -5.80
CA THR C 425 49.22 -22.81 -5.41
C THR C 425 49.37 -24.31 -5.57
N ALA C 426 48.39 -24.99 -6.16
CA ALA C 426 48.42 -26.44 -6.30
C ALA C 426 48.04 -26.95 -7.68
N ASP C 427 47.32 -26.17 -8.48
CA ASP C 427 46.90 -26.62 -9.81
C ASP C 427 46.69 -25.39 -10.69
N ALA C 428 46.23 -25.64 -11.92
CA ALA C 428 46.02 -24.57 -12.88
C ALA C 428 44.70 -24.66 -13.62
N ALA C 429 43.88 -25.67 -13.36
CA ALA C 429 42.61 -25.79 -14.05
C ALA C 429 41.70 -24.62 -13.68
N ALA C 430 41.12 -23.98 -14.69
CA ALA C 430 40.30 -22.80 -14.47
C ALA C 430 38.99 -23.19 -13.80
N GLU C 431 38.59 -22.41 -12.80
CA GLU C 431 37.35 -22.66 -12.07
C GLU C 431 36.20 -21.95 -12.74
N ALA C 432 35.00 -22.51 -12.59
CA ALA C 432 33.83 -22.05 -13.31
C ALA C 432 32.79 -21.55 -12.32
N ILE C 433 32.60 -20.24 -12.29
CA ILE C 433 31.41 -19.69 -11.66
C ILE C 433 30.33 -19.64 -12.73
N ASP C 434 29.08 -19.60 -12.31
CA ASP C 434 28.00 -19.62 -13.28
C ASP C 434 26.75 -19.01 -12.67
N CYS C 435 25.93 -18.43 -13.54
CA CYS C 435 24.67 -17.83 -13.17
C CYS C 435 23.57 -18.45 -14.01
N ALA C 436 22.35 -17.98 -13.79
CA ALA C 436 21.19 -18.47 -14.53
C ALA C 436 20.81 -17.58 -15.70
N LEU C 437 21.11 -16.29 -15.63
CA LEU C 437 20.79 -15.37 -16.71
C LEU C 437 21.92 -14.36 -16.91
N PRO C 438 22.51 -14.29 -18.09
CA PRO C 438 23.55 -13.29 -18.34
C PRO C 438 23.04 -11.87 -18.11
N GLN C 439 23.98 -10.97 -17.85
CA GLN C 439 23.62 -9.63 -17.42
C GLN C 439 22.93 -8.82 -18.49
N GLU C 440 22.74 -9.35 -19.70
CA GLU C 440 21.93 -8.65 -20.68
C GLU C 440 20.44 -8.92 -20.45
N PHE C 441 20.08 -10.14 -20.06
CA PHE C 441 18.68 -10.43 -19.80
C PHE C 441 18.21 -9.72 -18.53
N VAL C 442 19.08 -9.57 -17.55
CA VAL C 442 18.70 -8.88 -16.32
C VAL C 442 18.37 -7.43 -16.60
N SER C 443 19.00 -6.83 -17.60
CA SER C 443 18.66 -5.46 -17.93
C SER C 443 17.46 -5.39 -18.86
N TRP C 444 17.35 -6.34 -19.80
CA TRP C 444 16.21 -6.40 -20.69
C TRP C 444 14.91 -6.54 -19.92
N PHE C 445 14.83 -7.53 -19.03
CA PHE C 445 13.58 -7.80 -18.32
C PHE C 445 13.18 -6.65 -17.45
N ALA C 446 14.15 -5.92 -16.91
CA ALA C 446 13.83 -4.78 -16.06
C ALA C 446 13.40 -3.58 -16.88
N SER C 447 14.02 -3.37 -18.04
CA SER C 447 13.68 -2.22 -18.86
C SER C 447 12.35 -2.38 -19.56
N ASN C 448 11.92 -3.61 -19.82
CA ASN C 448 10.64 -3.80 -20.48
C ASN C 448 9.48 -3.94 -19.51
N ALA C 449 9.65 -4.71 -18.44
CA ALA C 449 8.61 -4.94 -17.44
C ALA C 449 7.37 -5.55 -18.10
N PHE C 450 7.54 -6.76 -18.61
CA PHE C 450 6.45 -7.46 -19.27
C PHE C 450 5.36 -7.83 -18.27
N THR C 451 4.32 -8.49 -18.78
CA THR C 451 3.22 -9.00 -17.99
C THR C 451 3.26 -10.51 -18.05
N VAL C 452 3.51 -11.15 -16.92
CA VAL C 452 3.58 -12.60 -16.88
C VAL C 452 2.19 -13.17 -17.11
N GLN C 453 2.06 -14.06 -18.09
CA GLN C 453 0.77 -14.65 -18.42
C GLN C 453 0.52 -15.92 -17.63
N SER C 454 1.36 -16.95 -17.78
CA SER C 454 1.08 -18.03 -16.84
C SER C 454 2.17 -18.41 -15.87
N GLU C 455 3.16 -19.20 -16.31
CA GLU C 455 4.06 -19.76 -15.31
C GLU C 455 5.48 -19.97 -15.81
N ALA C 456 5.63 -20.09 -17.13
CA ALA C 456 6.90 -20.47 -17.70
C ALA C 456 6.90 -20.20 -19.19
N LEU C 457 7.92 -19.52 -19.70
CA LEU C 457 8.04 -19.34 -21.13
C LEU C 457 8.45 -20.67 -21.76
N LEU C 458 8.65 -20.67 -23.07
CA LEU C 458 9.12 -21.86 -23.77
C LEU C 458 10.12 -21.38 -24.82
N LEU C 459 11.38 -21.28 -24.42
CA LEU C 459 12.40 -20.79 -25.32
C LEU C 459 12.72 -21.85 -26.37
N ARG C 460 13.58 -21.47 -27.32
CA ARG C 460 13.97 -22.37 -28.40
C ARG C 460 15.32 -21.90 -28.90
N TYR C 461 16.37 -22.62 -28.54
CA TYR C 461 17.72 -22.28 -28.96
C TYR C 461 17.90 -22.66 -30.42
N ARG C 462 18.21 -21.69 -31.28
CA ARG C 462 18.44 -21.98 -32.69
C ARG C 462 19.82 -21.46 -33.09
N ASN C 463 20.25 -21.88 -34.27
CA ASN C 463 21.50 -21.41 -34.86
C ASN C 463 21.17 -20.48 -36.02
N THR C 464 21.75 -19.28 -36.00
CA THR C 464 21.37 -18.26 -36.97
C THR C 464 21.92 -18.56 -38.36
N LEU C 465 23.10 -19.17 -38.42
CA LEU C 465 23.67 -19.51 -39.73
C LEU C 465 22.98 -20.71 -40.33
N THR C 466 23.03 -21.85 -39.64
CA THR C 466 22.44 -23.07 -40.18
C THR C 466 20.92 -22.96 -40.27
N GLY C 467 20.27 -22.80 -39.11
CA GLY C 467 18.82 -22.74 -39.06
C GLY C 467 18.20 -24.01 -38.54
N GLN C 468 18.83 -24.60 -37.52
CA GLN C 468 18.34 -25.84 -36.92
C GLN C 468 18.37 -25.70 -35.41
N LEU C 469 17.41 -26.34 -34.75
CA LEU C 469 17.30 -26.25 -33.30
C LEU C 469 18.49 -26.89 -32.61
N LEU C 470 18.76 -26.46 -31.40
CA LEU C 470 19.72 -27.09 -30.53
C LEU C 470 19.07 -27.74 -29.32
N PHE C 471 18.07 -27.10 -28.73
CA PHE C 471 17.26 -27.69 -27.68
C PHE C 471 16.06 -26.79 -27.44
N GLU C 472 15.10 -27.30 -26.68
CA GLU C 472 13.94 -26.55 -26.23
C GLU C 472 14.00 -26.48 -24.72
N CYS C 473 14.31 -25.32 -24.19
CA CYS C 473 14.41 -25.11 -22.76
C CYS C 473 13.16 -24.42 -22.26
N LYS C 474 13.14 -24.07 -20.97
CA LYS C 474 11.93 -23.52 -20.35
C LYS C 474 12.33 -22.45 -19.36
N LEU C 475 11.99 -21.19 -19.64
CA LEU C 475 12.33 -20.08 -18.76
C LEU C 475 11.20 -19.93 -17.76
N TYR C 476 11.47 -20.19 -16.49
CA TYR C 476 10.42 -20.02 -15.51
C TYR C 476 10.27 -18.56 -15.17
N ASN C 477 9.06 -18.18 -14.83
CA ASN C 477 8.81 -16.76 -14.60
C ASN C 477 9.43 -16.28 -13.34
N GLU C 478 10.29 -17.11 -12.75
CA GLU C 478 11.07 -16.74 -11.57
C GLU C 478 12.51 -16.42 -11.91
N GLY C 479 12.93 -16.61 -13.16
CA GLY C 479 14.21 -16.11 -13.61
C GLY C 479 15.32 -17.14 -13.67
N TYR C 480 15.03 -18.29 -14.25
CA TYR C 480 16.05 -19.32 -14.48
C TYR C 480 15.50 -20.28 -15.52
N ILE C 481 16.42 -20.95 -16.20
CA ILE C 481 16.08 -21.80 -17.34
C ILE C 481 16.26 -23.26 -16.93
N ALA C 482 15.29 -24.09 -17.28
CA ALA C 482 15.37 -25.52 -17.06
C ALA C 482 15.39 -26.25 -18.39
N LEU C 483 15.69 -27.54 -18.34
CA LEU C 483 15.97 -28.31 -19.54
C LEU C 483 15.87 -29.79 -19.20
N SER C 484 15.08 -30.54 -19.97
CA SER C 484 14.81 -31.94 -19.64
C SER C 484 15.95 -32.81 -20.12
N TYR C 485 16.87 -33.10 -19.22
CA TYR C 485 18.03 -33.94 -19.46
C TYR C 485 17.84 -35.30 -18.81
N SER C 486 18.24 -36.36 -19.50
CA SER C 486 18.13 -37.72 -19.00
C SER C 486 19.45 -38.27 -18.48
N GLY C 487 20.53 -38.10 -19.24
CA GLY C 487 21.82 -38.65 -18.88
C GLY C 487 22.43 -37.97 -17.65
N SER C 488 23.71 -38.29 -17.43
CA SER C 488 24.42 -37.84 -16.24
C SER C 488 25.70 -37.08 -16.51
N GLY C 489 26.27 -37.18 -17.71
CA GLY C 489 27.49 -36.48 -18.02
C GLY C 489 27.23 -35.04 -18.42
N PRO C 490 28.07 -34.12 -17.92
CA PRO C 490 27.95 -32.72 -18.34
C PRO C 490 27.97 -32.57 -19.86
N LEU C 491 26.85 -32.10 -20.40
CA LEU C 491 26.67 -31.94 -21.84
C LEU C 491 26.71 -30.46 -22.15
N THR C 492 27.74 -30.02 -22.87
CA THR C 492 27.96 -28.62 -23.20
C THR C 492 27.44 -28.33 -24.60
N PHE C 493 26.76 -27.19 -24.74
CA PHE C 493 26.13 -26.77 -25.98
C PHE C 493 26.98 -25.72 -26.70
N PRO C 494 26.76 -25.51 -27.99
CA PRO C 494 27.41 -24.39 -28.67
C PRO C 494 26.94 -23.08 -28.09
N THR C 495 27.80 -22.06 -28.19
CA THR C 495 27.47 -20.76 -27.65
C THR C 495 27.41 -19.71 -28.74
N ASP C 496 26.73 -20.04 -29.84
CA ASP C 496 26.64 -19.15 -30.98
C ASP C 496 25.22 -19.03 -31.52
N GLY C 497 24.21 -19.35 -30.73
CA GLY C 497 22.84 -19.36 -31.17
C GLY C 497 22.03 -18.18 -30.63
N ILE C 498 20.72 -18.32 -30.77
CA ILE C 498 19.79 -17.27 -30.38
C ILE C 498 18.62 -17.93 -29.64
N PHE C 499 18.22 -17.33 -28.53
CA PHE C 499 17.03 -17.75 -27.80
C PHE C 499 15.80 -17.12 -28.43
N GLU C 500 14.74 -17.91 -28.60
CA GLU C 500 13.52 -17.44 -29.26
C GLU C 500 12.33 -17.89 -28.44
N VAL C 501 11.55 -16.93 -27.96
CA VAL C 501 10.36 -17.26 -27.18
C VAL C 501 9.32 -17.86 -28.11
N VAL C 502 8.72 -18.97 -27.69
CA VAL C 502 7.68 -19.59 -28.48
C VAL C 502 6.31 -19.20 -27.93
N SER C 503 6.03 -19.55 -26.69
CA SER C 503 4.71 -19.31 -26.11
C SER C 503 4.80 -19.52 -24.61
N TRP C 504 3.69 -19.26 -23.93
CA TRP C 504 3.58 -19.54 -22.51
C TRP C 504 3.10 -20.97 -22.32
N VAL C 505 3.67 -21.64 -21.32
CA VAL C 505 3.30 -23.01 -21.04
C VAL C 505 2.93 -23.06 -19.55
N PRO C 506 2.30 -24.12 -19.08
CA PRO C 506 2.11 -24.28 -17.64
C PRO C 506 3.41 -24.78 -17.01
N ARG C 507 3.37 -24.99 -15.70
CA ARG C 507 4.52 -25.57 -15.02
C ARG C 507 4.73 -27.00 -15.47
N LEU C 508 3.67 -27.80 -15.48
CA LEU C 508 3.76 -29.23 -15.73
C LEU C 508 4.05 -29.56 -17.18
N TYR C 509 4.19 -28.58 -18.06
CA TYR C 509 4.52 -28.85 -19.45
C TYR C 509 5.84 -29.61 -19.51
N GLN C 510 5.80 -30.81 -20.10
CA GLN C 510 6.97 -31.67 -20.17
C GLN C 510 7.76 -31.39 -21.45
N LEU C 511 9.03 -31.08 -21.29
CA LEU C 511 9.86 -30.72 -22.43
C LEU C 511 10.15 -31.95 -23.28
N ALA C 512 10.95 -31.75 -24.32
CA ALA C 512 11.49 -32.83 -25.13
C ALA C 512 12.91 -33.12 -24.67
N SER C 513 13.23 -34.39 -24.48
CA SER C 513 14.51 -34.77 -23.91
C SER C 513 15.65 -34.37 -24.82
N VAL C 514 16.64 -33.69 -24.26
CA VAL C 514 17.79 -33.23 -25.03
C VAL C 514 18.79 -34.36 -25.17
C1 TCH D . 15.22 -31.01 10.81
C2 TCH D . 16.29 -31.49 9.77
C3 TCH D . 15.75 -32.02 8.58
O3 TCH D . 15.98 -33.48 8.54
C4 TCH D . 14.22 -31.77 8.40
C5 TCH D . 13.26 -32.05 9.75
C6 TCH D . 12.46 -33.21 9.53
C7 TCH D . 12.98 -34.66 10.37
O7 TCH D . 14.24 -35.21 9.63
C8 TCH D . 13.23 -34.47 11.43
C9 TCH D . 14.35 -33.40 11.52
C10 TCH D . 13.89 -31.98 10.91
C11 TCH D . 14.78 -33.18 12.93
C12 TCH D . 15.09 -34.27 13.49
O12 TCH D . 16.28 -34.93 12.59
C13 TCH D . 14.05 -35.16 13.47
C14 TCH D . 13.42 -35.36 11.97
C15 TCH D . 12.27 -36.56 12.20
C16 TCH D . 12.83 -37.55 13.38
C17 TCH D . 14.24 -36.74 14.05
C18 TCH D . 12.92 -34.58 14.38
C19 TCH D . 12.91 -31.30 11.94
O1S TCH D . 9.17 -36.48 22.51
C20 TCH D . 14.32 -36.75 15.35
C21 TCH D . 15.83 -37.13 15.77
C22 TCH D . 13.32 -37.85 16.05
C23 TCH D . 12.74 -37.24 17.36
C24 TCH D . 11.33 -36.69 16.99
N24 TCH D . 10.38 -36.16 18.01
O24 TCH D . 11.00 -36.70 15.86
C25 TCH D . 10.74 -36.13 19.44
C26 TCH D . 9.83 -35.12 20.17
S26 TCH D . 8.60 -36.00 21.20
O2S TCH D . 7.53 -35.06 21.68
O3S TCH D . 8.03 -37.14 20.39
C1 TCH E . -7.12 -34.30 38.42
C2 TCH E . -7.61 -34.43 39.92
C3 TCH E . -8.73 -33.62 40.14
O3 TCH E . -9.12 -33.74 41.56
C4 TCH E . -8.42 -32.14 39.84
C5 TCH E . -7.85 -31.93 38.26
C6 TCH E . -7.50 -30.56 38.10
C7 TCH E . -5.91 -30.15 38.73
O7 TCH E . -5.97 -30.19 40.29
C8 TCH E . -5.11 -30.83 38.36
C9 TCH E . -5.46 -32.33 38.57
C10 TCH E . -6.88 -32.74 37.94
C11 TCH E . -4.42 -33.21 37.99
C12 TCH E . -3.26 -32.93 38.42
O12 TCH E . -3.21 -33.33 40.00
C13 TCH E . -2.95 -31.59 38.32
C14 TCH E . -4.16 -30.59 38.74
C15 TCH E . -3.47 -29.08 38.54
C16 TCH E . -2.08 -29.23 39.35
C17 TCH E . -1.61 -30.92 39.12
C18 TCH E . -2.67 -31.34 36.80
C19 TCH E . -6.77 -32.74 36.37
O1S TCH E . 2.54 -29.79 32.88
C20 TCH E . -0.51 -30.99 38.43
C21 TCH E . 0.23 -32.40 38.65
C22 TCH E . 0.50 -29.80 38.93
C23 TCH E . 1.84 -30.00 38.19
C24 TCH E . 1.63 -29.43 36.75
N24 TCH E . 2.05 -30.21 35.56
O24 TCH E . 1.12 -28.38 36.62
C25 TCH E . 2.69 -31.54 35.71
C26 TCH E . 2.78 -32.16 34.30
S26 TCH E . 1.83 -31.09 33.15
O2S TCH E . 1.78 -31.70 31.77
O3S TCH E . 0.45 -30.83 33.69
C1 TCH F . 6.37 21.00 28.94
C2 TCH F . 6.75 20.02 30.11
C3 TCH F . 5.64 19.31 30.59
O3 TCH F . 6.05 18.57 31.81
C4 TCH F . 4.46 20.21 30.95
C5 TCH F . 4.10 21.40 29.82
C6 TCH F . 3.16 22.29 30.39
C7 TCH F . 3.89 23.44 31.51
O7 TCH F . 4.40 22.68 32.77
C8 TCH F . 4.73 24.01 31.04
C9 TCH F . 5.79 23.10 30.35
C10 TCH F . 5.16 22.03 29.34
C11 TCH F . 6.78 23.93 29.61
C12 TCH F . 7.31 24.84 30.33
O12 TCH F . 8.35 24.14 31.36
C13 TCH F . 6.41 25.57 31.08
C14 TCH F . 5.17 24.71 31.69
C15 TCH F . 4.29 25.88 32.51
C16 TCH F . 5.43 26.66 33.36
C17 TCH F . 6.90 26.51 32.39
C18 TCH F . 5.78 26.59 30.08
C19 TCH F . 4.73 22.77 28.02
O1S TCH F . 6.30 30.78 28.61
C20 TCH F . 7.33 27.67 32.04
C21 TCH F . 8.92 27.64 31.78
C22 TCH F . 7.02 28.77 33.21
C23 TCH F . 7.89 30.01 32.95
C24 TCH F . 6.98 31.06 32.24
N24 TCH F . 7.45 31.75 31.02
O24 TCH F . 5.90 31.28 32.67
C25 TCH F . 8.80 31.46 30.46
C26 TCH F . 8.78 31.95 29.00
S26 TCH F . 7.03 32.09 28.48
O2S TCH F . 6.24 32.95 29.44
O3S TCH F . 6.95 32.63 27.07
C1 TCH G . 5.70 53.86 12.63
C2 TCH G . 6.02 54.98 11.56
C3 TCH G . 5.52 54.66 10.30
O3 TCH G . 5.91 55.70 9.33
C4 TCH G . 6.10 53.30 9.83
C5 TCH G . 5.66 52.09 10.90
C6 TCH G . 6.15 50.85 10.40
C7 TCH G . 7.83 50.55 10.80
O7 TCH G . 8.73 51.54 9.98
C8 TCH G . 8.04 50.66 11.88
C9 TCH G . 7.57 52.05 12.41
C10 TCH G . 6.02 52.33 12.15
C11 TCH G . 7.84 52.16 13.89
C12 TCH G . 9.04 51.89 14.17
O12 TCH G . 9.98 52.98 13.41
C13 TCH G . 9.42 50.65 13.71
C14 TCH G . 9.02 50.41 12.14
C15 TCH G . 9.70 48.93 11.78
C16 TCH G . 11.17 48.97 12.47
C17 TCH G . 11.03 50.14 13.79
C18 TCH G . 8.64 49.61 14.57
C19 TCH G . 5.18 51.37 13.09
O1S TCH G . 9.91 41.14 19.12
C20 TCH G . 11.31 49.64 14.95
C21 TCH G . 12.25 50.68 15.76
C22 TCH G . 12.10 48.22 14.84
C23 TCH G . 11.36 47.18 15.70
C24 TCH G . 12.28 45.92 15.79
N24 TCH G . 11.84 44.70 16.50
O24 TCH G . 13.35 45.97 15.28
C25 TCH G . 10.50 44.63 17.15
C26 TCH G . 10.62 43.71 18.39
S26 TCH G . 9.69 42.18 18.04
O2S TCH G . 8.20 42.45 18.15
O3S TCH G . 10.11 41.64 16.70
C1 TCH H . 29.51 9.43 -3.96
C2 TCH H . 29.62 10.90 -3.41
C3 TCH H . 28.82 11.80 -4.14
O3 TCH H . 29.13 13.17 -3.68
C4 TCH H . 29.11 11.74 -5.66
C5 TCH H . 29.12 10.18 -6.27
C6 TCH H . 29.54 10.27 -7.63
C7 TCH H . 31.28 10.42 -7.80
O7 TCH H . 31.72 11.85 -7.36
C8 TCH H . 31.83 9.65 -7.24
C9 TCH H . 31.40 9.61 -5.74
C10 TCH H . 29.84 9.35 -5.56
C11 TCH H . 32.15 8.56 -5.00
C12 TCH H . 33.40 8.75 -5.12
O12 TCH H . 33.71 10.24 -4.53
C13 TCH H . 33.80 8.76 -6.43
C14 TCH H . 32.86 9.69 -7.39
C15 TCH H . 33.55 9.44 -8.89
C16 TCH H . 35.15 9.46 -8.63
C17 TCH H . 35.34 9.27 -6.89
C18 TCH H . 33.68 7.29 -6.95
C19 TCH H . 29.54 7.87 -6.02
O1S TCH H . 36.91 2.49 -12.30
C20 TCH H . 36.23 8.40 -6.55
C21 TCH H . 37.18 9.04 -5.42
C22 TCH H . 37.17 7.99 -7.84
C23 TCH H . 37.18 6.45 -7.97
C24 TCH H . 37.92 6.14 -9.31
N24 TCH H . 38.28 4.76 -9.68
O24 TCH H . 38.20 7.04 -10.03
C25 TCH H . 37.93 3.63 -8.78
C26 TCH H . 37.73 2.38 -9.66
S26 TCH H . 36.42 2.72 -10.89
O2S TCH H . 35.30 1.69 -10.78
O3S TCH H . 35.90 4.12 -10.71
C1 TCH I . 40.31 -19.34 -26.20
C2 TCH I . 40.64 -20.87 -26.36
C3 TCH I . 39.48 -21.62 -26.60
O3 TCH I . 39.84 -23.05 -26.63
C4 TCH I . 38.43 -21.41 -25.49
C5 TCH I . 38.10 -19.79 -25.20
C6 TCH I . 37.22 -19.73 -24.09
C7 TCH I . 38.03 -19.84 -22.54
O7 TCH I . 38.61 -21.27 -22.36
C8 TCH I . 38.84 -19.09 -22.44
C9 TCH I . 39.85 -19.18 -23.62
C10 TCH I . 39.16 -19.04 -25.05
C11 TCH I . 40.88 -18.09 -23.46
C12 TCH I . 41.42 -18.13 -22.31
O12 TCH I . 42.06 -19.62 -22.14
C13 TCH I . 40.50 -18.00 -21.30
C14 TCH I . 39.29 -19.07 -21.49
C15 TCH I . 38.43 -18.90 -20.07
C16 TCH I . 39.55 -18.88 -18.91
C17 TCH I . 40.97 -18.16 -19.67
C18 TCH I . 39.89 -16.57 -21.42
C19 TCH I . 38.73 -17.53 -25.25
O1S TCH I . 39.40 -10.07 -17.92
C20 TCH I . 41.27 -17.02 -19.12
C21 TCH I . 42.85 -16.75 -19.29
C22 TCH I . 40.93 -17.00 -17.52
C23 TCH I . 40.11 -15.72 -17.20
C24 TCH I . 41.07 -14.57 -16.73
N24 TCH I . 40.52 -13.25 -16.28
O24 TCH I . 42.24 -14.74 -16.72
C25 TCH I . 39.06 -12.98 -16.26
C26 TCH I . 38.83 -11.56 -15.68
S26 TCH I . 39.92 -10.36 -16.52
O2S TCH I . 39.85 -8.96 -15.95
O3S TCH I . 41.34 -10.87 -16.55
#